data_3IGT
# 
_entry.id   3IGT 
# 
_audit_conform.dict_name       mmcif_pdbx.dic 
_audit_conform.dict_version    5.387 
_audit_conform.dict_location   http://mmcif.pdb.org/dictionaries/ascii/mmcif_pdbx.dic 
# 
loop_
_database_2.database_id 
_database_2.database_code 
_database_2.pdbx_database_accession 
_database_2.pdbx_DOI 
PDB   3IGT         pdb_00003igt 10.2210/pdb3igt/pdb 
NDB   NA0108       ?            ?                   
RCSB  RCSB054392   ?            ?                   
WWPDB D_1000054392 ?            ?                   
# 
loop_
_pdbx_audit_revision_history.ordinal 
_pdbx_audit_revision_history.data_content_type 
_pdbx_audit_revision_history.major_revision 
_pdbx_audit_revision_history.minor_revision 
_pdbx_audit_revision_history.revision_date 
1 'Structure model' 1 0 2009-08-18 
2 'Structure model' 1 1 2011-07-13 
3 'Structure model' 1 2 2024-02-21 
# 
_pdbx_audit_revision_details.ordinal             1 
_pdbx_audit_revision_details.revision_ordinal    1 
_pdbx_audit_revision_details.data_content_type   'Structure model' 
_pdbx_audit_revision_details.provider            repository 
_pdbx_audit_revision_details.type                'Initial release' 
_pdbx_audit_revision_details.description         ? 
_pdbx_audit_revision_details.details             ? 
# 
loop_
_pdbx_audit_revision_group.ordinal 
_pdbx_audit_revision_group.revision_ordinal 
_pdbx_audit_revision_group.data_content_type 
_pdbx_audit_revision_group.group 
1 2 'Structure model' 'Version format compliance' 
2 3 'Structure model' 'Data collection'           
3 3 'Structure model' 'Database references'       
# 
loop_
_pdbx_audit_revision_category.ordinal 
_pdbx_audit_revision_category.revision_ordinal 
_pdbx_audit_revision_category.data_content_type 
_pdbx_audit_revision_category.category 
1 3 'Structure model' chem_comp_atom 
2 3 'Structure model' chem_comp_bond 
3 3 'Structure model' database_2     
# 
loop_
_pdbx_audit_revision_item.ordinal 
_pdbx_audit_revision_item.revision_ordinal 
_pdbx_audit_revision_item.data_content_type 
_pdbx_audit_revision_item.item 
1 3 'Structure model' '_database_2.pdbx_DOI'                
2 3 'Structure model' '_database_2.pdbx_database_accession' 
# 
_pdbx_database_status.status_code                     REL 
_pdbx_database_status.entry_id                        3IGT 
_pdbx_database_status.recvd_initial_deposition_date   2009-07-28 
_pdbx_database_status.deposit_site                    RCSB 
_pdbx_database_status.process_site                    RCSB 
_pdbx_database_status.status_code_sf                  REL 
_pdbx_database_status.status_code_mr                  ? 
_pdbx_database_status.SG_entry                        ? 
_pdbx_database_status.pdb_format_compatible           Y 
_pdbx_database_status.status_code_cs                  ? 
_pdbx_database_status.status_code_nmr_data            ? 
_pdbx_database_status.methods_development_category    ? 
# 
loop_
_audit_author.name 
_audit_author.pdbx_ordinal 
'Khuu, P.' 1 
'Ho, P.S.' 2 
# 
_citation.id                        primary 
_citation.title                     'A rare nucleotide base tautomer in the structure of an asymmetric DNA junction.' 
_citation.journal_abbrev            Biochemistry 
_citation.journal_volume            48 
_citation.page_first                7824 
_citation.page_last                 7832 
_citation.year                      2009 
_citation.journal_id_ASTM           BICHAW 
_citation.country                   US 
_citation.journal_id_ISSN           0006-2960 
_citation.journal_id_CSD            0033 
_citation.book_publisher            ? 
_citation.pdbx_database_id_PubMed   19580331 
_citation.pdbx_database_id_DOI      10.1021/bi900829b 
# 
loop_
_citation_author.citation_id 
_citation_author.name 
_citation_author.ordinal 
_citation_author.identifier_ORCID 
primary 'Khuu, P.' 1 ? 
primary 'Ho, P.S.' 2 ? 
# 
loop_
_entity.id 
_entity.type 
_entity.src_method 
_entity.pdbx_description 
_entity.formula_weight 
_entity.pdbx_number_of_molecules 
_entity.pdbx_ec 
_entity.pdbx_mutation 
_entity.pdbx_fragment 
_entity.details 
1 polymer syn "5'-D(*CP*CP*GP*AP*GP*TP*CP*CP*TP*A)-3'" 3004.980 1   ? ? ? 'DNA HOLLIDAY JUNCTION STRAND 1' 
2 polymer syn "5'-D(*CP*TP*CP*AP*AP*CP*TP*CP*GP*G)-3'" 3004.980 1   ? ? ? 'DNA HOLLIDAY JUNCTION STRAND 2' 
3 polymer syn "5'-D(*TP*CP*GP*GP*CP*CP*TP*GP*AP*G)-3'" 3061.003 1   ? ? ? 'DNA HOLLIDAY JUNCTION STRAND 3' 
4 polymer syn "5'-D(*TP*AP*GP*GP*GP*GP*CP*CP*GP*A)-3'" 3110.041 1   ? ? ? 'DNA HOLLIDAY JUNCTION STRAND 4' 
5 water   nat water                                    18.015   114 ? ? ? ?                                
# 
loop_
_entity_poly.entity_id 
_entity_poly.type 
_entity_poly.nstd_linkage 
_entity_poly.nstd_monomer 
_entity_poly.pdbx_seq_one_letter_code 
_entity_poly.pdbx_seq_one_letter_code_can 
_entity_poly.pdbx_strand_id 
_entity_poly.pdbx_target_identifier 
1 polydeoxyribonucleotide no no '(DC)(DC)(DG)(DA)(DG)(DT)(DC)(DC)(DT)(DA)' CCGAGTCCTA A ? 
2 polydeoxyribonucleotide no no '(DC)(DT)(DC)(DA)(DA)(DC)(DT)(DC)(DG)(DG)' CTCAACTCGG B ? 
3 polydeoxyribonucleotide no no '(DT)(DC)(DG)(DG)(DC)(DC)(DT)(DG)(DA)(DG)' TCGGCCTGAG C ? 
4 polydeoxyribonucleotide no no '(DT)(DA)(DG)(DG)(DG)(DG)(DC)(DC)(DG)(DA)' TAGGGGCCGA D ? 
# 
_pdbx_entity_nonpoly.entity_id   5 
_pdbx_entity_nonpoly.name        water 
_pdbx_entity_nonpoly.comp_id     HOH 
# 
loop_
_entity_poly_seq.entity_id 
_entity_poly_seq.num 
_entity_poly_seq.mon_id 
_entity_poly_seq.hetero 
1 1  DC n 
1 2  DC n 
1 3  DG n 
1 4  DA n 
1 5  DG n 
1 6  DT n 
1 7  DC n 
1 8  DC n 
1 9  DT n 
1 10 DA n 
2 1  DC n 
2 2  DT n 
2 3  DC n 
2 4  DA n 
2 5  DA n 
2 6  DC n 
2 7  DT n 
2 8  DC n 
2 9  DG n 
2 10 DG n 
3 1  DT n 
3 2  DC n 
3 3  DG n 
3 4  DG n 
3 5  DC n 
3 6  DC n 
3 7  DT n 
3 8  DG n 
3 9  DA n 
3 10 DG n 
4 1  DT n 
4 2  DA n 
4 3  DG n 
4 4  DG n 
4 5  DG n 
4 6  DG n 
4 7  DC n 
4 8  DC n 
4 9  DG n 
4 10 DA n 
# 
loop_
_chem_comp.id 
_chem_comp.type 
_chem_comp.mon_nstd_flag 
_chem_comp.name 
_chem_comp.pdbx_synonyms 
_chem_comp.formula 
_chem_comp.formula_weight 
DA  'DNA linking' y "2'-DEOXYADENOSINE-5'-MONOPHOSPHATE" ? 'C10 H14 N5 O6 P' 331.222 
DC  'DNA linking' y "2'-DEOXYCYTIDINE-5'-MONOPHOSPHATE"  ? 'C9 H14 N3 O7 P'  307.197 
DG  'DNA linking' y "2'-DEOXYGUANOSINE-5'-MONOPHOSPHATE" ? 'C10 H14 N5 O7 P' 347.221 
DT  'DNA linking' y "THYMIDINE-5'-MONOPHOSPHATE"         ? 'C10 H15 N2 O8 P' 322.208 
HOH non-polymer   . WATER                                ? 'H2 O'            18.015  
# 
loop_
_pdbx_poly_seq_scheme.asym_id 
_pdbx_poly_seq_scheme.entity_id 
_pdbx_poly_seq_scheme.seq_id 
_pdbx_poly_seq_scheme.mon_id 
_pdbx_poly_seq_scheme.ndb_seq_num 
_pdbx_poly_seq_scheme.pdb_seq_num 
_pdbx_poly_seq_scheme.auth_seq_num 
_pdbx_poly_seq_scheme.pdb_mon_id 
_pdbx_poly_seq_scheme.auth_mon_id 
_pdbx_poly_seq_scheme.pdb_strand_id 
_pdbx_poly_seq_scheme.pdb_ins_code 
_pdbx_poly_seq_scheme.hetero 
A 1 1  DC 1  1  1  DC DC A . n 
A 1 2  DC 2  2  2  DC DC A . n 
A 1 3  DG 3  3  3  DG DG A . n 
A 1 4  DA 4  4  4  DA DA A . n 
A 1 5  DG 5  5  5  DG DG A . n 
A 1 6  DT 6  6  6  DT DT A . n 
A 1 7  DC 7  7  7  DC DC A . n 
A 1 8  DC 8  8  8  DC DC A . n 
A 1 9  DT 9  9  9  DT DT A . n 
A 1 10 DA 10 10 10 DA DA A . n 
B 2 1  DC 1  11 11 DC DC B . n 
B 2 2  DT 2  12 12 DT DT B . n 
B 2 3  DC 3  13 13 DC DC B . n 
B 2 4  DA 4  14 14 DA DA B . n 
B 2 5  DA 5  15 15 DA DA B . n 
B 2 6  DC 6  16 16 DC DC B . n 
B 2 7  DT 7  17 17 DT DT B . n 
B 2 8  DC 8  18 18 DC DC B . n 
B 2 9  DG 9  19 19 DG DG B . n 
B 2 10 DG 10 20 20 DG DG B . n 
C 3 1  DT 1  21 21 DT DT C . n 
C 3 2  DC 2  22 22 DC DC C . n 
C 3 3  DG 3  23 23 DG DG C . n 
C 3 4  DG 4  24 24 DG DG C . n 
C 3 5  DC 5  25 25 DC DC C . n 
C 3 6  DC 6  26 26 DC DC C . n 
C 3 7  DT 7  27 27 DT DT C . n 
C 3 8  DG 8  28 28 DG DG C . n 
C 3 9  DA 9  29 29 DA DA C . n 
C 3 10 DG 10 30 30 DG DG C . n 
D 4 1  DT 1  31 31 DT DT D . n 
D 4 2  DA 2  32 32 DA DA D . n 
D 4 3  DG 3  33 33 DG DG D . n 
D 4 4  DG 4  34 34 DG DG D . n 
D 4 5  DG 5  35 35 DG DG D . n 
D 4 6  DG 6  36 36 DG DG D . n 
D 4 7  DC 7  37 37 DC DC D . n 
D 4 8  DC 8  38 38 DC DC D . n 
D 4 9  DG 9  39 39 DG DG D . n 
D 4 10 DA 10 40 40 DA DA D . n 
# 
loop_
_pdbx_nonpoly_scheme.asym_id 
_pdbx_nonpoly_scheme.entity_id 
_pdbx_nonpoly_scheme.mon_id 
_pdbx_nonpoly_scheme.ndb_seq_num 
_pdbx_nonpoly_scheme.pdb_seq_num 
_pdbx_nonpoly_scheme.auth_seq_num 
_pdbx_nonpoly_scheme.pdb_mon_id 
_pdbx_nonpoly_scheme.auth_mon_id 
_pdbx_nonpoly_scheme.pdb_strand_id 
_pdbx_nonpoly_scheme.pdb_ins_code 
E 5 HOH 1  41  41  HOH HOH A . 
E 5 HOH 2  46  46  HOH HOH A . 
E 5 HOH 3  48  48  HOH HOH A . 
E 5 HOH 4  50  50  HOH HOH A . 
E 5 HOH 5  52  52  HOH HOH A . 
E 5 HOH 6  53  53  HOH HOH A . 
E 5 HOH 7  54  54  HOH HOH A . 
E 5 HOH 8  55  55  HOH HOH A . 
E 5 HOH 9  56  56  HOH HOH A . 
E 5 HOH 10 60  60  HOH HOH A . 
E 5 HOH 11 61  61  HOH HOH A . 
E 5 HOH 12 62  62  HOH HOH A . 
E 5 HOH 13 63  63  HOH HOH A . 
E 5 HOH 14 65  65  HOH HOH A . 
E 5 HOH 15 66  66  HOH HOH A . 
E 5 HOH 16 70  70  HOH HOH A . 
E 5 HOH 17 77  77  HOH HOH A . 
E 5 HOH 18 80  80  HOH HOH A . 
E 5 HOH 19 87  87  HOH HOH A . 
E 5 HOH 20 88  88  HOH HOH A . 
E 5 HOH 21 94  94  HOH HOH A . 
E 5 HOH 22 96  96  HOH HOH A . 
E 5 HOH 23 98  98  HOH HOH A . 
E 5 HOH 24 103 103 HOH HOH A . 
E 5 HOH 25 104 104 HOH HOH A . 
E 5 HOH 26 115 115 HOH HOH A . 
E 5 HOH 27 116 116 HOH HOH A . 
E 5 HOH 28 117 117 HOH HOH A . 
E 5 HOH 29 118 118 HOH HOH A . 
E 5 HOH 30 133 133 HOH HOH A . 
E 5 HOH 31 136 136 HOH HOH A . 
E 5 HOH 32 138 138 HOH HOH A . 
E 5 HOH 33 139 139 HOH HOH A . 
E 5 HOH 34 140 140 HOH HOH A . 
E 5 HOH 35 146 146 HOH HOH A . 
E 5 HOH 36 149 149 HOH HOH A . 
F 5 HOH 1  47  47  HOH HOH B . 
F 5 HOH 2  58  58  HOH HOH B . 
F 5 HOH 3  64  64  HOH HOH B . 
F 5 HOH 4  69  69  HOH HOH B . 
F 5 HOH 5  75  75  HOH HOH B . 
F 5 HOH 6  76  76  HOH HOH B . 
F 5 HOH 7  78  78  HOH HOH B . 
F 5 HOH 8  79  79  HOH HOH B . 
F 5 HOH 9  81  81  HOH HOH B . 
F 5 HOH 10 84  84  HOH HOH B . 
F 5 HOH 11 85  85  HOH HOH B . 
F 5 HOH 12 86  86  HOH HOH B . 
F 5 HOH 13 89  89  HOH HOH B . 
F 5 HOH 14 91  91  HOH HOH B . 
F 5 HOH 15 100 100 HOH HOH B . 
F 5 HOH 16 105 105 HOH HOH B . 
F 5 HOH 17 110 110 HOH HOH B . 
F 5 HOH 18 112 112 HOH HOH B . 
F 5 HOH 19 114 114 HOH HOH B . 
F 5 HOH 20 120 120 HOH HOH B . 
F 5 HOH 21 122 122 HOH HOH B . 
F 5 HOH 22 123 123 HOH HOH B . 
F 5 HOH 23 127 127 HOH HOH B . 
F 5 HOH 24 129 129 HOH HOH B . 
F 5 HOH 25 142 142 HOH HOH B . 
F 5 HOH 26 143 143 HOH HOH B . 
F 5 HOH 27 144 144 HOH HOH B . 
F 5 HOH 28 152 152 HOH HOH B . 
G 5 HOH 1  43  43  HOH HOH C . 
G 5 HOH 2  44  44  HOH HOH C . 
G 5 HOH 3  49  49  HOH HOH C . 
G 5 HOH 4  51  51  HOH HOH C . 
G 5 HOH 5  57  57  HOH HOH C . 
G 5 HOH 6  59  59  HOH HOH C . 
G 5 HOH 7  71  71  HOH HOH C . 
G 5 HOH 8  73  73  HOH HOH C . 
G 5 HOH 9  83  83  HOH HOH C . 
G 5 HOH 10 90  90  HOH HOH C . 
G 5 HOH 11 107 107 HOH HOH C . 
G 5 HOH 12 119 119 HOH HOH C . 
G 5 HOH 13 121 121 HOH HOH C . 
G 5 HOH 14 131 131 HOH HOH C . 
G 5 HOH 15 132 132 HOH HOH C . 
G 5 HOH 16 134 134 HOH HOH C . 
G 5 HOH 17 141 141 HOH HOH C . 
G 5 HOH 18 145 145 HOH HOH C . 
G 5 HOH 19 147 147 HOH HOH C . 
G 5 HOH 20 148 148 HOH HOH C . 
G 5 HOH 21 151 151 HOH HOH C . 
G 5 HOH 22 153 153 HOH HOH C . 
G 5 HOH 23 154 154 HOH HOH C . 
H 5 HOH 1  42  42  HOH HOH D . 
H 5 HOH 2  45  45  HOH HOH D . 
H 5 HOH 3  67  67  HOH HOH D . 
H 5 HOH 4  68  68  HOH HOH D . 
H 5 HOH 5  72  72  HOH HOH D . 
H 5 HOH 6  74  74  HOH HOH D . 
H 5 HOH 7  82  82  HOH HOH D . 
H 5 HOH 8  92  92  HOH HOH D . 
H 5 HOH 9  93  93  HOH HOH D . 
H 5 HOH 10 95  95  HOH HOH D . 
H 5 HOH 11 97  97  HOH HOH D . 
H 5 HOH 12 99  99  HOH HOH D . 
H 5 HOH 13 101 101 HOH HOH D . 
H 5 HOH 14 102 102 HOH HOH D . 
H 5 HOH 15 106 106 HOH HOH D . 
H 5 HOH 16 108 108 HOH HOH D . 
H 5 HOH 17 109 109 HOH HOH D . 
H 5 HOH 18 111 111 HOH HOH D . 
H 5 HOH 19 113 113 HOH HOH D . 
H 5 HOH 20 124 124 HOH HOH D . 
H 5 HOH 21 125 125 HOH HOH D . 
H 5 HOH 22 126 126 HOH HOH D . 
H 5 HOH 23 128 128 HOH HOH D . 
H 5 HOH 24 130 130 HOH HOH D . 
H 5 HOH 25 135 135 HOH HOH D . 
H 5 HOH 26 137 137 HOH HOH D . 
H 5 HOH 27 150 150 HOH HOH D . 
# 
loop_
_software.name 
_software.classification 
_software.version 
_software.citation_id 
_software.pdbx_ordinal 
CNS      refinement       1.2 ? 1 
HKL-2000 'data reduction' .   ? 2 
SCALA    'data scaling'   .   ? 3 
# 
_cell.entry_id           3IGT 
_cell.length_a           22.344 
_cell.length_b           34.554 
_cell.length_c           37.631 
_cell.angle_alpha        109.92 
_cell.angle_beta         90.03 
_cell.angle_gamma        109.02 
_cell.Z_PDB              1 
_cell.pdbx_unique_axis   ? 
_cell.length_a_esd       ? 
_cell.length_b_esd       ? 
_cell.length_c_esd       ? 
_cell.angle_alpha_esd    ? 
_cell.angle_beta_esd     ? 
_cell.angle_gamma_esd    ? 
# 
_symmetry.entry_id                         3IGT 
_symmetry.space_group_name_H-M             'P 1' 
_symmetry.pdbx_full_space_group_name_H-M   ? 
_symmetry.cell_setting                     ? 
_symmetry.Int_Tables_number                1 
_symmetry.space_group_name_Hall            ? 
# 
_exptl.entry_id          3IGT 
_exptl.method            'X-RAY DIFFRACTION' 
_exptl.crystals_number   ? 
# 
_exptl_crystal.id                    1 
_exptl_crystal.density_meas          ? 
_exptl_crystal.density_Matthews      2.10 
_exptl_crystal.density_percent_sol   41.52 
_exptl_crystal.description           ? 
_exptl_crystal.F_000                 ? 
_exptl_crystal.preparation           ? 
# 
_exptl_crystal_grow.crystal_id      1 
_exptl_crystal_grow.method          'VAPOR DIFFUSION, SITTING DROP' 
_exptl_crystal_grow.temp            298 
_exptl_crystal_grow.temp_details    ? 
_exptl_crystal_grow.pH              7.0 
_exptl_crystal_grow.pdbx_details    
;0.8 mM DNA; 25 mM sodium cacodylate buffer; 100 mM calcium chloride; equilibrated against a reservoir of 35% aqueous 2-methyl-2,4-dimethylpentanediol, pH 7.0, VAPOR DIFFUSION, SITTING DROP, temperature 298K
;
_exptl_crystal_grow.pdbx_pH_range   ? 
# 
_diffrn.id                     1 
_diffrn.ambient_temp           ? 
_diffrn.ambient_temp_details   ? 
_diffrn.crystal_id             1 
# 
_diffrn_detector.diffrn_id              1 
_diffrn_detector.detector               'IMAGE PLATE' 
_diffrn_detector.type                   'RIGAKU RAXIS IV' 
_diffrn_detector.pdbx_collection_date   2005 
_diffrn_detector.details                ? 
# 
_diffrn_radiation.diffrn_id                        1 
_diffrn_radiation.wavelength_id                    1 
_diffrn_radiation.pdbx_monochromatic_or_laue_m_l   M 
_diffrn_radiation.monochromator                    MIRRORS 
_diffrn_radiation.pdbx_diffrn_protocol             'SINGLE WAVELENGTH' 
_diffrn_radiation.pdbx_scattering_type             x-ray 
# 
_diffrn_radiation_wavelength.id           1 
_diffrn_radiation_wavelength.wavelength   1.54 
_diffrn_radiation_wavelength.wt           1.0 
# 
_diffrn_source.diffrn_id                   1 
_diffrn_source.source                      'ROTATING ANODE' 
_diffrn_source.type                        'RIGAKU RU300' 
_diffrn_source.pdbx_synchrotron_site       ? 
_diffrn_source.pdbx_synchrotron_beamline   ? 
_diffrn_source.pdbx_wavelength             ? 
_diffrn_source.pdbx_wavelength_list        1.54 
# 
_reflns.entry_id                     3IGT 
_reflns.observed_criterion_sigma_I   ? 
_reflns.observed_criterion_sigma_F   ? 
_reflns.d_resolution_low             50 
_reflns.d_resolution_high            1.9 
_reflns.number_obs                   6797 
_reflns.number_all                   3048 
_reflns.percent_possible_obs         89.9 
_reflns.pdbx_Rmerge_I_obs            ? 
_reflns.pdbx_Rsym_value              0.068 
_reflns.pdbx_netI_over_sigmaI        15.5 
_reflns.B_iso_Wilson_estimate        10.3 
_reflns.pdbx_redundancy              ? 
_reflns.R_free_details               ? 
_reflns.limit_h_max                  ? 
_reflns.limit_h_min                  ? 
_reflns.limit_k_max                  ? 
_reflns.limit_k_min                  ? 
_reflns.limit_l_max                  ? 
_reflns.limit_l_min                  ? 
_reflns.observed_criterion_F_max     ? 
_reflns.observed_criterion_F_min     ? 
_reflns.pdbx_chi_squared             ? 
_reflns.pdbx_scaling_rejects         ? 
_reflns.pdbx_diffrn_id               1 
_reflns.pdbx_ordinal                 1 
# 
_reflns_shell.d_res_high             1.9 
_reflns_shell.d_res_low              2.02 
_reflns_shell.percent_possible_all   62.9 
_reflns_shell.Rmerge_I_obs           ? 
_reflns_shell.pdbx_Rsym_value        0.289 
_reflns_shell.meanI_over_sigI_obs    2.8 
_reflns_shell.pdbx_redundancy        ? 
_reflns_shell.percent_possible_obs   ? 
_reflns_shell.number_unique_all      719 
_reflns_shell.number_measured_all    ? 
_reflns_shell.number_measured_obs    ? 
_reflns_shell.number_unique_obs      ? 
_reflns_shell.pdbx_chi_squared       ? 
_reflns_shell.pdbx_diffrn_id         ? 
_reflns_shell.pdbx_ordinal           1 
# 
_refine.entry_id                                 3IGT 
_refine.ls_number_reflns_obs                     6797 
_refine.ls_number_reflns_all                     ? 
_refine.pdbx_ls_sigma_I                          ? 
_refine.pdbx_ls_sigma_F                          0.0 
_refine.pdbx_data_cutoff_high_absF               57338.16 
_refine.pdbx_data_cutoff_low_absF                0.000000 
_refine.pdbx_data_cutoff_high_rms_absF           ? 
_refine.ls_d_res_low                             8.0 
_refine.ls_d_res_high                            1.90 
_refine.ls_percent_reflns_obs                    86.8 
_refine.ls_R_factor_obs                          0.224 
_refine.ls_R_factor_all                          ? 
_refine.ls_R_factor_R_work                       0.224 
_refine.ls_R_factor_R_free                       0.265 
_refine.ls_R_factor_R_free_error                 0.010 
_refine.ls_R_factor_R_free_error_details         ? 
_refine.ls_percent_reflns_R_free                 10.9 
_refine.ls_number_reflns_R_free                  740 
_refine.ls_number_parameters                     ? 
_refine.ls_number_restraints                     ? 
_refine.occupancy_min                            ? 
_refine.occupancy_max                            ? 
_refine.correlation_coeff_Fo_to_Fc               ? 
_refine.correlation_coeff_Fo_to_Fc_free          ? 
_refine.B_iso_mean                               17.9 
_refine.aniso_B[1][1]                            3.73 
_refine.aniso_B[2][2]                            0.15 
_refine.aniso_B[3][3]                            -3.88 
_refine.aniso_B[1][2]                            0.12 
_refine.aniso_B[1][3]                            -0.11 
_refine.aniso_B[2][3]                            0.38 
_refine.solvent_model_details                    'FLAT MODEL' 
_refine.solvent_model_param_ksol                 0.35 
_refine.solvent_model_param_bsol                 71.3963 
_refine.pdbx_solvent_vdw_probe_radii             ? 
_refine.pdbx_solvent_ion_probe_radii             ? 
_refine.pdbx_solvent_shrinkage_radii             ? 
_refine.pdbx_ls_cross_valid_method               THROUGHOUT 
_refine.details                                  'BULK SOLVENT MODEL USED' 
_refine.pdbx_starting_model                      ? 
_refine.pdbx_method_to_determine_struct          'MOLECULAR REPLACEMENT' 
_refine.pdbx_isotropic_thermal_model             RESTRAINED 
_refine.pdbx_stereochemistry_target_values       ? 
_refine.pdbx_stereochem_target_val_spec_case     ? 
_refine.pdbx_R_Free_selection_details            RANDOM 
_refine.pdbx_overall_ESU_R                       ? 
_refine.pdbx_overall_ESU_R_Free                  ? 
_refine.overall_SU_ML                            ? 
_refine.overall_SU_B                             ? 
_refine.ls_redundancy_reflns_obs                 ? 
_refine.B_iso_min                                ? 
_refine.B_iso_max                                ? 
_refine.overall_SU_R_Cruickshank_DPI             ? 
_refine.overall_SU_R_free                        ? 
_refine.ls_wR_factor_R_free                      ? 
_refine.ls_wR_factor_R_work                      ? 
_refine.overall_FOM_free_R_set                   ? 
_refine.overall_FOM_work_R_set                   ? 
_refine.pdbx_overall_phase_error                 ? 
_refine.pdbx_refine_id                           'X-RAY DIFFRACTION' 
_refine.pdbx_diffrn_id                           1 
_refine.pdbx_TLS_residual_ADP_flag               ? 
_refine.pdbx_overall_SU_R_free_Cruickshank_DPI   ? 
_refine.pdbx_overall_SU_R_Blow_DPI               ? 
_refine.pdbx_overall_SU_R_free_Blow_DPI          ? 
# 
_refine_analyze.entry_id                        3IGT 
_refine_analyze.Luzzati_coordinate_error_obs    0.25 
_refine_analyze.Luzzati_sigma_a_obs             0.28 
_refine_analyze.Luzzati_d_res_low_obs           5.00 
_refine_analyze.Luzzati_coordinate_error_free   0.32 
_refine_analyze.Luzzati_sigma_a_free            0.43 
_refine_analyze.Luzzati_d_res_low_free          ? 
_refine_analyze.number_disordered_residues      ? 
_refine_analyze.occupancy_sum_hydrogen          ? 
_refine_analyze.occupancy_sum_non_hydrogen      ? 
_refine_analyze.pdbx_Luzzati_d_res_high_obs     ? 
_refine_analyze.pdbx_refine_id                  'X-RAY DIFFRACTION' 
# 
_refine_hist.pdbx_refine_id                   'X-RAY DIFFRACTION' 
_refine_hist.cycle_id                         LAST 
_refine_hist.pdbx_number_atoms_protein        0 
_refine_hist.pdbx_number_atoms_nucleic_acid   808 
_refine_hist.pdbx_number_atoms_ligand         0 
_refine_hist.number_atoms_solvent             114 
_refine_hist.number_atoms_total               922 
_refine_hist.d_res_high                       1.90 
_refine_hist.d_res_low                        8.0 
# 
loop_
_refine_ls_restr.type 
_refine_ls_restr.dev_ideal 
_refine_ls_restr.dev_ideal_target 
_refine_ls_restr.weight 
_refine_ls_restr.number 
_refine_ls_restr.pdbx_refine_id 
_refine_ls_restr.pdbx_restraint_function 
c_bond_d                0.004 ? ? ? 'X-RAY DIFFRACTION' ? 
c_bond_d_na             ?     ? ? ? 'X-RAY DIFFRACTION' ? 
c_bond_d_prot           ?     ? ? ? 'X-RAY DIFFRACTION' ? 
c_angle_d               ?     ? ? ? 'X-RAY DIFFRACTION' ? 
c_angle_d_na            ?     ? ? ? 'X-RAY DIFFRACTION' ? 
c_angle_d_prot          ?     ? ? ? 'X-RAY DIFFRACTION' ? 
c_angle_deg             0.8   ? ? ? 'X-RAY DIFFRACTION' ? 
c_angle_deg_na          ?     ? ? ? 'X-RAY DIFFRACTION' ? 
c_angle_deg_prot        ?     ? ? ? 'X-RAY DIFFRACTION' ? 
c_dihedral_angle_d      17.4  ? ? ? 'X-RAY DIFFRACTION' ? 
c_dihedral_angle_d_na   ?     ? ? ? 'X-RAY DIFFRACTION' ? 
c_dihedral_angle_d_prot ?     ? ? ? 'X-RAY DIFFRACTION' ? 
c_improper_angle_d      1.36  ? ? ? 'X-RAY DIFFRACTION' ? 
c_improper_angle_d_na   ?     ? ? ? 'X-RAY DIFFRACTION' ? 
c_improper_angle_d_prot ?     ? ? ? 'X-RAY DIFFRACTION' ? 
c_mcbond_it             ?     ? ? ? 'X-RAY DIFFRACTION' ? 
c_mcangle_it            ?     ? ? ? 'X-RAY DIFFRACTION' ? 
c_scbond_it             ?     ? ? ? 'X-RAY DIFFRACTION' ? 
c_scangle_it            ?     ? ? ? 'X-RAY DIFFRACTION' ? 
# 
_refine_ls_shell.pdbx_total_number_of_bins_used   6 
_refine_ls_shell.d_res_high                       1.90 
_refine_ls_shell.d_res_low                        2.02 
_refine_ls_shell.number_reflns_R_work             719 
_refine_ls_shell.R_factor_R_work                  0.341 
_refine_ls_shell.percent_reflns_obs               61.1 
_refine_ls_shell.R_factor_R_free                  0.404 
_refine_ls_shell.R_factor_R_free_error            0.043 
_refine_ls_shell.percent_reflns_R_free            11.1 
_refine_ls_shell.number_reflns_R_free             90 
_refine_ls_shell.number_reflns_all                ? 
_refine_ls_shell.R_factor_all                     ? 
_refine_ls_shell.number_reflns_obs                ? 
_refine_ls_shell.redundancy_reflns_obs            ? 
_refine_ls_shell.pdbx_refine_id                   'X-RAY DIFFRACTION' 
# 
loop_
_pdbx_xplor_file.serial_no 
_pdbx_xplor_file.param_file 
_pdbx_xplor_file.topol_file 
_pdbx_xplor_file.pdbx_refine_id 
1 dna-rna_rep.par        dna-rna.top 'X-RAY DIFFRACTION' 
2 ?                      ?           'X-RAY DIFFRACTION' 
3 &_1_PARAMETER_INFILE_3 ?           'X-RAY DIFFRACTION' 
# 
_struct_ncs_dom.id            1 
_struct_ncs_dom.details       ? 
_struct_ncs_dom.pdbx_ens_id   1 
# 
_struct_ncs_ens.id        1 
_struct_ncs_ens.details   ? 
# 
_struct.entry_id                  3IGT 
_struct.title                     'A rare nucleotide base tautomer in the structure of an asymmetric DNA junction' 
_struct.pdbx_model_details        ? 
_struct.pdbx_CASP_flag            ? 
_struct.pdbx_model_type_details   ? 
# 
_struct_keywords.entry_id        3IGT 
_struct_keywords.pdbx_keywords   DNA 
_struct_keywords.text            'DNA FOUR-STRANDED JUNCTION, DNA' 
# 
loop_
_struct_asym.id 
_struct_asym.pdbx_blank_PDB_chainid_flag 
_struct_asym.pdbx_modified 
_struct_asym.entity_id 
_struct_asym.details 
A N N 1 ? 
B N N 2 ? 
C N N 3 ? 
D N N 4 ? 
E N N 5 ? 
F N N 5 ? 
G N N 5 ? 
H N N 5 ? 
# 
loop_
_struct_ref.id 
_struct_ref.db_name 
_struct_ref.db_code 
_struct_ref.pdbx_db_accession 
_struct_ref.entity_id 
_struct_ref.pdbx_align_begin 
_struct_ref.pdbx_seq_one_letter_code 
_struct_ref.pdbx_db_isoform 
1 PDB 3IGT 3IGT 1 1 CCGAGTCCTA ? 
2 PDB 3IGT 3IGT 2 1 CTCAACTCGG ? 
3 PDB 3IGT 3IGT 3 1 TCGGCCTGAG ? 
4 PDB 3IGT 3IGT 4 1 TAGGGGCCGA ? 
# 
loop_
_struct_ref_seq.align_id 
_struct_ref_seq.ref_id 
_struct_ref_seq.pdbx_PDB_id_code 
_struct_ref_seq.pdbx_strand_id 
_struct_ref_seq.seq_align_beg 
_struct_ref_seq.pdbx_seq_align_beg_ins_code 
_struct_ref_seq.seq_align_end 
_struct_ref_seq.pdbx_seq_align_end_ins_code 
_struct_ref_seq.pdbx_db_accession 
_struct_ref_seq.db_align_beg 
_struct_ref_seq.pdbx_db_align_beg_ins_code 
_struct_ref_seq.db_align_end 
_struct_ref_seq.pdbx_db_align_end_ins_code 
_struct_ref_seq.pdbx_auth_seq_align_beg 
_struct_ref_seq.pdbx_auth_seq_align_end 
1 1 3IGT A 1 ? 10 ? 3IGT 1  ? 10 ? 1  10 
2 2 3IGT B 1 ? 10 ? 3IGT 11 ? 20 ? 11 20 
3 3 3IGT C 1 ? 10 ? 3IGT 21 ? 30 ? 21 30 
4 4 3IGT D 1 ? 10 ? 3IGT 31 ? 40 ? 31 40 
# 
_pdbx_struct_assembly.id                   1 
_pdbx_struct_assembly.details              author_and_software_defined_assembly 
_pdbx_struct_assembly.method_details       PISA 
_pdbx_struct_assembly.oligomeric_details   tetrameric 
_pdbx_struct_assembly.oligomeric_count     4 
# 
loop_
_pdbx_struct_assembly_prop.biol_id 
_pdbx_struct_assembly_prop.type 
_pdbx_struct_assembly_prop.value 
_pdbx_struct_assembly_prop.details 
1 'ABSA (A^2)' 2710 ? 
1 MORE         -13  ? 
1 'SSA (A^2)'  6930 ? 
# 
_pdbx_struct_assembly_gen.assembly_id       1 
_pdbx_struct_assembly_gen.oper_expression   1 
_pdbx_struct_assembly_gen.asym_id_list      A,B,C,D,E,F,G,H 
# 
_pdbx_struct_oper_list.id                   1 
_pdbx_struct_oper_list.type                 'identity operation' 
_pdbx_struct_oper_list.name                 1_555 
_pdbx_struct_oper_list.symmetry_operation   x,y,z 
_pdbx_struct_oper_list.matrix[1][1]         1.0000000000 
_pdbx_struct_oper_list.matrix[1][2]         0.0000000000 
_pdbx_struct_oper_list.matrix[1][3]         0.0000000000 
_pdbx_struct_oper_list.vector[1]            0.0000000000 
_pdbx_struct_oper_list.matrix[2][1]         0.0000000000 
_pdbx_struct_oper_list.matrix[2][2]         1.0000000000 
_pdbx_struct_oper_list.matrix[2][3]         0.0000000000 
_pdbx_struct_oper_list.vector[2]            0.0000000000 
_pdbx_struct_oper_list.matrix[3][1]         0.0000000000 
_pdbx_struct_oper_list.matrix[3][2]         0.0000000000 
_pdbx_struct_oper_list.matrix[3][3]         1.0000000000 
_pdbx_struct_oper_list.vector[3]            0.0000000000 
# 
_struct_biol.id        1 
_struct_biol.details   ? 
# 
loop_
_struct_conn.id 
_struct_conn.conn_type_id 
_struct_conn.pdbx_leaving_atom_flag 
_struct_conn.pdbx_PDB_id 
_struct_conn.ptnr1_label_asym_id 
_struct_conn.ptnr1_label_comp_id 
_struct_conn.ptnr1_label_seq_id 
_struct_conn.ptnr1_label_atom_id 
_struct_conn.pdbx_ptnr1_label_alt_id 
_struct_conn.pdbx_ptnr1_PDB_ins_code 
_struct_conn.pdbx_ptnr1_standard_comp_id 
_struct_conn.ptnr1_symmetry 
_struct_conn.ptnr2_label_asym_id 
_struct_conn.ptnr2_label_comp_id 
_struct_conn.ptnr2_label_seq_id 
_struct_conn.ptnr2_label_atom_id 
_struct_conn.pdbx_ptnr2_label_alt_id 
_struct_conn.pdbx_ptnr2_PDB_ins_code 
_struct_conn.ptnr1_auth_asym_id 
_struct_conn.ptnr1_auth_comp_id 
_struct_conn.ptnr1_auth_seq_id 
_struct_conn.ptnr2_auth_asym_id 
_struct_conn.ptnr2_auth_comp_id 
_struct_conn.ptnr2_auth_seq_id 
_struct_conn.ptnr2_symmetry 
_struct_conn.pdbx_ptnr3_label_atom_id 
_struct_conn.pdbx_ptnr3_label_seq_id 
_struct_conn.pdbx_ptnr3_label_comp_id 
_struct_conn.pdbx_ptnr3_label_asym_id 
_struct_conn.pdbx_ptnr3_label_alt_id 
_struct_conn.pdbx_ptnr3_PDB_ins_code 
_struct_conn.details 
_struct_conn.pdbx_dist_value 
_struct_conn.pdbx_value_order 
_struct_conn.pdbx_role 
hydrog1  hydrog ? ? A DC 1  N3 ? ? ? 1_555 B DG 10 N1 ? ? A DC 1  B DG 20 1_555 ? ? ? ? ? ? WATSON-CRICK ? ? ? 
hydrog2  hydrog ? ? A DC 1  N4 ? ? ? 1_555 B DG 10 O6 ? ? A DC 1  B DG 20 1_555 ? ? ? ? ? ? WATSON-CRICK ? ? ? 
hydrog3  hydrog ? ? A DC 1  O2 ? ? ? 1_555 B DG 10 N2 ? ? A DC 1  B DG 20 1_555 ? ? ? ? ? ? WATSON-CRICK ? ? ? 
hydrog4  hydrog ? ? A DC 2  N3 ? ? ? 1_555 B DG 9  N1 ? ? A DC 2  B DG 19 1_555 ? ? ? ? ? ? WATSON-CRICK ? ? ? 
hydrog5  hydrog ? ? A DC 2  N4 ? ? ? 1_555 B DG 9  O6 ? ? A DC 2  B DG 19 1_555 ? ? ? ? ? ? WATSON-CRICK ? ? ? 
hydrog6  hydrog ? ? A DC 2  O2 ? ? ? 1_555 B DG 9  N2 ? ? A DC 2  B DG 19 1_555 ? ? ? ? ? ? WATSON-CRICK ? ? ? 
hydrog7  hydrog ? ? A DG 3  N1 ? ? ? 1_555 B DC 8  N3 ? ? A DG 3  B DC 18 1_555 ? ? ? ? ? ? WATSON-CRICK ? ? ? 
hydrog8  hydrog ? ? A DG 3  N2 ? ? ? 1_555 B DC 8  O2 ? ? A DG 3  B DC 18 1_555 ? ? ? ? ? ? WATSON-CRICK ? ? ? 
hydrog9  hydrog ? ? A DG 3  O6 ? ? ? 1_555 B DC 8  N4 ? ? A DG 3  B DC 18 1_555 ? ? ? ? ? ? WATSON-CRICK ? ? ? 
hydrog10 hydrog ? ? A DA 4  N1 ? ? ? 1_555 B DT 7  N3 ? ? A DA 4  B DT 17 1_555 ? ? ? ? ? ? 'DA-DT PAIR' ? ? ? 
hydrog11 hydrog ? ? A DG 5  N1 ? ? ? 1_555 B DC 6  N3 ? ? A DG 5  B DC 16 1_555 ? ? ? ? ? ? WATSON-CRICK ? ? ? 
hydrog12 hydrog ? ? A DG 5  N2 ? ? ? 1_555 B DC 6  O2 ? ? A DG 5  B DC 16 1_555 ? ? ? ? ? ? WATSON-CRICK ? ? ? 
hydrog13 hydrog ? ? A DG 5  O6 ? ? ? 1_555 B DC 6  N4 ? ? A DG 5  B DC 16 1_555 ? ? ? ? ? ? WATSON-CRICK ? ? ? 
hydrog14 hydrog ? ? A DT 6  N3 ? ? ? 1_555 B DA 5  N1 ? ? A DT 6  B DA 15 1_555 ? ? ? ? ? ? WATSON-CRICK ? ? ? 
hydrog15 hydrog ? ? A DT 6  O4 ? ? ? 1_555 B DA 5  N6 ? ? A DT 6  B DA 15 1_555 ? ? ? ? ? ? WATSON-CRICK ? ? ? 
hydrog16 hydrog ? ? A DC 7  O2 ? ? ? 1_555 D DG 4  N2 ? ? A DC 7  D DG 34 1_555 ? ? ? ? ? ? 'DC-DG PAIR' ? ? ? 
hydrog17 hydrog ? ? A DC 8  N3 ? ? ? 1_555 D DG 3  N1 ? ? A DC 8  D DG 33 1_555 ? ? ? ? ? ? WATSON-CRICK ? ? ? 
hydrog18 hydrog ? ? A DC 8  N4 ? ? ? 1_555 D DG 3  O6 ? ? A DC 8  D DG 33 1_555 ? ? ? ? ? ? WATSON-CRICK ? ? ? 
hydrog19 hydrog ? ? A DC 8  O2 ? ? ? 1_555 D DG 3  N2 ? ? A DC 8  D DG 33 1_555 ? ? ? ? ? ? WATSON-CRICK ? ? ? 
hydrog20 hydrog ? ? A DT 9  N3 ? ? ? 1_555 D DA 2  N1 ? ? A DT 9  D DA 32 1_555 ? ? ? ? ? ? WATSON-CRICK ? ? ? 
hydrog21 hydrog ? ? A DT 9  O4 ? ? ? 1_555 D DA 2  N6 ? ? A DT 9  D DA 32 1_555 ? ? ? ? ? ? WATSON-CRICK ? ? ? 
hydrog22 hydrog ? ? A DA 10 N1 ? ? ? 1_555 D DT 1  N3 ? ? A DA 10 D DT 31 1_555 ? ? ? ? ? ? 'DA-DT PAIR' ? ? ? 
hydrog23 hydrog ? ? B DC 1  N3 ? ? ? 1_555 C DG 10 N1 ? ? B DC 11 C DG 30 1_555 ? ? ? ? ? ? WATSON-CRICK ? ? ? 
hydrog24 hydrog ? ? B DC 1  N4 ? ? ? 1_555 C DG 10 O6 ? ? B DC 11 C DG 30 1_555 ? ? ? ? ? ? WATSON-CRICK ? ? ? 
hydrog25 hydrog ? ? B DC 1  O2 ? ? ? 1_555 C DG 10 N2 ? ? B DC 11 C DG 30 1_555 ? ? ? ? ? ? WATSON-CRICK ? ? ? 
hydrog26 hydrog ? ? B DT 2  N3 ? ? ? 1_555 C DA 9  N1 ? ? B DT 12 C DA 29 1_555 ? ? ? ? ? ? 'DT-DA PAIR' ? ? ? 
hydrog27 hydrog ? ? B DC 3  N3 ? ? ? 1_555 C DG 8  N1 ? ? B DC 13 C DG 28 1_555 ? ? ? ? ? ? WATSON-CRICK ? ? ? 
hydrog28 hydrog ? ? B DC 3  N4 ? ? ? 1_555 C DG 8  O6 ? ? B DC 13 C DG 28 1_555 ? ? ? ? ? ? WATSON-CRICK ? ? ? 
hydrog29 hydrog ? ? B DC 3  O2 ? ? ? 1_555 C DG 8  N2 ? ? B DC 13 C DG 28 1_555 ? ? ? ? ? ? WATSON-CRICK ? ? ? 
hydrog30 hydrog ? ? B DA 4  N1 ? ? ? 1_555 C DT 7  N3 ? ? B DA 14 C DT 27 1_555 ? ? ? ? ? ? WATSON-CRICK ? ? ? 
hydrog31 hydrog ? ? B DA 4  N6 ? ? ? 1_555 C DT 7  O4 ? ? B DA 14 C DT 27 1_555 ? ? ? ? ? ? WATSON-CRICK ? ? ? 
hydrog32 hydrog ? ? C DT 1  N3 ? ? ? 1_555 D DA 10 N1 ? ? C DT 21 D DA 40 1_555 ? ? ? ? ? ? WATSON-CRICK ? ? ? 
hydrog33 hydrog ? ? C DT 1  O4 ? ? ? 1_555 D DA 10 N6 ? ? C DT 21 D DA 40 1_555 ? ? ? ? ? ? WATSON-CRICK ? ? ? 
hydrog34 hydrog ? ? C DC 2  N3 ? ? ? 1_555 D DG 9  N1 ? ? C DC 22 D DG 39 1_555 ? ? ? ? ? ? WATSON-CRICK ? ? ? 
hydrog35 hydrog ? ? C DC 2  N4 ? ? ? 1_555 D DG 9  O6 ? ? C DC 22 D DG 39 1_555 ? ? ? ? ? ? WATSON-CRICK ? ? ? 
hydrog36 hydrog ? ? C DC 2  O2 ? ? ? 1_555 D DG 9  N2 ? ? C DC 22 D DG 39 1_555 ? ? ? ? ? ? WATSON-CRICK ? ? ? 
hydrog37 hydrog ? ? C DG 3  N1 ? ? ? 1_555 D DC 8  N3 ? ? C DG 23 D DC 38 1_555 ? ? ? ? ? ? WATSON-CRICK ? ? ? 
hydrog38 hydrog ? ? C DG 3  N2 ? ? ? 1_555 D DC 8  O2 ? ? C DG 23 D DC 38 1_555 ? ? ? ? ? ? WATSON-CRICK ? ? ? 
hydrog39 hydrog ? ? C DG 3  O6 ? ? ? 1_555 D DC 8  N4 ? ? C DG 23 D DC 38 1_555 ? ? ? ? ? ? WATSON-CRICK ? ? ? 
hydrog40 hydrog ? ? C DG 4  N2 ? ? ? 1_555 D DC 7  N3 ? ? C DG 24 D DC 37 1_555 ? ? ? ? ? ? 'DG-DC PAIR' ? ? ? 
hydrog41 hydrog ? ? C DC 5  N3 ? ? ? 1_555 D DG 6  N1 ? ? C DC 25 D DG 36 1_555 ? ? ? ? ? ? WATSON-CRICK ? ? ? 
hydrog42 hydrog ? ? C DC 5  N4 ? ? ? 1_555 D DG 6  O6 ? ? C DC 25 D DG 36 1_555 ? ? ? ? ? ? WATSON-CRICK ? ? ? 
hydrog43 hydrog ? ? C DC 5  O2 ? ? ? 1_555 D DG 6  N2 ? ? C DC 25 D DG 36 1_555 ? ? ? ? ? ? WATSON-CRICK ? ? ? 
hydrog44 hydrog ? ? C DC 6  N3 ? ? ? 1_555 D DG 5  N1 ? ? C DC 26 D DG 35 1_555 ? ? ? ? ? ? WATSON-CRICK ? ? ? 
hydrog45 hydrog ? ? C DC 6  N4 ? ? ? 1_555 D DG 5  O6 ? ? C DC 26 D DG 35 1_555 ? ? ? ? ? ? WATSON-CRICK ? ? ? 
hydrog46 hydrog ? ? C DC 6  O2 ? ? ? 1_555 D DG 5  N2 ? ? C DC 26 D DG 35 1_555 ? ? ? ? ? ? WATSON-CRICK ? ? ? 
# 
_struct_conn_type.id          hydrog 
_struct_conn_type.criteria    ? 
_struct_conn_type.reference   ? 
# 
_pdbx_validate_planes.id              1 
_pdbx_validate_planes.PDB_model_num   1 
_pdbx_validate_planes.auth_comp_id    DG 
_pdbx_validate_planes.auth_asym_id    B 
_pdbx_validate_planes.auth_seq_id     19 
_pdbx_validate_planes.PDB_ins_code    ? 
_pdbx_validate_planes.label_alt_id    ? 
_pdbx_validate_planes.rmsd            0.090 
_pdbx_validate_planes.type            'SIDE CHAIN' 
# 
loop_
_chem_comp_atom.comp_id 
_chem_comp_atom.atom_id 
_chem_comp_atom.type_symbol 
_chem_comp_atom.pdbx_aromatic_flag 
_chem_comp_atom.pdbx_stereo_config 
_chem_comp_atom.pdbx_ordinal 
DA  OP3    O N N 1   
DA  P      P N N 2   
DA  OP1    O N N 3   
DA  OP2    O N N 4   
DA  "O5'"  O N N 5   
DA  "C5'"  C N N 6   
DA  "C4'"  C N R 7   
DA  "O4'"  O N N 8   
DA  "C3'"  C N S 9   
DA  "O3'"  O N N 10  
DA  "C2'"  C N N 11  
DA  "C1'"  C N R 12  
DA  N9     N Y N 13  
DA  C8     C Y N 14  
DA  N7     N Y N 15  
DA  C5     C Y N 16  
DA  C6     C Y N 17  
DA  N6     N N N 18  
DA  N1     N Y N 19  
DA  C2     C Y N 20  
DA  N3     N Y N 21  
DA  C4     C Y N 22  
DA  HOP3   H N N 23  
DA  HOP2   H N N 24  
DA  "H5'"  H N N 25  
DA  "H5''" H N N 26  
DA  "H4'"  H N N 27  
DA  "H3'"  H N N 28  
DA  "HO3'" H N N 29  
DA  "H2'"  H N N 30  
DA  "H2''" H N N 31  
DA  "H1'"  H N N 32  
DA  H8     H N N 33  
DA  H61    H N N 34  
DA  H62    H N N 35  
DA  H2     H N N 36  
DC  OP3    O N N 37  
DC  P      P N N 38  
DC  OP1    O N N 39  
DC  OP2    O N N 40  
DC  "O5'"  O N N 41  
DC  "C5'"  C N N 42  
DC  "C4'"  C N R 43  
DC  "O4'"  O N N 44  
DC  "C3'"  C N S 45  
DC  "O3'"  O N N 46  
DC  "C2'"  C N N 47  
DC  "C1'"  C N R 48  
DC  N1     N N N 49  
DC  C2     C N N 50  
DC  O2     O N N 51  
DC  N3     N N N 52  
DC  C4     C N N 53  
DC  N4     N N N 54  
DC  C5     C N N 55  
DC  C6     C N N 56  
DC  HOP3   H N N 57  
DC  HOP2   H N N 58  
DC  "H5'"  H N N 59  
DC  "H5''" H N N 60  
DC  "H4'"  H N N 61  
DC  "H3'"  H N N 62  
DC  "HO3'" H N N 63  
DC  "H2'"  H N N 64  
DC  "H2''" H N N 65  
DC  "H1'"  H N N 66  
DC  H41    H N N 67  
DC  H42    H N N 68  
DC  H5     H N N 69  
DC  H6     H N N 70  
DG  OP3    O N N 71  
DG  P      P N N 72  
DG  OP1    O N N 73  
DG  OP2    O N N 74  
DG  "O5'"  O N N 75  
DG  "C5'"  C N N 76  
DG  "C4'"  C N R 77  
DG  "O4'"  O N N 78  
DG  "C3'"  C N S 79  
DG  "O3'"  O N N 80  
DG  "C2'"  C N N 81  
DG  "C1'"  C N R 82  
DG  N9     N Y N 83  
DG  C8     C Y N 84  
DG  N7     N Y N 85  
DG  C5     C Y N 86  
DG  C6     C N N 87  
DG  O6     O N N 88  
DG  N1     N N N 89  
DG  C2     C N N 90  
DG  N2     N N N 91  
DG  N3     N N N 92  
DG  C4     C Y N 93  
DG  HOP3   H N N 94  
DG  HOP2   H N N 95  
DG  "H5'"  H N N 96  
DG  "H5''" H N N 97  
DG  "H4'"  H N N 98  
DG  "H3'"  H N N 99  
DG  "HO3'" H N N 100 
DG  "H2'"  H N N 101 
DG  "H2''" H N N 102 
DG  "H1'"  H N N 103 
DG  H8     H N N 104 
DG  H1     H N N 105 
DG  H21    H N N 106 
DG  H22    H N N 107 
DT  OP3    O N N 108 
DT  P      P N N 109 
DT  OP1    O N N 110 
DT  OP2    O N N 111 
DT  "O5'"  O N N 112 
DT  "C5'"  C N N 113 
DT  "C4'"  C N R 114 
DT  "O4'"  O N N 115 
DT  "C3'"  C N S 116 
DT  "O3'"  O N N 117 
DT  "C2'"  C N N 118 
DT  "C1'"  C N R 119 
DT  N1     N N N 120 
DT  C2     C N N 121 
DT  O2     O N N 122 
DT  N3     N N N 123 
DT  C4     C N N 124 
DT  O4     O N N 125 
DT  C5     C N N 126 
DT  C7     C N N 127 
DT  C6     C N N 128 
DT  HOP3   H N N 129 
DT  HOP2   H N N 130 
DT  "H5'"  H N N 131 
DT  "H5''" H N N 132 
DT  "H4'"  H N N 133 
DT  "H3'"  H N N 134 
DT  "HO3'" H N N 135 
DT  "H2'"  H N N 136 
DT  "H2''" H N N 137 
DT  "H1'"  H N N 138 
DT  H3     H N N 139 
DT  H71    H N N 140 
DT  H72    H N N 141 
DT  H73    H N N 142 
DT  H6     H N N 143 
HOH O      O N N 144 
HOH H1     H N N 145 
HOH H2     H N N 146 
# 
loop_
_chem_comp_bond.comp_id 
_chem_comp_bond.atom_id_1 
_chem_comp_bond.atom_id_2 
_chem_comp_bond.value_order 
_chem_comp_bond.pdbx_aromatic_flag 
_chem_comp_bond.pdbx_stereo_config 
_chem_comp_bond.pdbx_ordinal 
DA  OP3   P      sing N N 1   
DA  OP3   HOP3   sing N N 2   
DA  P     OP1    doub N N 3   
DA  P     OP2    sing N N 4   
DA  P     "O5'"  sing N N 5   
DA  OP2   HOP2   sing N N 6   
DA  "O5'" "C5'"  sing N N 7   
DA  "C5'" "C4'"  sing N N 8   
DA  "C5'" "H5'"  sing N N 9   
DA  "C5'" "H5''" sing N N 10  
DA  "C4'" "O4'"  sing N N 11  
DA  "C4'" "C3'"  sing N N 12  
DA  "C4'" "H4'"  sing N N 13  
DA  "O4'" "C1'"  sing N N 14  
DA  "C3'" "O3'"  sing N N 15  
DA  "C3'" "C2'"  sing N N 16  
DA  "C3'" "H3'"  sing N N 17  
DA  "O3'" "HO3'" sing N N 18  
DA  "C2'" "C1'"  sing N N 19  
DA  "C2'" "H2'"  sing N N 20  
DA  "C2'" "H2''" sing N N 21  
DA  "C1'" N9     sing N N 22  
DA  "C1'" "H1'"  sing N N 23  
DA  N9    C8     sing Y N 24  
DA  N9    C4     sing Y N 25  
DA  C8    N7     doub Y N 26  
DA  C8    H8     sing N N 27  
DA  N7    C5     sing Y N 28  
DA  C5    C6     sing Y N 29  
DA  C5    C4     doub Y N 30  
DA  C6    N6     sing N N 31  
DA  C6    N1     doub Y N 32  
DA  N6    H61    sing N N 33  
DA  N6    H62    sing N N 34  
DA  N1    C2     sing Y N 35  
DA  C2    N3     doub Y N 36  
DA  C2    H2     sing N N 37  
DA  N3    C4     sing Y N 38  
DC  OP3   P      sing N N 39  
DC  OP3   HOP3   sing N N 40  
DC  P     OP1    doub N N 41  
DC  P     OP2    sing N N 42  
DC  P     "O5'"  sing N N 43  
DC  OP2   HOP2   sing N N 44  
DC  "O5'" "C5'"  sing N N 45  
DC  "C5'" "C4'"  sing N N 46  
DC  "C5'" "H5'"  sing N N 47  
DC  "C5'" "H5''" sing N N 48  
DC  "C4'" "O4'"  sing N N 49  
DC  "C4'" "C3'"  sing N N 50  
DC  "C4'" "H4'"  sing N N 51  
DC  "O4'" "C1'"  sing N N 52  
DC  "C3'" "O3'"  sing N N 53  
DC  "C3'" "C2'"  sing N N 54  
DC  "C3'" "H3'"  sing N N 55  
DC  "O3'" "HO3'" sing N N 56  
DC  "C2'" "C1'"  sing N N 57  
DC  "C2'" "H2'"  sing N N 58  
DC  "C2'" "H2''" sing N N 59  
DC  "C1'" N1     sing N N 60  
DC  "C1'" "H1'"  sing N N 61  
DC  N1    C2     sing N N 62  
DC  N1    C6     sing N N 63  
DC  C2    O2     doub N N 64  
DC  C2    N3     sing N N 65  
DC  N3    C4     doub N N 66  
DC  C4    N4     sing N N 67  
DC  C4    C5     sing N N 68  
DC  N4    H41    sing N N 69  
DC  N4    H42    sing N N 70  
DC  C5    C6     doub N N 71  
DC  C5    H5     sing N N 72  
DC  C6    H6     sing N N 73  
DG  OP3   P      sing N N 74  
DG  OP3   HOP3   sing N N 75  
DG  P     OP1    doub N N 76  
DG  P     OP2    sing N N 77  
DG  P     "O5'"  sing N N 78  
DG  OP2   HOP2   sing N N 79  
DG  "O5'" "C5'"  sing N N 80  
DG  "C5'" "C4'"  sing N N 81  
DG  "C5'" "H5'"  sing N N 82  
DG  "C5'" "H5''" sing N N 83  
DG  "C4'" "O4'"  sing N N 84  
DG  "C4'" "C3'"  sing N N 85  
DG  "C4'" "H4'"  sing N N 86  
DG  "O4'" "C1'"  sing N N 87  
DG  "C3'" "O3'"  sing N N 88  
DG  "C3'" "C2'"  sing N N 89  
DG  "C3'" "H3'"  sing N N 90  
DG  "O3'" "HO3'" sing N N 91  
DG  "C2'" "C1'"  sing N N 92  
DG  "C2'" "H2'"  sing N N 93  
DG  "C2'" "H2''" sing N N 94  
DG  "C1'" N9     sing N N 95  
DG  "C1'" "H1'"  sing N N 96  
DG  N9    C8     sing Y N 97  
DG  N9    C4     sing Y N 98  
DG  C8    N7     doub Y N 99  
DG  C8    H8     sing N N 100 
DG  N7    C5     sing Y N 101 
DG  C5    C6     sing N N 102 
DG  C5    C4     doub Y N 103 
DG  C6    O6     doub N N 104 
DG  C6    N1     sing N N 105 
DG  N1    C2     sing N N 106 
DG  N1    H1     sing N N 107 
DG  C2    N2     sing N N 108 
DG  C2    N3     doub N N 109 
DG  N2    H21    sing N N 110 
DG  N2    H22    sing N N 111 
DG  N3    C4     sing N N 112 
DT  OP3   P      sing N N 113 
DT  OP3   HOP3   sing N N 114 
DT  P     OP1    doub N N 115 
DT  P     OP2    sing N N 116 
DT  P     "O5'"  sing N N 117 
DT  OP2   HOP2   sing N N 118 
DT  "O5'" "C5'"  sing N N 119 
DT  "C5'" "C4'"  sing N N 120 
DT  "C5'" "H5'"  sing N N 121 
DT  "C5'" "H5''" sing N N 122 
DT  "C4'" "O4'"  sing N N 123 
DT  "C4'" "C3'"  sing N N 124 
DT  "C4'" "H4'"  sing N N 125 
DT  "O4'" "C1'"  sing N N 126 
DT  "C3'" "O3'"  sing N N 127 
DT  "C3'" "C2'"  sing N N 128 
DT  "C3'" "H3'"  sing N N 129 
DT  "O3'" "HO3'" sing N N 130 
DT  "C2'" "C1'"  sing N N 131 
DT  "C2'" "H2'"  sing N N 132 
DT  "C2'" "H2''" sing N N 133 
DT  "C1'" N1     sing N N 134 
DT  "C1'" "H1'"  sing N N 135 
DT  N1    C2     sing N N 136 
DT  N1    C6     sing N N 137 
DT  C2    O2     doub N N 138 
DT  C2    N3     sing N N 139 
DT  N3    C4     sing N N 140 
DT  N3    H3     sing N N 141 
DT  C4    O4     doub N N 142 
DT  C4    C5     sing N N 143 
DT  C5    C7     sing N N 144 
DT  C5    C6     doub N N 145 
DT  C7    H71    sing N N 146 
DT  C7    H72    sing N N 147 
DT  C7    H73    sing N N 148 
DT  C6    H6     sing N N 149 
HOH O     H1     sing N N 150 
HOH O     H2     sing N N 151 
# 
_ndb_struct_conf_na.entry_id   3IGT 
_ndb_struct_conf_na.feature    'b-form double helix' 
# 
loop_
_ndb_struct_na_base_pair.model_number 
_ndb_struct_na_base_pair.i_label_asym_id 
_ndb_struct_na_base_pair.i_label_comp_id 
_ndb_struct_na_base_pair.i_label_seq_id 
_ndb_struct_na_base_pair.i_symmetry 
_ndb_struct_na_base_pair.j_label_asym_id 
_ndb_struct_na_base_pair.j_label_comp_id 
_ndb_struct_na_base_pair.j_label_seq_id 
_ndb_struct_na_base_pair.j_symmetry 
_ndb_struct_na_base_pair.shear 
_ndb_struct_na_base_pair.stretch 
_ndb_struct_na_base_pair.stagger 
_ndb_struct_na_base_pair.buckle 
_ndb_struct_na_base_pair.propeller 
_ndb_struct_na_base_pair.opening 
_ndb_struct_na_base_pair.pair_number 
_ndb_struct_na_base_pair.pair_name 
_ndb_struct_na_base_pair.i_auth_asym_id 
_ndb_struct_na_base_pair.i_auth_seq_id 
_ndb_struct_na_base_pair.i_PDB_ins_code 
_ndb_struct_na_base_pair.j_auth_asym_id 
_ndb_struct_na_base_pair.j_auth_seq_id 
_ndb_struct_na_base_pair.j_PDB_ins_code 
_ndb_struct_na_base_pair.hbond_type_28 
_ndb_struct_na_base_pair.hbond_type_12 
1 A DC 1  1_555 B DG 10 1_555 0.256  0.111  -0.480 -2.022  -28.498 9.961  1  A_DC1:DG20_B  A 1  ? B 20 ? 19 1 
1 A DC 2  1_555 B DG 9  1_555 -0.415 -0.057 0.813  8.166   -6.591  9.348  2  A_DC2:DG19_B  A 2  ? B 19 ? 19 1 
1 A DG 3  1_555 B DC 8  1_555 -0.278 -0.097 1.123  -1.554  -0.606  10.220 3  A_DG3:DC18_B  A 3  ? B 18 ? 19 1 
1 A DA 4  1_555 B DT 7  1_555 0.306  0.416  -0.095 -10.854 -25.291 3.698  4  A_DA4:DT17_B  A 4  ? B 17 ? ?  ? 
1 A DG 5  1_555 B DC 6  1_555 0.077  0.061  0.202  -1.851  -10.077 7.223  5  A_DG5:DC16_B  A 5  ? B 16 ? 19 1 
1 A DT 6  1_555 B DA 5  1_555 0.193  0.070  0.755  -5.917  -3.491  -4.415 6  A_DT6:DA15_B  A 6  ? B 15 ? 20 1 
1 C DT 7  1_555 B DA 4  1_555 0.641  0.151  -0.012 3.319   -16.967 0.016  7  C_DT27:DA14_B C 27 ? B 14 ? 20 1 
1 C DG 8  1_555 B DC 3  1_555 0.075  0.333  0.562  0.765   -11.532 0.761  8  C_DG28:DC13_B C 28 ? B 13 ? 19 1 
1 C DA 9  1_555 B DT 2  1_555 0.793  0.275  0.728  -12.056 -12.957 -0.744 9  C_DA29:DT12_B C 29 ? B 12 ? ?  ? 
1 C DG 10 1_555 B DC 1  1_555 0.303  -0.308 0.195  13.765  -13.654 -0.312 10 C_DG30:DC11_B C 30 ? B 11 ? 19 1 
1 C DT 1  1_555 D DA 10 1_555 -0.202 -0.305 0.190  -9.038  -13.783 -4.085 11 C_DT21:DA40_D C 21 ? D 40 ? 20 1 
1 C DC 2  1_555 D DG 9  1_555 -0.108 -0.087 0.357  6.112   -16.202 3.594  12 C_DC22:DG39_D C 22 ? D 39 ? 19 1 
1 C DG 3  1_555 D DC 8  1_555 -0.331 -0.431 -0.655 3.781   2.966   0.303  13 C_DG23:DC38_D C 23 ? D 38 ? 19 1 
1 C DG 4  1_555 D DC 7  1_555 1.345  0.348  0.789  6.893   -24.213 -3.383 14 C_DG24:DC37_D C 24 ? D 37 ? ?  ? 
1 C DC 5  1_555 D DG 6  1_555 -0.439 0.312  0.099  3.826   -23.181 -1.101 15 C_DC25:DG36_D C 25 ? D 36 ? 19 1 
1 C DC 6  1_555 D DG 5  1_555 -0.431 -0.267 0.792  -14.152 10.083  -7.278 16 C_DC26:DG35_D C 26 ? D 35 ? 19 1 
1 A DC 7  1_555 D DG 4  1_555 -1.096 0.346  0.457  -3.318  -28.872 11.199 17 A_DC7:DG34_D  A 7  ? D 34 ? ?  1 
1 A DC 8  1_555 D DG 3  1_555 -0.094 -0.051 0.483  -7.712  2.654   -0.373 18 A_DC8:DG33_D  A 8  ? D 33 ? 19 1 
1 A DT 9  1_555 D DA 2  1_555 -1.465 -0.110 -0.712 -9.528  -33.166 8.333  19 A_DT9:DA32_D  A 9  ? D 32 ? 20 1 
1 A DA 10 1_555 D DT 1  1_555 0.161  0.095  -0.077 -4.121  -14.701 13.905 20 A_DA10:DT31_D A 10 ? D 31 ? ?  1 
# 
loop_
_ndb_struct_na_base_pair_step.model_number 
_ndb_struct_na_base_pair_step.i_label_asym_id_1 
_ndb_struct_na_base_pair_step.i_label_comp_id_1 
_ndb_struct_na_base_pair_step.i_label_seq_id_1 
_ndb_struct_na_base_pair_step.i_symmetry_1 
_ndb_struct_na_base_pair_step.j_label_asym_id_1 
_ndb_struct_na_base_pair_step.j_label_comp_id_1 
_ndb_struct_na_base_pair_step.j_label_seq_id_1 
_ndb_struct_na_base_pair_step.j_symmetry_1 
_ndb_struct_na_base_pair_step.i_label_asym_id_2 
_ndb_struct_na_base_pair_step.i_label_comp_id_2 
_ndb_struct_na_base_pair_step.i_label_seq_id_2 
_ndb_struct_na_base_pair_step.i_symmetry_2 
_ndb_struct_na_base_pair_step.j_label_asym_id_2 
_ndb_struct_na_base_pair_step.j_label_comp_id_2 
_ndb_struct_na_base_pair_step.j_label_seq_id_2 
_ndb_struct_na_base_pair_step.j_symmetry_2 
_ndb_struct_na_base_pair_step.shift 
_ndb_struct_na_base_pair_step.slide 
_ndb_struct_na_base_pair_step.rise 
_ndb_struct_na_base_pair_step.tilt 
_ndb_struct_na_base_pair_step.roll 
_ndb_struct_na_base_pair_step.twist 
_ndb_struct_na_base_pair_step.x_displacement 
_ndb_struct_na_base_pair_step.y_displacement 
_ndb_struct_na_base_pair_step.helical_rise 
_ndb_struct_na_base_pair_step.inclination 
_ndb_struct_na_base_pair_step.tip 
_ndb_struct_na_base_pair_step.helical_twist 
_ndb_struct_na_base_pair_step.step_number 
_ndb_struct_na_base_pair_step.step_name 
_ndb_struct_na_base_pair_step.i_auth_asym_id_1 
_ndb_struct_na_base_pair_step.i_auth_seq_id_1 
_ndb_struct_na_base_pair_step.i_PDB_ins_code_1 
_ndb_struct_na_base_pair_step.j_auth_asym_id_1 
_ndb_struct_na_base_pair_step.j_auth_seq_id_1 
_ndb_struct_na_base_pair_step.j_PDB_ins_code_1 
_ndb_struct_na_base_pair_step.i_auth_asym_id_2 
_ndb_struct_na_base_pair_step.i_auth_seq_id_2 
_ndb_struct_na_base_pair_step.i_PDB_ins_code_2 
_ndb_struct_na_base_pair_step.j_auth_asym_id_2 
_ndb_struct_na_base_pair_step.j_auth_seq_id_2 
_ndb_struct_na_base_pair_step.j_PDB_ins_code_2 
1 A DC 1 1_555 B DG 10 1_555 A DC 2  1_555 B DG 9 1_555 0.442  2.386  3.281 -5.071  6.920  34.633 2.829  -1.506 3.579 11.408  
8.360   35.648 1  AA_DC1DC2:DG19DG20_BB   A 1  ? B 20 ? A 2  ? B 19 ? 
1 A DC 2 1_555 B DG 9  1_555 A DG 3  1_555 B DC 8 1_555 0.093  2.367  3.673 -1.592  -9.876 42.952 4.128  -0.281 3.077 -13.274 
2.140   44.048 2  AA_DC2DG3:DC18DG19_BB   A 2  ? B 19 ? A 3  ? B 18 ? 
1 A DG 3 1_555 B DC 8  1_555 A DA 4  1_555 B DT 7 1_555 -1.487 1.147  3.734 3.968   2.724  43.833 1.238  2.404  3.654 3.636   
-5.296  44.084 3  AA_DG3DA4:DT17DC18_BB   A 3  ? B 18 ? A 4  ? B 17 ? 
1 A DA 4 1_555 B DT 7  1_555 A DG 5  1_555 B DC 6 1_555 0.972  0.389  3.162 0.608   -4.414 35.287 1.257  -1.507 3.107 -7.246  
-0.998  35.558 4  AA_DA4DG5:DC16DT17_BB   A 4  ? B 17 ? A 5  ? B 16 ? 
1 A DG 5 1_555 B DC 6  1_555 A DT 6  1_555 B DA 5 1_555 -0.465 -0.418 3.571 -2.246  7.076  33.717 -1.894 0.406  3.438 12.019  
3.814   34.501 5  AA_DG5DT6:DA15DC16_BB   A 5  ? B 16 ? A 6  ? B 15 ? 
1 A DT 6 1_555 B DA 5  1_555 C DT 7  1_555 B DA 4 1_555 1.000  -0.687 2.743 9.618   -2.666 30.669 -0.813 -0.268 2.962 -4.882  
-17.608 32.215 6  AC_DT6DT27:DA14DA15_BB  A 6  ? B 15 ? C 27 ? B 14 ? 
1 C DT 7 1_555 B DA 4  1_555 C DG 8  1_555 B DC 3 1_555 0.449  2.115  3.611 2.253   -1.428 41.401 3.152  -0.371 3.558 -2.018  
-3.183  41.483 7  CC_DT27DG28:DC13DA14_BB C 27 ? B 14 ? C 28 ? B 13 ? 
1 C DG 8 1_555 B DC 3  1_555 C DA 9  1_555 B DT 2 1_555 -0.707 1.184  3.845 -6.562  5.360  39.444 0.982  0.123  4.028 7.832   
9.588   40.309 8  CC_DG28DA29:DT12DC13_BB C 28 ? B 13 ? C 29 ? B 12 ? 
1 C DA 9 1_555 B DT 2  1_555 C DG 10 1_555 B DC 1 1_555 0.082  -0.110 2.980 2.416   -3.346 33.760 0.300  0.212  2.975 -5.735  
-4.141  34.004 9  CC_DA29DG30:DC11DT12_BB C 29 ? B 12 ? C 30 ? B 11 ? 
1 C DT 1 1_555 D DA 10 1_555 C DC 2  1_555 D DG 9 1_555 0.292  1.687  3.263 3.286   6.346  35.418 1.782  0.015  3.515 10.302  
-5.335  36.109 10 CC_DT21DC22:DG39DA40_DD C 21 ? D 40 ? C 22 ? D 39 ? 
1 C DC 2 1_555 D DG 9  1_555 C DG 3  1_555 D DC 8 1_555 -0.039 2.724  3.625 0.207   0.177  42.053 3.775  0.079  3.636 0.247   
-0.288  42.054 11 CC_DC22DG23:DC38DG39_DD C 22 ? D 39 ? C 23 ? D 38 ? 
1 C DG 3 1_555 D DC 8  1_555 C DG 4  1_555 D DC 7 1_555 -0.701 1.318  3.510 -7.787  -1.745 38.550 2.183  0.038  3.519 -2.609  
11.643  39.337 12 CC_DG23DG24:DC37DC38_DD C 23 ? D 38 ? C 24 ? D 37 ? 
1 C DG 4 1_555 D DC 7  1_555 C DC 5  1_555 D DG 6 1_555 0.127  0.254  3.026 4.934   -5.843 34.141 1.237  0.476  2.933 -9.801  
-8.275  34.962 13 CC_DG24DC25:DG36DC37_DD C 24 ? D 37 ? C 25 ? D 36 ? 
1 C DC 5 1_555 D DG 6  1_555 C DC 6  1_555 D DG 5 1_555 0.365  0.429  3.715 -2.963  6.675  40.094 -0.227 -0.900 3.701 9.639   
4.279   40.727 14 CC_DC25DC26:DG35DG36_DD C 25 ? D 36 ? C 26 ? D 35 ? 
1 C DC 6 1_555 D DG 5  1_555 A DC 7  1_555 D DG 4 1_555 1.187  -0.584 2.798 8.398   5.326  26.228 -2.334 -0.674 2.863 11.236  
-17.718 28.019 15 CA_DC26DC7:DG34DG35_DD  C 26 ? D 35 ? A 7  ? D 34 ? 
1 A DC 7 1_555 D DG 4  1_555 A DC 8  1_555 D DG 3 1_555 -0.221 1.794  3.793 0.256   -5.195 46.154 2.771  0.305  3.580 -6.601  
-0.325  46.431 16 AA_DC7DC8:DG33DG34_DD   A 7  ? D 34 ? A 8  ? D 33 ? 
1 A DC 8 1_555 D DG 3  1_555 A DT 9  1_555 D DA 2 1_555 0.057  1.350  3.243 9.794   10.146 29.914 0.544  1.667  3.369 18.423  
-17.782 33.003 17 AA_DC8DT9:DA32DG33_DD   A 8  ? D 33 ? A 9  ? D 32 ? 
1 A DT 9 1_555 D DA 2  1_555 A DA 10 1_555 D DT 1 1_555 0.150  1.726  3.362 -13.159 10.444 44.610 1.230  -1.336 3.488 13.216  
16.652  47.517 18 AA_DT9DA10:DT31DA32_DD  A 9  ? D 32 ? A 10 ? D 31 ? 
# 
_atom_sites.entry_id                    3IGT 
_atom_sites.fract_transf_matrix[1][1]   -0.00874422 
_atom_sites.fract_transf_matrix[1][2]   -0.03047221 
_atom_sites.fract_transf_matrix[1][3]   -0.03566125 
_atom_sites.fract_transf_matrix[2][1]   -0.02735657 
_atom_sites.fract_transf_matrix[2][2]   -0.01708043 
_atom_sites.fract_transf_matrix[2][3]   0.00607702 
_atom_sites.fract_transf_matrix[3][1]   -0.02293168 
_atom_sites.fract_transf_matrix[3][2]   0.01325893 
_atom_sites.fract_transf_matrix[3][3]   -0.01048899 
_atom_sites.fract_transf_vector[1]      0.923065 
_atom_sites.fract_transf_vector[2]      0.330389 
_atom_sites.fract_transf_vector[3]      0.913538 
# 
loop_
_atom_type.symbol 
C 
N 
O 
P 
# 
loop_
_atom_site.group_PDB 
_atom_site.id 
_atom_site.type_symbol 
_atom_site.label_atom_id 
_atom_site.label_alt_id 
_atom_site.label_comp_id 
_atom_site.label_asym_id 
_atom_site.label_entity_id 
_atom_site.label_seq_id 
_atom_site.pdbx_PDB_ins_code 
_atom_site.Cartn_x 
_atom_site.Cartn_y 
_atom_site.Cartn_z 
_atom_site.occupancy 
_atom_site.B_iso_or_equiv 
_atom_site.pdbx_formal_charge 
_atom_site.auth_seq_id 
_atom_site.auth_comp_id 
_atom_site.auth_asym_id 
_atom_site.auth_atom_id 
_atom_site.pdbx_PDB_model_num 
ATOM   1   O "O5'" . DC  A 1 1  ? 3.044   -20.487 8.808   1.00 9.94  ? 1   DC  A "O5'" 1 
ATOM   2   C "C5'" . DC  A 1 1  ? 3.518   -21.763 8.408   1.00 1.18  ? 1   DC  A "C5'" 1 
ATOM   3   C "C4'" . DC  A 1 1  ? 2.900   -22.239 7.114   1.00 9.56  ? 1   DC  A "C4'" 1 
ATOM   4   O "O4'" . DC  A 1 1  ? 1.461   -22.091 7.163   1.00 5.70  ? 1   DC  A "O4'" 1 
ATOM   5   C "C3'" . DC  A 1 1  ? 3.362   -21.465 5.882   1.00 14.61 ? 1   DC  A "C3'" 1 
ATOM   6   O "O3'" . DC  A 1 1  ? 3.597   -22.373 4.813   1.00 10.03 ? 1   DC  A "O3'" 1 
ATOM   7   C "C2'" . DC  A 1 1  ? 2.211   -20.521 5.585   1.00 13.04 ? 1   DC  A "C2'" 1 
ATOM   8   C "C1'" . DC  A 1 1  ? 1.003   -21.295 6.083   1.00 1.18  ? 1   DC  A "C1'" 1 
ATOM   9   N N1    . DC  A 1 1  ? -0.078  -20.435 6.590   1.00 8.34  ? 1   DC  A N1    1 
ATOM   10  C C2    . DC  A 1 1  ? -1.104  -20.061 5.722   1.00 1.36  ? 1   DC  A C2    1 
ATOM   11  O O2    . DC  A 1 1  ? -1.058  -20.449 4.558   1.00 8.17  ? 1   DC  A O2    1 
ATOM   12  N N3    . DC  A 1 1  ? -2.109  -19.282 6.177   1.00 1.82  ? 1   DC  A N3    1 
ATOM   13  C C4    . DC  A 1 1  ? -2.096  -18.865 7.449   1.00 12.62 ? 1   DC  A C4    1 
ATOM   14  N N4    . DC  A 1 1  ? -3.090  -18.077 7.871   1.00 1.18  ? 1   DC  A N4    1 
ATOM   15  C C5    . DC  A 1 1  ? -1.055  -19.233 8.351   1.00 5.01  ? 1   DC  A C5    1 
ATOM   16  C C6    . DC  A 1 1  ? -0.081  -20.010 7.885   1.00 1.18  ? 1   DC  A C6    1 
ATOM   17  P P     . DC  A 1 2  ? 5.092   -22.570 4.274   1.00 11.14 ? 2   DC  A P     1 
ATOM   18  O OP1   . DC  A 1 2  ? 5.088   -23.711 3.322   1.00 13.37 ? 2   DC  A OP1   1 
ATOM   19  O OP2   . DC  A 1 2  ? 6.016   -22.591 5.436   1.00 2.43  ? 2   DC  A OP2   1 
ATOM   20  O "O5'" . DC  A 1 2  ? 5.340   -21.223 3.454   1.00 13.48 ? 2   DC  A "O5'" 1 
ATOM   21  C "C5'" . DC  A 1 2  ? 4.621   -20.976 2.250   1.00 1.97  ? 2   DC  A "C5'" 1 
ATOM   22  C "C4'" . DC  A 1 2  ? 4.581   -19.498 1.933   1.00 9.40  ? 2   DC  A "C4'" 1 
ATOM   23  O "O4'" . DC  A 1 2  ? 3.658   -18.814 2.808   1.00 12.83 ? 2   DC  A "O4'" 1 
ATOM   24  C "C3'" . DC  A 1 2  ? 5.908   -18.730 2.028   1.00 12.25 ? 2   DC  A "C3'" 1 
ATOM   25  O "O3'" . DC  A 1 2  ? 5.963   -17.766 0.970   1.00 18.81 ? 2   DC  A "O3'" 1 
ATOM   26  C "C2'" . DC  A 1 2  ? 5.768   -17.983 3.345   1.00 10.69 ? 2   DC  A "C2'" 1 
ATOM   27  C "C1'" . DC  A 1 2  ? 4.291   -17.640 3.296   1.00 12.22 ? 2   DC  A "C1'" 1 
ATOM   28  N N1    . DC  A 1 2  ? 3.618   -17.262 4.543   1.00 7.25  ? 2   DC  A N1    1 
ATOM   29  C C2    . DC  A 1 2  ? 2.339   -16.715 4.440   1.00 8.56  ? 2   DC  A C2    1 
ATOM   30  O O2    . DC  A 1 2  ? 1.882   -16.479 3.310   1.00 1.18  ? 2   DC  A O2    1 
ATOM   31  N N3    . DC  A 1 2  ? 1.638   -16.452 5.563   1.00 16.89 ? 2   DC  A N3    1 
ATOM   32  C C4    . DC  A 1 2  ? 2.184   -16.694 6.757   1.00 11.38 ? 2   DC  A C4    1 
ATOM   33  N N4    . DC  A 1 2  ? 1.441   -16.454 7.834   1.00 10.65 ? 2   DC  A N4    1 
ATOM   34  C C5    . DC  A 1 2  ? 3.513   -17.198 6.892   1.00 13.09 ? 2   DC  A C5    1 
ATOM   35  C C6    . DC  A 1 2  ? 4.191   -17.461 5.769   1.00 9.44  ? 2   DC  A C6    1 
ATOM   36  P P     . DG  A 1 3  ? 7.153   -17.820 -0.112  1.00 15.47 ? 3   DG  A P     1 
ATOM   37  O OP1   . DG  A 1 3  ? 7.192   -19.191 -0.677  1.00 12.48 ? 3   DG  A OP1   1 
ATOM   38  O OP2   . DG  A 1 3  ? 8.371   -17.246 0.515   1.00 17.88 ? 3   DG  A OP2   1 
ATOM   39  O "O5'" . DG  A 1 3  ? 6.654   -16.834 -1.259  1.00 17.85 ? 3   DG  A "O5'" 1 
ATOM   40  C "C5'" . DG  A 1 3  ? 5.493   -17.150 -2.039  1.00 17.54 ? 3   DG  A "C5'" 1 
ATOM   41  C "C4'" . DG  A 1 3  ? 4.503   -16.009 -1.997  1.00 19.51 ? 3   DG  A "C4'" 1 
ATOM   42  O "O4'" . DG  A 1 3  ? 4.088   -15.769 -0.632  1.00 9.25  ? 3   DG  A "O4'" 1 
ATOM   43  C "C3'" . DG  A 1 3  ? 5.044   -14.669 -2.497  1.00 15.82 ? 3   DG  A "C3'" 1 
ATOM   44  O "O3'" . DG  A 1 3  ? 3.950   -13.914 -3.025  1.00 18.95 ? 3   DG  A "O3'" 1 
ATOM   45  C "C2'" . DG  A 1 3  ? 5.517   -14.008 -1.215  1.00 19.15 ? 3   DG  A "C2'" 1 
ATOM   46  C "C1'" . DG  A 1 3  ? 4.417   -14.431 -0.266  1.00 17.93 ? 3   DG  A "C1'" 1 
ATOM   47  N N9    . DG  A 1 3  ? 4.765   -14.404 1.151   1.00 6.70  ? 3   DG  A N9    1 
ATOM   48  C C8    . DG  A 1 3  ? 5.924   -14.841 1.740   1.00 9.19  ? 3   DG  A C8    1 
ATOM   49  N N7    . DG  A 1 3  ? 5.938   -14.675 3.035   1.00 2.94  ? 3   DG  A N7    1 
ATOM   50  C C5    . DG  A 1 3  ? 4.711   -14.097 3.320   1.00 3.04  ? 3   DG  A C5    1 
ATOM   51  C C6    . DG  A 1 3  ? 4.152   -13.675 4.560   1.00 3.37  ? 3   DG  A C6    1 
ATOM   52  O O6    . DG  A 1 3  ? 4.642   -13.736 5.702   1.00 4.59  ? 3   DG  A O6    1 
ATOM   53  N N1    . DG  A 1 3  ? 2.891   -13.130 4.383   1.00 14.21 ? 3   DG  A N1    1 
ATOM   54  C C2    . DG  A 1 3  ? 2.247   -13.001 3.182   1.00 4.52  ? 3   DG  A C2    1 
ATOM   55  N N2    . DG  A 1 3  ? 1.047   -12.447 3.231   1.00 9.00  ? 3   DG  A N2    1 
ATOM   56  N N3    . DG  A 1 3  ? 2.747   -13.385 2.023   1.00 7.36  ? 3   DG  A N3    1 
ATOM   57  C C4    . DG  A 1 3  ? 3.976   -13.921 2.165   1.00 11.31 ? 3   DG  A C4    1 
ATOM   58  P P     . DA  A 1 4  ? 4.140   -13.039 -4.363  1.00 22.16 ? 4   DA  A P     1 
ATOM   59  O OP1   . DA  A 1 4  ? 4.029   -13.957 -5.526  1.00 16.25 ? 4   DA  A OP1   1 
ATOM   60  O OP2   . DA  A 1 4  ? 5.342   -12.176 -4.222  1.00 21.24 ? 4   DA  A OP2   1 
ATOM   61  O "O5'" . DA  A 1 4  ? 2.850   -12.111 -4.364  1.00 16.76 ? 4   DA  A "O5'" 1 
ATOM   62  C "C5'" . DA  A 1 4  ? 1.546   -12.681 -4.413  1.00 22.31 ? 4   DA  A "C5'" 1 
ATOM   63  C "C4'" . DA  A 1 4  ? 0.553   -11.759 -3.747  1.00 17.02 ? 4   DA  A "C4'" 1 
ATOM   64  O "O4'" . DA  A 1 4  ? 0.885   -11.672 -2.344  1.00 19.53 ? 4   DA  A "O4'" 1 
ATOM   65  C "C3'" . DA  A 1 4  ? 0.564   -10.327 -4.274  1.00 20.67 ? 4   DA  A "C3'" 1 
ATOM   66  O "O3'" . DA  A 1 4  ? -0.763  -9.783  -4.247  1.00 17.56 ? 4   DA  A "O3'" 1 
ATOM   67  C "C2'" . DA  A 1 4  ? 1.499   -9.611  -3.314  1.00 21.03 ? 4   DA  A "C2'" 1 
ATOM   68  C "C1'" . DA  A 1 4  ? 1.280   -10.348 -2.004  1.00 22.55 ? 4   DA  A "C1'" 1 
ATOM   69  N N9    . DA  A 1 4  ? 2.467   -10.450 -1.153  1.00 21.32 ? 4   DA  A N9    1 
ATOM   70  C C8    . DA  A 1 4  ? 3.753   -10.767 -1.518  1.00 15.39 ? 4   DA  A C8    1 
ATOM   71  N N7    . DA  A 1 4  ? 4.594   -10.804 -0.511  1.00 14.03 ? 4   DA  A N7    1 
ATOM   72  C C5    . DA  A 1 4  ? 3.810   -10.488 0.588   1.00 19.21 ? 4   DA  A C5    1 
ATOM   73  C C6    . DA  A 1 4  ? 4.105   -10.365 1.954   1.00 22.02 ? 4   DA  A C6    1 
ATOM   74  N N6    . DA  A 1 4  ? 5.320   -10.559 2.473   1.00 23.70 ? 4   DA  A N6    1 
ATOM   75  N N1    . DA  A 1 4  ? 3.092   -10.031 2.785   1.00 24.00 ? 4   DA  A N1    1 
ATOM   76  C C2    . DA  A 1 4  ? 1.874   -9.836  2.264   1.00 20.40 ? 4   DA  A C2    1 
ATOM   77  N N3    . DA  A 1 4  ? 1.474   -9.923  1.002   1.00 17.09 ? 4   DA  A N3    1 
ATOM   78  C C4    . DA  A 1 4  ? 2.500   -10.259 0.206   1.00 19.56 ? 4   DA  A C4    1 
ATOM   79  P P     . DG  A 1 5  ? -0.991  -8.207  -4.494  1.00 19.82 ? 5   DG  A P     1 
ATOM   80  O OP1   . DG  A 1 5  ? -2.434  -8.016  -4.800  1.00 20.07 ? 5   DG  A OP1   1 
ATOM   81  O OP2   . DG  A 1 5  ? 0.034   -7.701  -5.443  1.00 17.59 ? 5   DG  A OP2   1 
ATOM   82  O "O5'" . DG  A 1 5  ? -0.686  -7.558  -3.073  1.00 14.58 ? 5   DG  A "O5'" 1 
ATOM   83  C "C5'" . DG  A 1 5  ? -1.561  -7.756  -1.976  1.00 21.84 ? 5   DG  A "C5'" 1 
ATOM   84  C "C4'" . DG  A 1 5  ? -1.268  -6.753  -0.885  1.00 16.23 ? 5   DG  A "C4'" 1 
ATOM   85  O "O4'" . DG  A 1 5  ? 0.001   -7.046  -0.255  1.00 5.87  ? 5   DG  A "O4'" 1 
ATOM   86  C "C3'" . DG  A 1 5  ? -1.175  -5.304  -1.358  1.00 18.19 ? 5   DG  A "C3'" 1 
ATOM   87  O "O3'" . DG  A 1 5  ? -1.800  -4.465  -0.391  1.00 23.92 ? 5   DG  A "O3'" 1 
ATOM   88  C "C2'" . DG  A 1 5  ? 0.319   -5.040  -1.381  1.00 16.27 ? 5   DG  A "C2'" 1 
ATOM   89  C "C1'" . DG  A 1 5  ? 0.768   -5.856  -0.190  1.00 14.55 ? 5   DG  A "C1'" 1 
ATOM   90  N N9    . DG  A 1 5  ? 2.177   -6.229  -0.176  1.00 15.22 ? 5   DG  A N9    1 
ATOM   91  C C8    . DG  A 1 5  ? 3.004   -6.409  -1.257  1.00 15.25 ? 5   DG  A C8    1 
ATOM   92  N N7    . DG  A 1 5  ? 4.215   -6.761  -0.922  1.00 19.51 ? 5   DG  A N7    1 
ATOM   93  C C5    . DG  A 1 5  ? 4.188   -6.807  0.466   1.00 18.03 ? 5   DG  A C5    1 
ATOM   94  C C6    . DG  A 1 5  ? 5.212   -7.126  1.395   1.00 17.77 ? 5   DG  A C6    1 
ATOM   95  O O6    . DG  A 1 5  ? 6.378   -7.462  1.166   1.00 23.58 ? 5   DG  A O6    1 
ATOM   96  N N1    . DG  A 1 5  ? 4.758   -7.037  2.709   1.00 14.51 ? 5   DG  A N1    1 
ATOM   97  C C2    . DG  A 1 5  ? 3.474   -6.694  3.081   1.00 17.87 ? 5   DG  A C2    1 
ATOM   98  N N2    . DG  A 1 5  ? 3.215   -6.662  4.406   1.00 10.78 ? 5   DG  A N2    1 
ATOM   99  N N3    . DG  A 1 5  ? 2.511   -6.403  2.222   1.00 13.99 ? 5   DG  A N3    1 
ATOM   100 C C4    . DG  A 1 5  ? 2.936   -6.476  0.942   1.00 15.17 ? 5   DG  A C4    1 
ATOM   101 P P     . DT  A 1 6  ? -1.973  -2.900  -0.684  1.00 22.27 ? 6   DT  A P     1 
ATOM   102 O OP1   . DT  A 1 6  ? -3.427  -2.617  -0.818  1.00 26.26 ? 6   DT  A OP1   1 
ATOM   103 O OP2   . DT  A 1 6  ? -1.048  -2.522  -1.787  1.00 22.84 ? 6   DT  A OP2   1 
ATOM   104 O "O5'" . DT  A 1 6  ? -1.464  -2.222  0.662   1.00 21.50 ? 6   DT  A "O5'" 1 
ATOM   105 C "C5'" . DT  A 1 6  ? -1.695  -2.845  1.921   1.00 17.38 ? 6   DT  A "C5'" 1 
ATOM   106 C "C4'" . DT  A 1 6  ? -0.773  -2.263  2.966   1.00 16.44 ? 6   DT  A "C4'" 1 
ATOM   107 O "O4'" . DT  A 1 6  ? 0.557   -2.834  2.894   1.00 21.13 ? 6   DT  A "O4'" 1 
ATOM   108 C "C3'" . DT  A 1 6  ? -0.594  -0.748  2.853   1.00 16.12 ? 6   DT  A "C3'" 1 
ATOM   109 O "O3'" . DT  A 1 6  ? -0.718  -0.174  4.148   1.00 8.57  ? 6   DT  A "O3'" 1 
ATOM   110 C "C2'" . DT  A 1 6  ? 0.823   -0.591  2.325   1.00 15.62 ? 6   DT  A "C2'" 1 
ATOM   111 C "C1'" . DT  A 1 6  ? 1.518   -1.789  2.941   1.00 11.49 ? 6   DT  A "C1'" 1 
ATOM   112 N N1    . DT  A 1 6  ? 2.746   -2.254  2.252   1.00 11.10 ? 6   DT  A N1    1 
ATOM   113 C C2    . DT  A 1 6  ? 3.847   -2.536  3.024   1.00 5.73  ? 6   DT  A C2    1 
ATOM   114 O O2    . DT  A 1 6  ? 3.883   -2.363  4.232   1.00 8.43  ? 6   DT  A O2    1 
ATOM   115 N N3    . DT  A 1 6  ? 4.923   -3.023  2.327   1.00 12.93 ? 6   DT  A N3    1 
ATOM   116 C C4    . DT  A 1 6  ? 5.018   -3.225  0.970   1.00 11.43 ? 6   DT  A C4    1 
ATOM   117 O O4    . DT  A 1 6  ? 6.048   -3.684  0.497   1.00 13.62 ? 6   DT  A O4    1 
ATOM   118 C C5    . DT  A 1 6  ? 3.842   -2.866  0.212   1.00 19.01 ? 6   DT  A C5    1 
ATOM   119 C C7    . DT  A 1 6  ? 3.865   -3.010  -1.277  1.00 17.82 ? 6   DT  A C7    1 
ATOM   120 C C6    . DT  A 1 6  ? 2.775   -2.411  0.884   1.00 14.78 ? 6   DT  A C6    1 
ATOM   121 P P     . DC  A 1 7  ? -2.175  0.217   4.689   1.00 8.70  ? 7   DC  A P     1 
ATOM   122 O OP1   . DC  A 1 7  ? -1.986  0.639   6.096   1.00 2.09  ? 7   DC  A OP1   1 
ATOM   123 O OP2   . DC  A 1 7  ? -3.062  -0.934  4.376   1.00 6.08  ? 7   DC  A OP2   1 
ATOM   124 O "O5'" . DC  A 1 7  ? -2.607  1.465   3.796   1.00 6.00  ? 7   DC  A "O5'" 1 
ATOM   125 C "C5'" . DC  A 1 7  ? -1.765  2.619   3.716   1.00 19.37 ? 7   DC  A "C5'" 1 
ATOM   126 C "C4'" . DC  A 1 7  ? -2.581  3.870   3.462   1.00 22.16 ? 7   DC  A "C4'" 1 
ATOM   127 O "O4'" . DC  A 1 7  ? -3.110  3.863   2.114   1.00 14.25 ? 7   DC  A "O4'" 1 
ATOM   128 C "C3'" . DC  A 1 7  ? -3.769  4.093   4.399   1.00 21.60 ? 7   DC  A "C3'" 1 
ATOM   129 O "O3'" . DC  A 1 7  ? -3.853  5.477   4.778   1.00 25.71 ? 7   DC  A "O3'" 1 
ATOM   130 C "C2'" . DC  A 1 7  ? -4.964  3.680   3.556   1.00 24.18 ? 7   DC  A "C2'" 1 
ATOM   131 C "C1'" . DC  A 1 7  ? -4.531  3.961   2.120   1.00 15.09 ? 7   DC  A "C1'" 1 
ATOM   132 N N1    . DC  A 1 7  ? -5.038  2.969   1.152   1.00 14.85 ? 7   DC  A N1    1 
ATOM   133 C C2    . DC  A 1 7  ? -6.161  3.272   0.358   1.00 14.43 ? 7   DC  A C2    1 
ATOM   134 O O2    . DC  A 1 7  ? -6.702  4.385   0.471   1.00 14.90 ? 7   DC  A O2    1 
ATOM   135 N N3    . DC  A 1 7  ? -6.617  2.339   -0.517  1.00 18.01 ? 7   DC  A N3    1 
ATOM   136 C C4    . DC  A 1 7  ? -5.991  1.158   -0.627  1.00 14.74 ? 7   DC  A C4    1 
ATOM   137 N N4    . DC  A 1 7  ? -6.453  0.275   -1.514  1.00 8.26  ? 7   DC  A N4    1 
ATOM   138 C C5    . DC  A 1 7  ? -4.856  0.832   0.165   1.00 16.70 ? 7   DC  A C5    1 
ATOM   139 C C6    . DC  A 1 7  ? -4.418  1.755   1.030   1.00 21.31 ? 7   DC  A C6    1 
ATOM   140 P P     . DC  A 1 8  ? -4.391  5.880   6.243   1.00 24.18 ? 8   DC  A P     1 
ATOM   141 O OP1   . DC  A 1 8  ? -3.962  7.284   6.498   1.00 28.93 ? 8   DC  A OP1   1 
ATOM   142 O OP2   . DC  A 1 8  ? -4.035  4.820   7.218   1.00 23.96 ? 8   DC  A OP2   1 
ATOM   143 O "O5'" . DC  A 1 8  ? -5.975  5.904   6.076   1.00 18.14 ? 8   DC  A "O5'" 1 
ATOM   144 C "C5'" . DC  A 1 8  ? -6.611  6.942   5.340   1.00 14.24 ? 8   DC  A "C5'" 1 
ATOM   145 C "C4'" . DC  A 1 8  ? -8.096  6.681   5.251   1.00 23.08 ? 8   DC  A "C4'" 1 
ATOM   146 O "O4'" . DC  A 1 8  ? -8.337  5.569   4.356   1.00 18.92 ? 8   DC  A "O4'" 1 
ATOM   147 C "C3'" . DC  A 1 8  ? -8.752  6.305   6.579   1.00 16.87 ? 8   DC  A "C3'" 1 
ATOM   148 O "O3'" . DC  A 1 8  ? -10.064 6.877   6.659   1.00 23.70 ? 8   DC  A "O3'" 1 
ATOM   149 C "C2'" . DC  A 1 8  ? -8.838  4.791   6.502   1.00 22.15 ? 8   DC  A "C2'" 1 
ATOM   150 C "C1'" . DC  A 1 8  ? -9.093  4.575   5.021   1.00 15.72 ? 8   DC  A "C1'" 1 
ATOM   151 N N1    . DC  A 1 8  ? -8.673  3.275   4.483   1.00 17.63 ? 8   DC  A N1    1 
ATOM   152 C C2    . DC  A 1 8  ? -9.400  2.734   3.427   1.00 16.24 ? 8   DC  A C2    1 
ATOM   153 O O2    . DC  A 1 8  ? -10.405 3.340   3.022   1.00 13.94 ? 8   DC  A O2    1 
ATOM   154 N N3    . DC  A 1 8  ? -9.000  1.566   2.874   1.00 16.65 ? 8   DC  A N3    1 
ATOM   155 C C4    . DC  A 1 8  ? -7.929  0.937   3.351   1.00 13.33 ? 8   DC  A C4    1 
ATOM   156 N N4    . DC  A 1 8  ? -7.566  -0.206  2.760   1.00 11.93 ? 8   DC  A N4    1 
ATOM   157 C C5    . DC  A 1 8  ? -7.180  1.452   4.452   1.00 14.91 ? 8   DC  A C5    1 
ATOM   158 C C6    . DC  A 1 8  ? -7.586  2.614   4.984   1.00 13.03 ? 8   DC  A C6    1 
ATOM   159 P P     . DT  A 1 9  ? -10.848 6.878   8.064   1.00 16.73 ? 9   DT  A P     1 
ATOM   160 O OP1   . DT  A 1 9  ? -10.638 8.183   8.725   1.00 18.98 ? 9   DT  A OP1   1 
ATOM   161 O OP2   . DT  A 1 9  ? -10.478 5.630   8.776   1.00 24.75 ? 9   DT  A OP2   1 
ATOM   162 O "O5'" . DT  A 1 9  ? -12.376 6.782   7.626   1.00 21.85 ? 9   DT  A "O5'" 1 
ATOM   163 C "C5'" . DT  A 1 9  ? -12.855 7.539   6.516   1.00 26.99 ? 9   DT  A "C5'" 1 
ATOM   164 C "C4'" . DT  A 1 9  ? -13.845 6.729   5.712   1.00 28.63 ? 9   DT  A "C4'" 1 
ATOM   165 O "O4'" . DT  A 1 9  ? -13.183 5.549   5.187   1.00 33.40 ? 9   DT  A "O4'" 1 
ATOM   166 C "C3'" . DT  A 1 9  ? -15.064 6.220   6.489   1.00 28.99 ? 9   DT  A "C3'" 1 
ATOM   167 O "O3'" . DT  A 1 9  ? -16.217 6.258   5.640   1.00 25.96 ? 9   DT  A "O3'" 1 
ATOM   168 C "C2'" . DT  A 1 9  ? -14.697 4.779   6.794   1.00 30.41 ? 9   DT  A "C2'" 1 
ATOM   169 C "C1'" . DT  A 1 9  ? -13.925 4.397   5.546   1.00 28.11 ? 9   DT  A "C1'" 1 
ATOM   170 N N1    . DT  A 1 9  ? -12.991 3.265   5.684   1.00 28.83 ? 9   DT  A N1    1 
ATOM   171 C C2    . DT  A 1 9  ? -12.931 2.383   4.635   1.00 29.41 ? 9   DT  A C2    1 
ATOM   172 O O2    . DT  A 1 9  ? -13.576 2.525   3.612   1.00 34.56 ? 9   DT  A O2    1 
ATOM   173 N N3    . DT  A 1 9  ? -12.080 1.325   4.822   1.00 32.49 ? 9   DT  A N3    1 
ATOM   174 C C4    . DT  A 1 9  ? -11.288 1.073   5.924   1.00 29.63 ? 9   DT  A C4    1 
ATOM   175 O O4    . DT  A 1 9  ? -10.581 0.067   5.951   1.00 30.09 ? 9   DT  A O4    1 
ATOM   176 C C5    . DT  A 1 9  ? -11.379 2.055   6.983   1.00 29.39 ? 9   DT  A C5    1 
ATOM   177 C C7    . DT  A 1 9  ? -10.538 1.880   8.209   1.00 24.91 ? 9   DT  A C7    1 
ATOM   178 C C6    . DT  A 1 9  ? -12.220 3.091   6.813   1.00 27.38 ? 9   DT  A C6    1 
ATOM   179 P P     . DA  A 1 10 ? -17.689 6.126   6.274   1.00 27.03 ? 10  DA  A P     1 
ATOM   180 O OP1   . DA  A 1 10 ? -18.492 7.248   5.725   1.00 20.73 ? 10  DA  A OP1   1 
ATOM   181 O OP2   . DA  A 1 10 ? -17.598 5.943   7.750   1.00 22.79 ? 10  DA  A OP2   1 
ATOM   182 O "O5'" . DA  A 1 10 ? -18.240 4.759   5.667   1.00 23.41 ? 10  DA  A "O5'" 1 
ATOM   183 C "C5'" . DA  A 1 10 ? -18.441 4.602   4.266   1.00 20.22 ? 10  DA  A "C5'" 1 
ATOM   184 C "C4'" . DA  A 1 10 ? -18.844 3.177   3.956   1.00 17.63 ? 10  DA  A "C4'" 1 
ATOM   185 O "O4'" . DA  A 1 10 ? -17.731 2.294   4.242   1.00 11.94 ? 10  DA  A "O4'" 1 
ATOM   186 C "C3'" . DA  A 1 10 ? -20.013 2.650   4.791   1.00 18.11 ? 10  DA  A "C3'" 1 
ATOM   187 O "O3'" . DA  A 1 10 ? -20.702 1.603   4.108   1.00 14.00 ? 10  DA  A "O3'" 1 
ATOM   188 C "C2'" . DA  A 1 10 ? -19.313 1.962   5.949   1.00 19.81 ? 10  DA  A "C2'" 1 
ATOM   189 C "C1'" . DA  A 1 10 ? -18.090 1.372   5.265   1.00 11.15 ? 10  DA  A "C1'" 1 
ATOM   190 N N9    . DA  A 1 10 ? -16.930 1.201   6.140   1.00 18.88 ? 10  DA  A N9    1 
ATOM   191 C C8    . DA  A 1 10 ? -16.534 2.005   7.181   1.00 18.03 ? 10  DA  A C8    1 
ATOM   192 N N7    . DA  A 1 10 ? -15.448 1.589   7.788   1.00 15.25 ? 10  DA  A N7    1 
ATOM   193 C C5    . DA  A 1 10 ? -15.103 0.436   7.099   1.00 18.61 ? 10  DA  A C5    1 
ATOM   194 C C6    . DA  A 1 10 ? -14.041 -0.468  7.249   1.00 15.36 ? 10  DA  A C6    1 
ATOM   195 N N6    . DA  A 1 10 ? -13.097 -0.346  8.186   1.00 22.27 ? 10  DA  A N6    1 
ATOM   196 N N1    . DA  A 1 10 ? -13.982 -1.512  6.398   1.00 10.89 ? 10  DA  A N1    1 
ATOM   197 C C2    . DA  A 1 10 ? -14.932 -1.631  5.465   1.00 14.35 ? 10  DA  A C2    1 
ATOM   198 N N3    . DA  A 1 10 ? -15.982 -0.846  5.222   1.00 16.03 ? 10  DA  A N3    1 
ATOM   199 C C4    . DA  A 1 10 ? -16.008 0.183   6.082   1.00 15.40 ? 10  DA  A C4    1 
ATOM   200 O "O5'" . DC  B 2 1  ? 9.793   8.466   -3.524  1.00 6.52  ? 11  DC  B "O5'" 1 
ATOM   201 C "C5'" . DC  B 2 1  ? 10.591  9.180   -4.474  1.00 8.09  ? 11  DC  B "C5'" 1 
ATOM   202 C "C4'" . DC  B 2 1  ? 12.047  9.177   -4.073  1.00 6.93  ? 11  DC  B "C4'" 1 
ATOM   203 O "O4'" . DC  B 2 1  ? 12.177  9.719   -2.740  1.00 4.73  ? 11  DC  B "O4'" 1 
ATOM   204 C "C3'" . DC  B 2 1  ? 12.671  7.781   -4.021  1.00 14.04 ? 11  DC  B "C3'" 1 
ATOM   205 O "O3'" . DC  B 2 1  ? 14.039  7.844   -4.421  1.00 20.56 ? 11  DC  B "O3'" 1 
ATOM   206 C "C2'" . DC  B 2 1  ? 12.581  7.411   -2.555  1.00 12.20 ? 11  DC  B "C2'" 1 
ATOM   207 C "C1'" . DC  B 2 1  ? 12.781  8.758   -1.892  1.00 12.16 ? 11  DC  B "C1'" 1 
ATOM   208 N N1    . DC  B 2 1  ? 12.150  8.865   -0.581  1.00 10.27 ? 11  DC  B N1    1 
ATOM   209 C C2    . DC  B 2 1  ? 12.820  8.331   0.528   1.00 6.07  ? 11  DC  B C2    1 
ATOM   210 O O2    . DC  B 2 1  ? 13.905  7.783   0.353   1.00 1.18  ? 11  DC  B O2    1 
ATOM   211 N N3    . DC  B 2 1  ? 12.257  8.430   1.747   1.00 5.18  ? 11  DC  B N3    1 
ATOM   212 C C4    . DC  B 2 1  ? 11.071  9.031   1.882   1.00 4.39  ? 11  DC  B C4    1 
ATOM   213 N N4    . DC  B 2 1  ? 10.554  9.123   3.100   1.00 3.60  ? 11  DC  B N4    1 
ATOM   214 C C5    . DC  B 2 1  ? 10.366  9.572   0.768   1.00 8.22  ? 11  DC  B C5    1 
ATOM   215 C C6    . DC  B 2 1  ? 10.937  9.470   -0.432  1.00 2.98  ? 11  DC  B C6    1 
ATOM   216 P P     . DT  B 2 2  ? 14.662  6.662   -5.305  1.00 24.08 ? 12  DT  B P     1 
ATOM   217 O OP1   . DT  B 2 2  ? 16.030  7.095   -5.689  1.00 30.15 ? 12  DT  B OP1   1 
ATOM   218 O OP2   . DT  B 2 2  ? 13.680  6.287   -6.359  1.00 30.14 ? 12  DT  B OP2   1 
ATOM   219 O "O5'" . DT  B 2 2  ? 14.799  5.450   -4.284  1.00 26.92 ? 12  DT  B "O5'" 1 
ATOM   220 C "C5'" . DT  B 2 2  ? 15.992  5.282   -3.534  1.00 21.21 ? 12  DT  B "C5'" 1 
ATOM   221 C "C4'" . DT  B 2 2  ? 15.851  4.127   -2.573  1.00 25.64 ? 12  DT  B "C4'" 1 
ATOM   222 O "O4'" . DT  B 2 2  ? 14.955  4.484   -1.489  1.00 15.24 ? 12  DT  B "O4'" 1 
ATOM   223 C "C3'" . DT  B 2 2  ? 15.309  2.823   -3.174  1.00 21.32 ? 12  DT  B "C3'" 1 
ATOM   224 O "O3'" . DT  B 2 2  ? 16.108  1.729   -2.702  1.00 22.41 ? 12  DT  B "O3'" 1 
ATOM   225 C "C2'" . DT  B 2 2  ? 13.895  2.740   -2.611  1.00 16.81 ? 12  DT  B "C2'" 1 
ATOM   226 C "C1'" . DT  B 2 2  ? 14.089  3.389   -1.253  1.00 16.82 ? 12  DT  B "C1'" 1 
ATOM   227 N N1    . DT  B 2 2  ? 12.902  3.887   -0.525  1.00 14.31 ? 12  DT  B N1    1 
ATOM   228 C C2    . DT  B 2 2  ? 13.007  3.953   0.846   1.00 14.03 ? 12  DT  B C2    1 
ATOM   229 O O2    . DT  B 2 2  ? 14.009  3.610   1.449   1.00 18.69 ? 12  DT  B O2    1 
ATOM   230 N N3    . DT  B 2 2  ? 11.898  4.446   1.489   1.00 17.73 ? 12  DT  B N3    1 
ATOM   231 C C4    . DT  B 2 2  ? 10.723  4.872   0.912   1.00 14.14 ? 12  DT  B C4    1 
ATOM   232 O O4    . DT  B 2 2  ? 9.828   5.326   1.622   1.00 20.09 ? 12  DT  B O4    1 
ATOM   233 C C5    . DT  B 2 2  ? 10.668  4.748   -0.535  1.00 14.43 ? 12  DT  B C5    1 
ATOM   234 C C7    . DT  B 2 2  ? 9.416   5.142   -1.254  1.00 14.84 ? 12  DT  B C7    1 
ATOM   235 C C6    . DT  B 2 2  ? 11.752  4.273   -1.171  1.00 14.70 ? 12  DT  B C6    1 
ATOM   236 P P     . DC  B 2 3  ? 16.223  0.376   -3.565  1.00 18.94 ? 13  DC  B P     1 
ATOM   237 O OP1   . DC  B 2 3  ? 17.575  0.305   -4.178  1.00 19.29 ? 13  DC  B OP1   1 
ATOM   238 O OP2   . DC  B 2 3  ? 15.022  0.249   -4.425  1.00 22.52 ? 13  DC  B OP2   1 
ATOM   239 O "O5'" . DC  B 2 3  ? 16.153  -0.759  -2.454  1.00 25.57 ? 13  DC  B "O5'" 1 
ATOM   240 C "C5'" . DC  B 2 3  ? 16.867  -0.615  -1.227  1.00 23.48 ? 13  DC  B "C5'" 1 
ATOM   241 C "C4'" . DC  B 2 3  ? 16.075  -1.210  -0.086  1.00 25.52 ? 13  DC  B "C4'" 1 
ATOM   242 O "O4'" . DC  B 2 3  ? 14.914  -0.393  0.222   1.00 16.18 ? 13  DC  B "O4'" 1 
ATOM   243 C "C3'" . DC  B 2 3  ? 15.538  -2.619  -0.352  1.00 21.28 ? 13  DC  B "C3'" 1 
ATOM   244 O "O3'" . DC  B 2 3  ? 15.691  -3.426  0.812   1.00 22.90 ? 13  DC  B "O3'" 1 
ATOM   245 C "C2'" . DC  B 2 3  ? 14.058  -2.392  -0.585  1.00 26.26 ? 13  DC  B "C2'" 1 
ATOM   246 C "C1'" . DC  B 2 3  ? 13.806  -1.261  0.385   1.00 20.88 ? 13  DC  B "C1'" 1 
ATOM   247 N N1    . DC  B 2 3  ? 12.566  -0.501  0.173   1.00 18.23 ? 13  DC  B N1    1 
ATOM   248 C C2    . DC  B 2 3  ? 11.912  0.029   1.292   1.00 20.00 ? 13  DC  B C2    1 
ATOM   249 O O2    . DC  B 2 3  ? 12.427  -0.117  2.413   1.00 12.03 ? 13  DC  B O2    1 
ATOM   250 N N3    . DC  B 2 3  ? 10.742  0.692   1.122   1.00 20.48 ? 13  DC  B N3    1 
ATOM   251 C C4    . DC  B 2 3  ? 10.235  0.848   -0.105  1.00 14.53 ? 13  DC  B C4    1 
ATOM   252 N N4    . DC  B 2 3  ? 9.079   1.506   -0.224  1.00 13.80 ? 13  DC  B N4    1 
ATOM   253 C C5    . DC  B 2 3  ? 10.894  0.336   -1.262  1.00 18.67 ? 13  DC  B C5    1 
ATOM   254 C C6    . DC  B 2 3  ? 12.046  -0.327  -1.078  1.00 13.66 ? 13  DC  B C6    1 
ATOM   255 P P     . DA  B 2 4  ? 16.300  -4.902  0.670   1.00 19.74 ? 14  DA  B P     1 
ATOM   256 O OP1   . DA  B 2 4  ? 17.687  -4.718  0.176   1.00 21.11 ? 14  DA  B OP1   1 
ATOM   257 O OP2   . DA  B 2 4  ? 15.342  -5.737  -0.111  1.00 14.22 ? 14  DA  B OP2   1 
ATOM   258 O "O5'" . DA  B 2 4  ? 16.354  -5.441  2.169   1.00 19.14 ? 14  DA  B "O5'" 1 
ATOM   259 C "C5'" . DA  B 2 4  ? 17.189  -4.807  3.140   1.00 22.60 ? 14  DA  B "C5'" 1 
ATOM   260 C "C4'" . DA  B 2 4  ? 16.436  -4.610  4.434   1.00 20.38 ? 14  DA  B "C4'" 1 
ATOM   261 O "O4'" . DA  B 2 4  ? 15.263  -3.803  4.184   1.00 20.82 ? 14  DA  B "O4'" 1 
ATOM   262 C "C3'" . DA  B 2 4  ? 15.926  -5.878  5.120   1.00 19.25 ? 14  DA  B "C3'" 1 
ATOM   263 O "O3'" . DA  B 2 4  ? 15.991  -5.678  6.536   1.00 23.13 ? 14  DA  B "O3'" 1 
ATOM   264 C "C2'" . DA  B 2 4  ? 14.488  -5.977  4.643   1.00 21.16 ? 14  DA  B "C2'" 1 
ATOM   265 C "C1'" . DA  B 2 4  ? 14.076  -4.522  4.513   1.00 15.56 ? 14  DA  B "C1'" 1 
ATOM   266 N N9    . DA  B 2 4  ? 13.111  -4.265  3.445   1.00 14.98 ? 14  DA  B N9    1 
ATOM   267 C C8    . DA  B 2 4  ? 13.226  -4.631  2.129   1.00 10.62 ? 14  DA  B C8    1 
ATOM   268 N N7    . DA  B 2 4  ? 12.236  -4.220  1.376   1.00 16.96 ? 14  DA  B N7    1 
ATOM   269 C C5    . DA  B 2 4  ? 11.403  -3.553  2.258   1.00 14.26 ? 14  DA  B C5    1 
ATOM   270 C C6    . DA  B 2 4  ? 10.186  -2.880  2.078   1.00 14.49 ? 14  DA  B C6    1 
ATOM   271 N N6    . DA  B 2 4  ? 9.576   -2.769  0.898   1.00 15.17 ? 14  DA  B N6    1 
ATOM   272 N N1    . DA  B 2 4  ? 9.611   -2.313  3.163   1.00 14.79 ? 14  DA  B N1    1 
ATOM   273 C C2    . DA  B 2 4  ? 10.231  -2.421  4.342   1.00 11.46 ? 14  DA  B C2    1 
ATOM   274 N N3    . DA  B 2 4  ? 11.383  -3.029  4.640   1.00 17.35 ? 14  DA  B N3    1 
ATOM   275 C C4    . DA  B 2 4  ? 11.925  -3.581  3.540   1.00 13.52 ? 14  DA  B C4    1 
ATOM   276 P P     . DA  B 2 5  ? 15.624  -6.876  7.540   1.00 26.90 ? 15  DA  B P     1 
ATOM   277 O OP1   . DA  B 2 5  ? 16.532  -6.728  8.708   1.00 18.23 ? 15  DA  B OP1   1 
ATOM   278 O OP2   . DA  B 2 5  ? 15.592  -8.167  6.806   1.00 23.05 ? 15  DA  B OP2   1 
ATOM   279 O "O5'" . DA  B 2 5  ? 14.142  -6.517  7.986   1.00 22.26 ? 15  DA  B "O5'" 1 
ATOM   280 C "C5'" . DA  B 2 5  ? 13.888  -5.346  8.748   1.00 28.03 ? 15  DA  B "C5'" 1 
ATOM   281 C "C4'" . DA  B 2 5  ? 12.431  -5.272  9.135   1.00 27.89 ? 15  DA  B "C4'" 1 
ATOM   282 O "O4'" . DA  B 2 5  ? 11.638  -4.810  8.016   1.00 26.22 ? 15  DA  B "O4'" 1 
ATOM   283 C "C3'" . DA  B 2 5  ? 11.804  -6.590  9.603   1.00 28.52 ? 15  DA  B "C3'" 1 
ATOM   284 O "O3'" . DA  B 2 5  ? 11.005  -6.366  10.774  1.00 29.76 ? 15  DA  B "O3'" 1 
ATOM   285 C "C2'" . DA  B 2 5  ? 10.936  -7.004  8.427   1.00 21.69 ? 15  DA  B "C2'" 1 
ATOM   286 C "C1'" . DA  B 2 5  ? 10.517  -5.663  7.844   1.00 24.23 ? 15  DA  B "C1'" 1 
ATOM   287 N N9    . DA  B 2 5  ? 10.173  -5.680  6.419   1.00 18.67 ? 15  DA  B N9    1 
ATOM   288 C C8    . DA  B 2 5  ? 10.910  -6.193  5.382   1.00 21.64 ? 15  DA  B C8    1 
ATOM   289 N N7    . DA  B 2 5  ? 10.338  -6.061  4.209   1.00 16.26 ? 15  DA  B N7    1 
ATOM   290 C C5    . DA  B 2 5  ? 9.141   -5.415  4.491   1.00 20.63 ? 15  DA  B C5    1 
ATOM   291 C C6    . DA  B 2 5  ? 8.075   -4.988  3.671   1.00 20.40 ? 15  DA  B C6    1 
ATOM   292 N N6    . DA  B 2 5  ? 8.049   -5.148  2.345   1.00 9.16  ? 15  DA  B N6    1 
ATOM   293 N N1    . DA  B 2 5  ? 7.025   -4.382  4.270   1.00 18.35 ? 15  DA  B N1    1 
ATOM   294 C C2    . DA  B 2 5  ? 7.058   -4.217  5.598   1.00 20.76 ? 15  DA  B C2    1 
ATOM   295 N N3    . DA  B 2 5  ? 8.002   -4.571  6.473   1.00 17.61 ? 15  DA  B N3    1 
ATOM   296 C C4    . DA  B 2 5  ? 9.027   -5.173  5.849   1.00 20.69 ? 15  DA  B C4    1 
ATOM   297 P P     . DC  B 2 6  ? 10.344  -7.614  11.551  1.00 26.42 ? 16  DC  B P     1 
ATOM   298 O OP1   . DC  B 2 6  ? 10.410  -7.288  12.998  1.00 25.46 ? 16  DC  B OP1   1 
ATOM   299 O OP2   . DC  B 2 6  ? 10.906  -8.899  11.058  1.00 20.46 ? 16  DC  B OP2   1 
ATOM   300 O "O5'" . DC  B 2 6  ? 8.813   -7.542  11.129  1.00 19.70 ? 16  DC  B "O5'" 1 
ATOM   301 C "C5'" . DC  B 2 6  ? 8.042   -6.384  11.443  1.00 17.42 ? 16  DC  B "C5'" 1 
ATOM   302 C "C4'" . DC  B 2 6  ? 6.643   -6.513  10.891  1.00 13.44 ? 16  DC  B "C4'" 1 
ATOM   303 O "O4'" . DC  B 2 6  ? 6.643   -6.390  9.447   1.00 17.48 ? 16  DC  B "O4'" 1 
ATOM   304 C "C3'" . DC  B 2 6  ? 5.936   -7.831  11.212  1.00 17.17 ? 16  DC  B "C3'" 1 
ATOM   305 O "O3'" . DC  B 2 6  ? 4.585   -7.541  11.538  1.00 22.36 ? 16  DC  B "O3'" 1 
ATOM   306 C "C2'" . DC  B 2 6  ? 5.975   -8.584  9.892   1.00 19.60 ? 16  DC  B "C2'" 1 
ATOM   307 C "C1'" . DC  B 2 6  ? 5.895   -7.453  8.878   1.00 15.86 ? 16  DC  B "C1'" 1 
ATOM   308 N N1    . DC  B 2 6  ? 6.470   -7.755  7.556   1.00 15.03 ? 16  DC  B N1    1 
ATOM   309 C C2    . DC  B 2 6  ? 5.732   -7.443  6.410   1.00 10.60 ? 16  DC  B C2    1 
ATOM   310 O O2    . DC  B 2 6  ? 4.627   -6.920  6.537   1.00 11.97 ? 16  DC  B O2    1 
ATOM   311 N N3    . DC  B 2 6  ? 6.248   -7.722  5.189   1.00 17.23 ? 16  DC  B N3    1 
ATOM   312 C C4    . DC  B 2 6  ? 7.447   -8.293  5.091   1.00 10.92 ? 16  DC  B C4    1 
ATOM   313 N N4    . DC  B 2 6  ? 7.908   -8.569  3.866   1.00 14.96 ? 16  DC  B N4    1 
ATOM   314 C C5    . DC  B 2 6  ? 8.224   -8.614  6.241   1.00 16.32 ? 16  DC  B C5    1 
ATOM   315 C C6    . DC  B 2 6  ? 7.702   -8.332  7.443   1.00 11.18 ? 16  DC  B C6    1 
ATOM   316 P P     . DT  B 2 7  ? 3.812   -8.425  12.622  1.00 23.92 ? 17  DT  B P     1 
ATOM   317 O OP1   . DT  B 2 7  ? 4.077   -7.810  13.942  1.00 29.61 ? 17  DT  B OP1   1 
ATOM   318 O OP2   . DT  B 2 7  ? 4.099   -9.871  12.415  1.00 25.72 ? 17  DT  B OP2   1 
ATOM   319 O "O5'" . DT  B 2 7  ? 2.293   -8.147  12.239  1.00 20.23 ? 17  DT  B "O5'" 1 
ATOM   320 C "C5'" . DT  B 2 7  ? 1.888   -6.840  11.834  1.00 30.63 ? 17  DT  B "C5'" 1 
ATOM   321 C "C4'" . DT  B 2 7  ? 0.914   -6.910  10.680  1.00 31.74 ? 17  DT  B "C4'" 1 
ATOM   322 O "O4'" . DT  B 2 7  ? 1.573   -7.243  9.432   1.00 29.58 ? 17  DT  B "O4'" 1 
ATOM   323 C "C3'" . DT  B 2 7  ? -0.219  -7.922  10.842  1.00 30.87 ? 17  DT  B "C3'" 1 
ATOM   324 O "O3'" . DT  B 2 7  ? -1.437  -7.329  10.392  1.00 32.28 ? 17  DT  B "O3'" 1 
ATOM   325 C "C2'" . DT  B 2 7  ? 0.191   -9.062  9.925   1.00 27.08 ? 17  DT  B "C2'" 1 
ATOM   326 C "C1'" . DT  B 2 7  ? 0.891   -8.321  8.802   1.00 23.56 ? 17  DT  B "C1'" 1 
ATOM   327 N N1    . DT  B 2 7  ? 1.891   -9.107  8.055   1.00 15.82 ? 17  DT  B N1    1 
ATOM   328 C C2    . DT  B 2 7  ? 1.904   -9.021  6.680   1.00 16.65 ? 17  DT  B C2    1 
ATOM   329 O O2    . DT  B 2 7  ? 1.073   -8.400  6.038   1.00 14.49 ? 17  DT  B O2    1 
ATOM   330 N N3    . DT  B 2 7  ? 2.933   -9.701  6.076   1.00 13.17 ? 17  DT  B N3    1 
ATOM   331 C C4    . DT  B 2 7  ? 3.903   -10.460 6.695   1.00 5.92  ? 17  DT  B C4    1 
ATOM   332 O O4    . DT  B 2 7  ? 4.794   -10.972 6.030   1.00 16.21 ? 17  DT  B O4    1 
ATOM   333 C C5    . DT  B 2 7  ? 3.778   -10.570 8.127   1.00 13.61 ? 17  DT  B C5    1 
ATOM   334 C C7    . DT  B 2 7  ? 4.726   -11.452 8.874   1.00 11.41 ? 17  DT  B C7    1 
ATOM   335 C C6    . DT  B 2 7  ? 2.800   -9.884  8.729   1.00 16.07 ? 17  DT  B C6    1 
ATOM   336 P P     . DC  B 2 8  ? -2.795  -8.171  10.446  1.00 31.72 ? 18  DC  B P     1 
ATOM   337 O OP1   . DC  B 2 8  ? -3.909  -7.201  10.304  1.00 30.21 ? 18  DC  B OP1   1 
ATOM   338 O OP2   . DC  B 2 8  ? -2.737  -9.069  11.625  1.00 29.03 ? 18  DC  B OP2   1 
ATOM   339 O "O5'" . DC  B 2 8  ? -2.740  -9.055  9.122   1.00 35.10 ? 18  DC  B "O5'" 1 
ATOM   340 C "C5'" . DC  B 2 8  ? -3.031  -8.478  7.848   1.00 34.86 ? 18  DC  B "C5'" 1 
ATOM   341 C "C4'" . DC  B 2 8  ? -3.418  -9.556  6.861   1.00 33.18 ? 18  DC  B "C4'" 1 
ATOM   342 O "O4'" . DC  B 2 8  ? -2.254  -10.340 6.499   1.00 26.21 ? 18  DC  B "O4'" 1 
ATOM   343 C "C3'" . DC  B 2 8  ? -4.446  -10.550 7.401   1.00 29.02 ? 18  DC  B "C3'" 1 
ATOM   344 O "O3'" . DC  B 2 8  ? -5.336  -10.940 6.352   1.00 33.32 ? 18  DC  B "O3'" 1 
ATOM   345 C "C2'" . DC  B 2 8  ? -3.587  -11.716 7.858   1.00 26.70 ? 18  DC  B "C2'" 1 
ATOM   346 C "C1'" . DC  B 2 8  ? -2.469  -11.704 6.830   1.00 27.55 ? 18  DC  B "C1'" 1 
ATOM   347 N N1    . DC  B 2 8  ? -1.181  -12.263 7.275   1.00 20.86 ? 18  DC  B N1    1 
ATOM   348 C C2    . DC  B 2 8  ? -0.311  -12.760 6.305   1.00 21.59 ? 18  DC  B C2    1 
ATOM   349 O O2    . DC  B 2 8  ? -0.678  -12.761 5.126   1.00 17.70 ? 18  DC  B O2    1 
ATOM   350 N N3    . DC  B 2 8  ? 0.898   -13.235 6.676   1.00 23.34 ? 18  DC  B N3    1 
ATOM   351 C C4    . DC  B 2 8  ? 1.244   -13.240 7.965   1.00 26.66 ? 18  DC  B C4    1 
ATOM   352 N N4    . DC  B 2 8  ? 2.454   -13.701 8.282   1.00 30.81 ? 18  DC  B N4    1 
ATOM   353 C C5    . DC  B 2 8  ? 0.362   -12.768 8.985   1.00 23.70 ? 18  DC  B C5    1 
ATOM   354 C C6    . DC  B 2 8  ? -0.831  -12.289 8.596   1.00 22.47 ? 18  DC  B C6    1 
ATOM   355 P P     . DG  B 2 9  ? -6.822  -10.333 6.312   1.00 35.25 ? 19  DG  B P     1 
ATOM   356 O OP1   . DG  B 2 9  ? -6.686  -8.862  6.475   1.00 33.33 ? 19  DG  B OP1   1 
ATOM   357 O OP2   . DG  B 2 9  ? -7.650  -11.107 7.273   1.00 34.87 ? 19  DG  B OP2   1 
ATOM   358 O "O5'" . DG  B 2 9  ? -7.349  -10.641 4.840   1.00 32.02 ? 19  DG  B "O5'" 1 
ATOM   359 C "C5'" . DG  B 2 9  ? -6.646  -10.194 3.683   1.00 25.88 ? 19  DG  B "C5'" 1 
ATOM   360 C "C4'" . DG  B 2 9  ? -6.058  -11.378 2.958   1.00 24.61 ? 19  DG  B "C4'" 1 
ATOM   361 O "O4'" . DG  B 2 9  ? -4.992  -11.914 3.766   1.00 25.13 ? 19  DG  B "O4'" 1 
ATOM   362 C "C3'" . DG  B 2 9  ? -7.010  -12.549 2.742   1.00 18.47 ? 19  DG  B "C3'" 1 
ATOM   363 O "O3'" . DG  B 2 9  ? -7.653  -12.399 1.481   1.00 29.80 ? 19  DG  B "O3'" 1 
ATOM   364 C "C2'" . DG  B 2 9  ? -6.089  -13.770 2.712   1.00 29.09 ? 19  DG  B "C2'" 1 
ATOM   365 C "C1'" . DG  B 2 9  ? -4.887  -13.296 3.528   1.00 27.89 ? 19  DG  B "C1'" 1 
ATOM   366 N N9    . DG  B 2 9  ? -4.512  -13.963 4.772   1.00 24.45 ? 19  DG  B N9    1 
ATOM   367 C C8    . DG  B 2 9  ? -5.101  -13.889 6.011   1.00 23.14 ? 19  DG  B C8    1 
ATOM   368 N N7    . DG  B 2 9  ? -4.387  -14.460 6.947   1.00 16.72 ? 19  DG  B N7    1 
ATOM   369 C C5    . DG  B 2 9  ? -3.286  -14.968 6.270   1.00 17.23 ? 19  DG  B C5    1 
ATOM   370 C C6    . DG  B 2 9  ? -2.127  -15.633 6.747   1.00 12.19 ? 19  DG  B C6    1 
ATOM   371 O O6    . DG  B 2 9  ? -1.797  -15.874 7.913   1.00 17.85 ? 19  DG  B O6    1 
ATOM   372 N N1    . DG  B 2 9  ? -1.282  -15.999 5.703   1.00 14.85 ? 19  DG  B N1    1 
ATOM   373 C C2    . DG  B 2 9  ? -1.502  -15.727 4.381   1.00 13.00 ? 19  DG  B C2    1 
ATOM   374 N N2    . DG  B 2 9  ? -0.586  -16.169 3.517   1.00 14.08 ? 19  DG  B N2    1 
ATOM   375 N N3    . DG  B 2 9  ? -2.550  -15.070 3.931   1.00 16.22 ? 19  DG  B N3    1 
ATOM   376 C C4    . DG  B 2 9  ? -3.390  -14.722 4.919   1.00 19.78 ? 19  DG  B C4    1 
ATOM   377 P P     . DG  B 2 10 ? -8.860  -13.376 1.076   1.00 21.44 ? 20  DG  B P     1 
ATOM   378 O OP1   . DG  B 2 10 ? -9.912  -12.531 0.459   1.00 29.75 ? 20  DG  B OP1   1 
ATOM   379 O OP2   . DG  B 2 10 ? -9.187  -14.208 2.255   1.00 30.71 ? 20  DG  B OP2   1 
ATOM   380 O "O5'" . DG  B 2 10 ? -8.249  -14.324 -0.047  1.00 20.29 ? 20  DG  B "O5'" 1 
ATOM   381 C "C5'" . DG  B 2 10 ? -7.492  -13.790 -1.125  1.00 11.77 ? 20  DG  B "C5'" 1 
ATOM   382 C "C4'" . DG  B 2 10 ? -6.622  -14.865 -1.732  1.00 5.97  ? 20  DG  B "C4'" 1 
ATOM   383 O "O4'" . DG  B 2 10 ? -5.777  -15.391 -0.684  1.00 9.20  ? 20  DG  B "O4'" 1 
ATOM   384 C "C3'" . DG  B 2 10 ? -7.389  -16.059 -2.298  1.00 1.18  ? 20  DG  B "C3'" 1 
ATOM   385 O "O3'" . DG  B 2 10 ? -6.710  -16.653 -3.393  1.00 6.38  ? 20  DG  B "O3'" 1 
ATOM   386 C "C2'" . DG  B 2 10 ? -7.396  -17.053 -1.149  1.00 12.57 ? 20  DG  B "C2'" 1 
ATOM   387 C "C1'" . DG  B 2 10 ? -6.106  -16.750 -0.395  1.00 5.17  ? 20  DG  B "C1'" 1 
ATOM   388 N N9    . DG  B 2 10 ? -6.264  -16.863 1.052   1.00 7.11  ? 20  DG  B N9    1 
ATOM   389 C C8    . DG  B 2 10 ? -7.419  -16.656 1.772   1.00 11.15 ? 20  DG  B C8    1 
ATOM   390 N N7    . DG  B 2 10 ? -7.266  -16.845 3.054   1.00 11.10 ? 20  DG  B N7    1 
ATOM   391 C C5    . DG  B 2 10 ? -5.929  -17.190 3.192   1.00 9.10  ? 20  DG  B C5    1 
ATOM   392 C C6    . DG  B 2 10 ? -5.176  -17.512 4.353   1.00 11.71 ? 20  DG  B C6    1 
ATOM   393 O O6    . DG  B 2 10 ? -5.555  -17.552 5.538   1.00 9.32  ? 20  DG  B O6    1 
ATOM   394 N N1    . DG  B 2 10 ? -3.854  -17.804 4.033   1.00 11.17 ? 20  DG  B N1    1 
ATOM   395 C C2    . DG  B 2 10 ? -3.326  -17.787 2.763   1.00 9.99  ? 20  DG  B C2    1 
ATOM   396 N N2    . DG  B 2 10 ? -2.035  -18.090 2.651   1.00 10.41 ? 20  DG  B N2    1 
ATOM   397 N N3    . DG  B 2 10 ? -4.016  -17.491 1.682   1.00 10.48 ? 20  DG  B N3    1 
ATOM   398 C C4    . DG  B 2 10 ? -5.298  -17.205 1.965   1.00 3.96  ? 20  DG  B C4    1 
ATOM   399 O "O5'" . DT  C 3 1  ? -2.200  17.906  -13.772 1.00 8.88  ? 21  DT  C "O5'" 1 
ATOM   400 C "C5'" . DT  C 3 1  ? -2.090  18.467  -15.086 1.00 1.18  ? 21  DT  C "C5'" 1 
ATOM   401 C "C4'" . DT  C 3 1  ? -1.306  17.645  -16.086 1.00 11.45 ? 21  DT  C "C4'" 1 
ATOM   402 O "O4'" . DT  C 3 1  ? 0.104   17.693  -15.769 1.00 16.00 ? 21  DT  C "O4'" 1 
ATOM   403 C "C3'" . DT  C 3 1  ? -1.677  16.161  -16.150 1.00 7.02  ? 21  DT  C "C3'" 1 
ATOM   404 O "O3'" . DT  C 3 1  ? -1.579  15.690  -17.495 1.00 8.33  ? 21  DT  C "O3'" 1 
ATOM   405 C "C2'" . DT  C 3 1  ? -0.611  15.503  -15.301 1.00 10.27 ? 21  DT  C "C2'" 1 
ATOM   406 C "C1'" . DT  C 3 1  ? 0.603   16.375  -15.579 1.00 12.58 ? 21  DT  C "C1'" 1 
ATOM   407 N N1    . DT  C 3 1  ? 1.556   16.416  -14.460 1.00 18.51 ? 21  DT  C N1    1 
ATOM   408 C C2    . DT  C 3 1  ? 2.468   15.393  -14.353 1.00 17.78 ? 21  DT  C C2    1 
ATOM   409 O O2    . DT  C 3 1  ? 2.520   14.459  -15.137 1.00 18.49 ? 21  DT  C O2    1 
ATOM   410 N N3    . DT  C 3 1  ? 3.320   15.502  -13.285 1.00 19.39 ? 21  DT  C N3    1 
ATOM   411 C C4    . DT  C 3 1  ? 3.348   16.501  -12.333 1.00 16.04 ? 21  DT  C C4    1 
ATOM   412 O O4    . DT  C 3 1  ? 4.176   16.458  -11.431 1.00 21.59 ? 21  DT  C O4    1 
ATOM   413 C C5    . DT  C 3 1  ? 2.358   17.539  -12.501 1.00 20.90 ? 21  DT  C C5    1 
ATOM   414 C C7    . DT  C 3 1  ? 2.300   18.653  -11.505 1.00 21.52 ? 21  DT  C C7    1 
ATOM   415 C C6    . DT  C 3 1  ? 1.525   17.450  -13.547 1.00 16.98 ? 21  DT  C C6    1 
ATOM   416 P P     . DC  C 3 2  ? -2.865  15.052  -18.212 1.00 11.93 ? 22  DC  C P     1 
ATOM   417 O OP1   . DC  C 3 2  ? -2.489  14.784  -19.625 1.00 16.80 ? 22  DC  C OP1   1 
ATOM   418 O OP2   . DC  C 3 2  ? -4.054  15.896  -17.915 1.00 22.48 ? 22  DC  C OP2   1 
ATOM   419 O "O5'" . DC  C 3 2  ? -3.064  13.650  -17.491 1.00 11.11 ? 22  DC  C "O5'" 1 
ATOM   420 C "C5'" . DC  C 3 2  ? -2.256  12.542  -17.838 1.00 11.71 ? 22  DC  C "C5'" 1 
ATOM   421 C "C4'" . DC  C 3 2  ? -2.258  11.521  -16.723 1.00 9.15  ? 22  DC  C "C4'" 1 
ATOM   422 O "O4'" . DC  C 3 2  ? -1.500  12.001  -15.598 1.00 12.78 ? 22  DC  C "O4'" 1 
ATOM   423 C "C3'" . DC  C 3 2  ? -3.635  11.142  -16.171 1.00 17.19 ? 22  DC  C "C3'" 1 
ATOM   424 O "O3'" . DC  C 3 2  ? -3.651  9.744   -15.918 1.00 25.27 ? 22  DC  C "O3'" 1 
ATOM   425 C "C2'" . DC  C 3 2  ? -3.692  11.858  -14.834 1.00 13.94 ? 22  DC  C "C2'" 1 
ATOM   426 C "C1'" . DC  C 3 2  ? -2.243  11.756  -14.412 1.00 5.72  ? 22  DC  C "C1'" 1 
ATOM   427 N N1    . DC  C 3 2  ? -1.768  12.688  -13.371 1.00 2.06  ? 22  DC  C N1    1 
ATOM   428 C C2    . DC  C 3 2  ? -0.527  12.444  -12.821 1.00 1.18  ? 22  DC  C C2    1 
ATOM   429 O O2    . DC  C 3 2  ? 0.092   11.442  -13.195 1.00 2.15  ? 22  DC  C O2    1 
ATOM   430 N N3    . DC  C 3 2  ? -0.032  13.286  -11.883 1.00 10.11 ? 22  DC  C N3    1 
ATOM   431 C C4    . DC  C 3 2  ? -0.756  14.331  -11.475 1.00 10.61 ? 22  DC  C C4    1 
ATOM   432 N N4    . DC  C 3 2  ? -0.237  15.117  -10.532 1.00 6.33  ? 22  DC  C N4    1 
ATOM   433 C C5    . DC  C 3 2  ? -2.052  14.605  -12.017 1.00 9.69  ? 22  DC  C C5    1 
ATOM   434 C C6    . DC  C 3 2  ? -2.513  13.763  -12.958 1.00 8.39  ? 22  DC  C C6    1 
ATOM   435 P P     . DG  C 3 3  ? -4.627  8.805   -16.760 1.00 24.82 ? 23  DG  C P     1 
ATOM   436 O OP1   . DG  C 3 3  ? -4.167  8.840   -18.170 1.00 24.84 ? 23  DG  C OP1   1 
ATOM   437 O OP2   . DG  C 3 3  ? -6.024  9.187   -16.422 1.00 27.11 ? 23  DG  C OP2   1 
ATOM   438 O "O5'" . DG  C 3 3  ? -4.330  7.346   -16.201 1.00 28.88 ? 23  DG  C "O5'" 1 
ATOM   439 C "C5'" . DG  C 3 3  ? -3.078  6.708   -16.450 1.00 30.38 ? 23  DG  C "C5'" 1 
ATOM   440 C "C4'" . DG  C 3 3  ? -2.626  5.974   -15.212 1.00 31.84 ? 23  DG  C "C4'" 1 
ATOM   441 O "O4'" . DG  C 3 3  ? -2.169  6.920   -14.213 1.00 31.66 ? 23  DG  C "O4'" 1 
ATOM   442 C "C3'" . DG  C 3 3  ? -3.745  5.173   -14.554 1.00 29.78 ? 23  DG  C "C3'" 1 
ATOM   443 O "O3'" . DG  C 3 3  ? -3.222  3.979   -13.996 1.00 36.17 ? 23  DG  C "O3'" 1 
ATOM   444 C "C2'" . DG  C 3 3  ? -4.223  6.085   -13.443 1.00 32.00 ? 23  DG  C "C2'" 1 
ATOM   445 C "C1'" . DG  C 3 3  ? -2.951  6.809   -13.032 1.00 27.04 ? 23  DG  C "C1'" 1 
ATOM   446 N N9    . DG  C 3 3  ? -3.214  8.158   -12.545 1.00 23.59 ? 23  DG  C N9    1 
ATOM   447 C C8    . DG  C 3 3  ? -4.309  8.932   -12.841 1.00 21.91 ? 23  DG  C C8    1 
ATOM   448 N N7    . DG  C 3 3  ? -4.291  10.093  -12.252 1.00 21.42 ? 23  DG  C N7    1 
ATOM   449 C C5    . DG  C 3 3  ? -3.115  10.089  -11.521 1.00 17.55 ? 23  DG  C C5    1 
ATOM   450 C C6    . DG  C 3 3  ? -2.569  11.077  -10.669 1.00 10.69 ? 23  DG  C C6    1 
ATOM   451 O O6    . DG  C 3 3  ? -3.033  12.184  -10.388 1.00 10.82 ? 23  DG  C O6    1 
ATOM   452 N N1    . DG  C 3 3  ? -1.357  10.667  -10.122 1.00 10.24 ? 23  DG  C N1    1 
ATOM   453 C C2    . DG  C 3 3  ? -0.745  9.455   -10.369 1.00 15.19 ? 23  DG  C C2    1 
ATOM   454 N N2    . DG  C 3 3  ? 0.431   9.249   -9.764  1.00 11.11 ? 23  DG  C N2    1 
ATOM   455 N N3    . DG  C 3 3  ? -1.252  8.520   -11.157 1.00 15.43 ? 23  DG  C N3    1 
ATOM   456 C C4    . DG  C 3 3  ? -2.433  8.902   -11.696 1.00 20.87 ? 23  DG  C C4    1 
ATOM   457 P P     . DG  C 3 4  ? -4.146  2.672   -13.899 1.00 29.92 ? 24  DG  C P     1 
ATOM   458 O OP1   . DG  C 3 4  ? -4.348  2.181   -15.282 1.00 25.33 ? 24  DG  C OP1   1 
ATOM   459 O OP2   . DG  C 3 4  ? -5.323  2.987   -13.051 1.00 29.43 ? 24  DG  C OP2   1 
ATOM   460 O "O5'" . DG  C 3 4  ? -3.187  1.662   -13.130 1.00 34.43 ? 24  DG  C "O5'" 1 
ATOM   461 C "C5'" . DG  C 3 4  ? -1.788  1.650   -13.421 1.00 35.82 ? 24  DG  C "C5'" 1 
ATOM   462 C "C4'" . DG  C 3 4  ? -0.987  2.065   -12.206 1.00 33.87 ? 24  DG  C "C4'" 1 
ATOM   463 O "O4'" . DG  C 3 4  ? -1.418  3.380   -11.774 1.00 32.01 ? 24  DG  C "O4'" 1 
ATOM   464 C "C3'" . DG  C 3 4  ? -1.134  1.154   -10.988 1.00 33.76 ? 24  DG  C "C3'" 1 
ATOM   465 O "O3'" . DG  C 3 4  ? 0.121   1.030   -10.308 1.00 32.92 ? 24  DG  C "O3'" 1 
ATOM   466 C "C2'" . DG  C 3 4  ? -2.127  1.891   -10.111 1.00 27.52 ? 24  DG  C "C2'" 1 
ATOM   467 C "C1'" . DG  C 3 4  ? -1.792  3.341   -10.404 1.00 30.92 ? 24  DG  C "C1'" 1 
ATOM   468 N N9    . DG  C 3 4  ? -2.915  4.255   -10.218 1.00 26.14 ? 24  DG  C N9    1 
ATOM   469 C C8    . DG  C 3 4  ? -4.165  4.151   -10.776 1.00 27.85 ? 24  DG  C C8    1 
ATOM   470 N N7    . DG  C 3 4  ? -4.966  5.118   -10.425 1.00 23.55 ? 24  DG  C N7    1 
ATOM   471 C C5    . DG  C 3 4  ? -4.199  5.908   -9.584  1.00 22.51 ? 24  DG  C C5    1 
ATOM   472 C C6    . DG  C 3 4  ? -4.527  7.098   -8.900  1.00 18.47 ? 24  DG  C C6    1 
ATOM   473 O O6    . DG  C 3 4  ? -5.594  7.718   -8.907  1.00 24.81 ? 24  DG  C O6    1 
ATOM   474 N N1    . DG  C 3 4  ? -3.457  7.569   -8.150  1.00 12.48 ? 24  DG  C N1    1 
ATOM   475 C C2    . DG  C 3 4  ? -2.225  6.976   -8.074  1.00 15.89 ? 24  DG  C C2    1 
ATOM   476 N N2    . DG  C 3 4  ? -1.321  7.589   -7.299  1.00 17.04 ? 24  DG  C N2    1 
ATOM   477 N N3    . DG  C 3 4  ? -1.902  5.863   -8.713  1.00 22.26 ? 24  DG  C N3    1 
ATOM   478 C C4    . DG  C 3 4  ? -2.930  5.387   -9.444  1.00 23.55 ? 24  DG  C C4    1 
ATOM   479 P P     . DC  C 3 5  ? 0.421   -0.283  -9.434  1.00 25.00 ? 25  DC  C P     1 
ATOM   480 O OP1   . DC  C 3 5  ? 1.554   -0.997  -10.070 1.00 24.12 ? 25  DC  C OP1   1 
ATOM   481 O OP2   . DC  C 3 5  ? -0.883  -0.969  -9.261  1.00 29.29 ? 25  DC  C OP2   1 
ATOM   482 O "O5'" . DC  C 3 5  ? 0.905   0.268   -8.018  1.00 24.47 ? 25  DC  C "O5'" 1 
ATOM   483 C "C5'" . DC  C 3 5  ? 2.078   1.073   -7.904  1.00 24.19 ? 25  DC  C "C5'" 1 
ATOM   484 C "C4'" . DC  C 3 5  ? 1.972   2.003   -6.717  1.00 23.14 ? 25  DC  C "C4'" 1 
ATOM   485 O "O4'" . DC  C 3 5  ? 0.832   2.885   -6.885  1.00 14.19 ? 25  DC  C "O4'" 1 
ATOM   486 C "C3'" . DC  C 3 5  ? 1.776   1.323   -5.359  1.00 18.78 ? 25  DC  C "C3'" 1 
ATOM   487 O "O3'" . DC  C 3 5  ? 2.481   2.045   -4.343  1.00 15.70 ? 25  DC  C "O3'" 1 
ATOM   488 C "C2'" . DC  C 3 5  ? 0.292   1.479   -5.110  1.00 18.38 ? 25  DC  C "C2'" 1 
ATOM   489 C "C1'" . DC  C 3 5  ? 0.054   2.849   -5.702  1.00 15.96 ? 25  DC  C "C1'" 1 
ATOM   490 N N1    . DC  C 3 5  ? -1.341  3.150   -6.050  1.00 16.80 ? 25  DC  C N1    1 
ATOM   491 C C2    . DC  C 3 5  ? -1.850  4.392   -5.694  1.00 14.41 ? 25  DC  C C2    1 
ATOM   492 O O2    . DC  C 3 5  ? -1.109  5.187   -5.109  1.00 4.77  ? 25  DC  C O2    1 
ATOM   493 N N3    . DC  C 3 5  ? -3.129  4.696   -5.994  1.00 15.19 ? 25  DC  C N3    1 
ATOM   494 C C4    . DC  C 3 5  ? -3.893  3.805   -6.625  1.00 21.42 ? 25  DC  C C4    1 
ATOM   495 N N4    . DC  C 3 5  ? -5.158  4.149   -6.897  1.00 16.90 ? 25  DC  C N4    1 
ATOM   496 C C5    . DC  C 3 5  ? -3.398  2.523   -7.006  1.00 17.70 ? 25  DC  C C5    1 
ATOM   497 C C6    . DC  C 3 5  ? -2.128  2.240   -6.700  1.00 19.13 ? 25  DC  C C6    1 
ATOM   498 P P     . DC  C 3 6  ? 2.902   1.305   -2.981  1.00 11.50 ? 26  DC  C P     1 
ATOM   499 O OP1   . DC  C 3 6  ? 4.338   1.642   -2.794  1.00 19.36 ? 26  DC  C OP1   1 
ATOM   500 O OP2   . DC  C 3 6  ? 2.471   -0.119  -3.007  1.00 6.70  ? 26  DC  C OP2   1 
ATOM   501 O "O5'" . DC  C 3 6  ? 2.050   2.026   -1.851  1.00 7.67  ? 26  DC  C "O5'" 1 
ATOM   502 C "C5'" . DC  C 3 6  ? 2.300   3.380   -1.507  1.00 20.83 ? 26  DC  C "C5'" 1 
ATOM   503 C "C4'" . DC  C 3 6  ? 1.166   3.925   -0.673  1.00 13.06 ? 26  DC  C "C4'" 1 
ATOM   504 O "O4'" . DC  C 3 6  ? -0.037  4.037   -1.468  1.00 4.60  ? 26  DC  C "O4'" 1 
ATOM   505 C "C3'" . DC  C 3 6  ? 0.795   3.078   0.546   1.00 17.21 ? 26  DC  C "C3'" 1 
ATOM   506 O "O3'" . DC  C 3 6  ? 0.631   3.945   1.662   1.00 3.84  ? 26  DC  C "O3'" 1 
ATOM   507 C "C2'" . DC  C 3 6  ? -0.544  2.460   0.165   1.00 12.14 ? 26  DC  C "C2'" 1 
ATOM   508 C "C1'" . DC  C 3 6  ? -1.130  3.547   -0.716  1.00 8.89  ? 26  DC  C "C1'" 1 
ATOM   509 N N1    . DC  C 3 6  ? -2.189  3.142   -1.657  1.00 6.86  ? 26  DC  C N1    1 
ATOM   510 C C2    . DC  C 3 6  ? -3.415  3.819   -1.613  1.00 6.19  ? 26  DC  C C2    1 
ATOM   511 O O2    . DC  C 3 6  ? -3.590  4.695   -0.753  1.00 5.69  ? 26  DC  C O2    1 
ATOM   512 N N3    . DC  C 3 6  ? -4.382  3.496   -2.503  1.00 10.74 ? 26  DC  C N3    1 
ATOM   513 C C4    . DC  C 3 6  ? -4.170  2.537   -3.404  1.00 8.07  ? 26  DC  C C4    1 
ATOM   514 N N4    . DC  C 3 6  ? -5.148  2.273   -4.274  1.00 9.23  ? 26  DC  C N4    1 
ATOM   515 C C5    . DC  C 3 6  ? -2.941  1.808   -3.454  1.00 8.73  ? 26  DC  C C5    1 
ATOM   516 C C6    . DC  C 3 6  ? -1.985  2.143   -2.568  1.00 5.21  ? 26  DC  C C6    1 
ATOM   517 P P     . DT  C 3 7  ? 1.920   4.390   2.506   1.00 9.80  ? 27  DT  C P     1 
ATOM   518 O OP1   . DT  C 3 7  ? 1.462   5.411   3.476   1.00 9.74  ? 27  DT  C OP1   1 
ATOM   519 O OP2   . DT  C 3 7  ? 2.992   4.732   1.543   1.00 9.34  ? 27  DT  C OP2   1 
ATOM   520 O "O5'" . DT  C 3 7  ? 2.375   3.064   3.281   1.00 3.25  ? 27  DT  C "O5'" 1 
ATOM   521 C "C5'" . DT  C 3 7  ? 1.549   2.468   4.280   1.00 18.60 ? 27  DT  C "C5'" 1 
ATOM   522 C "C4'" . DT  C 3 7  ? 2.393   1.680   5.259   1.00 19.98 ? 27  DT  C "C4'" 1 
ATOM   523 O "O4'" . DT  C 3 7  ? 3.068   0.590   4.585   1.00 19.07 ? 27  DT  C "O4'" 1 
ATOM   524 C "C3'" . DT  C 3 7  ? 3.486   2.482   5.966   1.00 19.62 ? 27  DT  C "C3'" 1 
ATOM   525 O "O3'" . DT  C 3 7  ? 3.598   2.065   7.324   1.00 21.73 ? 27  DT  C "O3'" 1 
ATOM   526 C "C2'" . DT  C 3 7  ? 4.750   2.090   5.229   1.00 24.78 ? 27  DT  C "C2'" 1 
ATOM   527 C "C1'" . DT  C 3 7  ? 4.469   0.661   4.815   1.00 20.00 ? 27  DT  C "C1'" 1 
ATOM   528 N N1    . DT  C 3 7  ? 5.157   0.310   3.560   1.00 15.90 ? 27  DT  C N1    1 
ATOM   529 C C2    . DT  C 3 7  ? 6.281   -0.485  3.628   1.00 10.49 ? 27  DT  C C2    1 
ATOM   530 O O2    . DT  C 3 7  ? 6.720   -0.928  4.671   1.00 13.26 ? 27  DT  C O2    1 
ATOM   531 N N3    . DT  C 3 7  ? 6.875   -0.738  2.418   1.00 16.84 ? 27  DT  C N3    1 
ATOM   532 C C4    . DT  C 3 7  ? 6.463   -0.288  1.178   1.00 12.79 ? 27  DT  C C4    1 
ATOM   533 O O4    . DT  C 3 7  ? 7.098   -0.594  0.173   1.00 12.64 ? 27  DT  C O4    1 
ATOM   534 C C5    . DT  C 3 7  ? 5.273   0.534   1.183   1.00 13.77 ? 27  DT  C C5    1 
ATOM   535 C C7    . DT  C 3 7  ? 4.755   1.067   -0.116  1.00 1.18  ? 27  DT  C C7    1 
ATOM   536 C C6    . DT  C 3 7  ? 4.686   0.783   2.357   1.00 9.67  ? 27  DT  C C6    1 
ATOM   537 P P     . DG  C 3 8  ? 3.009   2.998   8.486   1.00 26.59 ? 28  DG  C P     1 
ATOM   538 O OP1   . DG  C 3 8  ? 2.057   2.146   9.249   1.00 27.22 ? 28  DG  C OP1   1 
ATOM   539 O OP2   . DG  C 3 8  ? 2.533   4.264   7.872   1.00 27.97 ? 28  DG  C OP2   1 
ATOM   540 O "O5'" . DG  C 3 8  ? 4.272   3.311   9.403   1.00 18.27 ? 28  DG  C "O5'" 1 
ATOM   541 C "C5'" . DG  C 3 8  ? 4.936   2.259   10.091  1.00 19.84 ? 28  DG  C "C5'" 1 
ATOM   542 C "C4'" . DG  C 3 8  ? 6.433   2.436   10.008  1.00 15.37 ? 28  DG  C "C4'" 1 
ATOM   543 O "O4'" . DG  C 3 8  ? 6.857   2.323   8.628   1.00 18.06 ? 28  DG  C "O4'" 1 
ATOM   544 C "C3'" . DG  C 3 8  ? 6.949   3.791   10.499  1.00 11.00 ? 28  DG  C "C3'" 1 
ATOM   545 O "O3'" . DG  C 3 8  ? 8.199   3.615   11.166  1.00 24.66 ? 28  DG  C "O3'" 1 
ATOM   546 C "C2'" . DG  C 3 8  ? 7.166   4.567   9.212   1.00 15.55 ? 28  DG  C "C2'" 1 
ATOM   547 C "C1'" . DG  C 3 8  ? 7.635   3.464   8.284   1.00 15.85 ? 28  DG  C "C1'" 1 
ATOM   548 N N9    . DG  C 3 8  ? 7.458   3.714   6.860   1.00 7.15  ? 28  DG  C N9    1 
ATOM   549 C C8    . DG  C 3 8  ? 6.530   4.521   6.257   1.00 7.29  ? 28  DG  C C8    1 
ATOM   550 N N7    . DG  C 3 8  ? 6.604   4.505   4.955   1.00 11.06 ? 28  DG  C N7    1 
ATOM   551 C C5    . DG  C 3 8  ? 7.659   3.643   4.685   1.00 7.24  ? 28  DG  C C5    1 
ATOM   552 C C6    . DG  C 3 8  ? 8.224   3.227   3.444   1.00 5.56  ? 28  DG  C C6    1 
ATOM   553 O O6    . DG  C 3 8  ? 7.890   3.538   2.298   1.00 1.18  ? 28  DG  C O6    1 
ATOM   554 N N1    . DG  C 3 8  ? 9.290   2.353   3.637   1.00 11.96 ? 28  DG  C N1    1 
ATOM   555 C C2    . DG  C 3 8  ? 9.754   1.927   4.860   1.00 13.77 ? 28  DG  C C2    1 
ATOM   556 N N2    . DG  C 3 8  ? 10.806  1.094   4.838   1.00 16.87 ? 28  DG  C N2    1 
ATOM   557 N N3    . DG  C 3 8  ? 9.231   2.296   6.015   1.00 6.79  ? 28  DG  C N3    1 
ATOM   558 C C4    . DG  C 3 8  ? 8.198   3.153   5.853   1.00 9.21  ? 28  DG  C C4    1 
ATOM   559 P P     . DA  C 3 9  ? 8.740   4.754   12.159  1.00 18.52 ? 29  DA  C P     1 
ATOM   560 O OP1   . DA  C 3 9  ? 8.118   4.499   13.484  1.00 26.01 ? 29  DA  C OP1   1 
ATOM   561 O OP2   . DA  C 3 9  ? 8.553   6.076   11.504  1.00 31.48 ? 29  DA  C OP2   1 
ATOM   562 O "O5'" . DA  C 3 9  ? 10.306  4.470   12.246  1.00 30.12 ? 29  DA  C "O5'" 1 
ATOM   563 C "C5'" . DA  C 3 9  ? 10.801  3.149   12.463  1.00 28.26 ? 29  DA  C "C5'" 1 
ATOM   564 C "C4'" . DA  C 3 9  ? 12.001  2.890   11.582  1.00 22.82 ? 29  DA  C "C4'" 1 
ATOM   565 O "O4'" . DA  C 3 9  ? 11.616  3.019   10.192  1.00 25.31 ? 29  DA  C "O4'" 1 
ATOM   566 C "C3'" . DA  C 3 9  ? 13.172  3.851   11.782  1.00 28.01 ? 29  DA  C "C3'" 1 
ATOM   567 O "O3'" . DA  C 3 9  ? 14.404  3.138   11.632  1.00 25.74 ? 29  DA  C "O3'" 1 
ATOM   568 C "C2'" . DA  C 3 9  ? 12.992  4.860   10.663  1.00 22.84 ? 29  DA  C "C2'" 1 
ATOM   569 C "C1'" . DA  C 3 9  ? 12.411  4.005   9.551   1.00 19.15 ? 29  DA  C "C1'" 1 
ATOM   570 N N9    . DA  C 3 9  ? 11.551  4.742   8.626   1.00 19.84 ? 29  DA  C N9    1 
ATOM   571 C C8    . DA  C 3 9  ? 10.410  5.449   8.916   1.00 21.72 ? 29  DA  C C8    1 
ATOM   572 N N7    . DA  C 3 9  ? 9.851   6.004   7.867   1.00 21.15 ? 29  DA  C N7    1 
ATOM   573 C C5    . DA  C 3 9  ? 10.681  5.640   6.817   1.00 16.06 ? 29  DA  C C5    1 
ATOM   574 C C6    . DA  C 3 9  ? 10.638  5.913   5.442   1.00 16.54 ? 29  DA  C C6    1 
ATOM   575 N N6    . DA  C 3 9  ? 9.691   6.650   4.861   1.00 14.07 ? 29  DA  C N6    1 
ATOM   576 N N1    . DA  C 3 9  ? 11.615  5.398   4.672   1.00 15.84 ? 29  DA  C N1    1 
ATOM   577 C C2    . DA  C 3 9  ? 12.569  4.669   5.250   1.00 12.72 ? 29  DA  C C2    1 
ATOM   578 N N3    . DA  C 3 9  ? 12.723  4.345   6.528   1.00 17.31 ? 29  DA  C N3    1 
ATOM   579 C C4    . DA  C 3 9  ? 11.733  4.866   7.269   1.00 19.14 ? 29  DA  C C4    1 
ATOM   580 P P     . DG  C 3 10 ? 15.802  3.897   11.870  1.00 30.71 ? 30  DG  C P     1 
ATOM   581 O OP1   . DG  C 3 10 ? 16.752  2.861   12.357  1.00 28.86 ? 30  DG  C OP1   1 
ATOM   582 O OP2   . DG  C 3 10 ? 15.550  5.105   12.696  1.00 36.72 ? 30  DG  C OP2   1 
ATOM   583 O "O5'" . DG  C 3 10 ? 16.243  4.349   10.406  1.00 21.80 ? 30  DG  C "O5'" 1 
ATOM   584 C "C5'" . DG  C 3 10 ? 16.680  3.378   9.456   1.00 19.99 ? 30  DG  C "C5'" 1 
ATOM   585 C "C4'" . DG  C 3 10 ? 17.402  4.032   8.298   1.00 18.34 ? 30  DG  C "C4'" 1 
ATOM   586 O "O4'" . DG  C 3 10 ? 16.465  4.715   7.437   1.00 19.84 ? 30  DG  C "O4'" 1 
ATOM   587 C "C3'" . DG  C 3 10 ? 18.477  5.064   8.650   1.00 10.41 ? 30  DG  C "C3'" 1 
ATOM   588 O "O3'" . DG  C 3 10 ? 19.455  5.046   7.604   1.00 12.40 ? 30  DG  C "O3'" 1 
ATOM   589 C "C2'" . DG  C 3 10 ? 17.742  6.381   8.485   1.00 12.04 ? 30  DG  C "C2'" 1 
ATOM   590 C "C1'" . DG  C 3 10 ? 16.867  6.071   7.286   1.00 14.33 ? 30  DG  C "C1'" 1 
ATOM   591 N N9    . DG  C 3 10 ? 15.659  6.874   7.144   1.00 18.26 ? 30  DG  C N9    1 
ATOM   592 C C8    . DG  C 3 10 ? 14.960  7.542   8.123   1.00 9.15  ? 30  DG  C C8    1 
ATOM   593 N N7    . DG  C 3 10 ? 13.892  8.135   7.669   1.00 10.09 ? 30  DG  C N7    1 
ATOM   594 C C5    . DG  C 3 10 ? 13.898  7.852   6.311   1.00 13.65 ? 30  DG  C C5    1 
ATOM   595 C C6    . DG  C 3 10 ? 12.988  8.210   5.305   1.00 13.74 ? 30  DG  C C6    1 
ATOM   596 O O6    . DG  C 3 10 ? 11.973  8.893   5.404   1.00 24.63 ? 30  DG  C O6    1 
ATOM   597 N N1    . DG  C 3 10 ? 13.351  7.682   4.074   1.00 16.77 ? 30  DG  C N1    1 
ATOM   598 C C2    . DG  C 3 10 ? 14.461  6.909   3.844   1.00 18.12 ? 30  DG  C C2    1 
ATOM   599 N N2    . DG  C 3 10 ? 14.635  6.463   2.595   1.00 23.52 ? 30  DG  C N2    1 
ATOM   600 N N3    . DG  C 3 10 ? 15.330  6.588   4.774   1.00 15.48 ? 30  DG  C N3    1 
ATOM   601 C C4    . DG  C 3 10 ? 14.984  7.082   5.975   1.00 12.00 ? 30  DG  C C4    1 
ATOM   602 O "O5'" . DT  D 4 1  ? -9.141  -8.090  3.223   1.00 16.60 ? 31  DT  D "O5'" 1 
ATOM   603 C "C5'" . DT  D 4 1  ? -9.968  -9.260  3.346   1.00 16.61 ? 31  DT  D "C5'" 1 
ATOM   604 C "C4'" . DT  D 4 1  ? -11.452 -8.976  3.356   1.00 7.13  ? 31  DT  D "C4'" 1 
ATOM   605 O "O4'" . DT  D 4 1  ? -11.807 -8.137  4.482   1.00 2.59  ? 31  DT  D "O4'" 1 
ATOM   606 C "C3'" . DT  D 4 1  ? -11.970 -8.245  2.123   1.00 18.91 ? 31  DT  D "C3'" 1 
ATOM   607 O "O3'" . DT  D 4 1  ? -13.301 -8.684  1.847   1.00 22.05 ? 31  DT  D "O3'" 1 
ATOM   608 C "C2'" . DT  D 4 1  ? -11.978 -6.795  2.564   1.00 13.64 ? 31  DT  D "C2'" 1 
ATOM   609 C "C1'" . DT  D 4 1  ? -12.386 -6.927  4.023   1.00 7.42  ? 31  DT  D "C1'" 1 
ATOM   610 N N1    . DT  D 4 1  ? -11.917 -5.836  4.899   1.00 7.67  ? 31  DT  D N1    1 
ATOM   611 C C2    . DT  D 4 1  ? -12.789 -4.804  5.164   1.00 6.14  ? 31  DT  D C2    1 
ATOM   612 O O2    . DT  D 4 1  ? -13.910 -4.740  4.690   1.00 7.93  ? 31  DT  D O2    1 
ATOM   613 N N3    . DT  D 4 1  ? -12.298 -3.844  5.998   1.00 5.14  ? 31  DT  D N3    1 
ATOM   614 C C4    . DT  D 4 1  ? -11.045 -3.799  6.580   1.00 10.53 ? 31  DT  D C4    1 
ATOM   615 O O4    . DT  D 4 1  ? -10.749 -2.865  7.318   1.00 6.55  ? 31  DT  D O4    1 
ATOM   616 C C5    . DT  D 4 1  ? -10.172 -4.903  6.248   1.00 11.26 ? 31  DT  D C5    1 
ATOM   617 C C7    . DT  D 4 1  ? -8.792  -4.933  6.823   1.00 5.33  ? 31  DT  D C7    1 
ATOM   618 C C6    . DT  D 4 1  ? -10.648 -5.856  5.434   1.00 3.38  ? 31  DT  D C6    1 
ATOM   619 P P     . DA  D 4 2  ? -13.706 -9.076  0.348   1.00 28.80 ? 32  DA  D P     1 
ATOM   620 O OP1   . DA  D 4 2  ? -15.103 -9.590  0.396   1.00 29.73 ? 32  DA  D OP1   1 
ATOM   621 O OP2   . DA  D 4 2  ? -12.627 -9.935  -0.208  1.00 28.94 ? 32  DA  D OP2   1 
ATOM   622 O "O5'" . DA  D 4 2  ? -13.701 -7.679  -0.422  1.00 28.23 ? 32  DA  D "O5'" 1 
ATOM   623 C "C5'" . DA  D 4 2  ? -14.831 -6.813  -0.350  1.00 24.60 ? 32  DA  D "C5'" 1 
ATOM   624 C "C4'" . DA  D 4 2  ? -14.485 -5.429  -0.849  1.00 27.13 ? 32  DA  D "C4'" 1 
ATOM   625 O "O4'" . DA  D 4 2  ? -13.715 -4.679  0.126   1.00 21.09 ? 32  DA  D "O4'" 1 
ATOM   626 C "C3'" . DA  D 4 2  ? -13.705 -5.355  -2.165  1.00 24.02 ? 32  DA  D "C3'" 1 
ATOM   627 O "O3'" . DA  D 4 2  ? -14.245 -4.302  -2.965  1.00 24.92 ? 32  DA  D "O3'" 1 
ATOM   628 C "C2'" . DA  D 4 2  ? -12.315 -4.951  -1.713  1.00 22.84 ? 32  DA  D "C2'" 1 
ATOM   629 C "C1'" . DA  D 4 2  ? -12.663 -4.021  -0.566  1.00 29.96 ? 32  DA  D "C1'" 1 
ATOM   630 N N9    . DA  D 4 2  ? -11.584 -3.742  0.379   1.00 31.58 ? 32  DA  D N9    1 
ATOM   631 C C8    . DA  D 4 2  ? -10.277 -4.158  0.314   1.00 33.82 ? 32  DA  D C8    1 
ATOM   632 N N7    . DA  D 4 2  ? -9.537  -3.737  1.310   1.00 31.30 ? 32  DA  D N7    1 
ATOM   633 C C5    . DA  D 4 2  ? -10.415 -2.991  2.083   1.00 33.03 ? 32  DA  D C5    1 
ATOM   634 C C6    . DA  D 4 2  ? -10.244 -2.277  3.278   1.00 29.84 ? 32  DA  D C6    1 
ATOM   635 N N6    . DA  D 4 2  ? -9.078  -2.191  3.926   1.00 26.08 ? 32  DA  D N6    1 
ATOM   636 N N1    . DA  D 4 2  ? -11.322 -1.645  3.791   1.00 29.78 ? 32  DA  D N1    1 
ATOM   637 C C2    . DA  D 4 2  ? -12.486 -1.730  3.137   1.00 28.15 ? 32  DA  D C2    1 
ATOM   638 N N3    . DA  D 4 2  ? -12.772 -2.368  2.006   1.00 33.09 ? 32  DA  D N3    1 
ATOM   639 C C4    . DA  D 4 2  ? -11.681 -2.987  1.524   1.00 33.68 ? 32  DA  D C4    1 
ATOM   640 P P     . DG  D 4 3  ? -14.324 -4.465  -4.561  1.00 26.04 ? 33  DG  D P     1 
ATOM   641 O OP1   . DG  D 4 3  ? -15.631 -5.098  -4.870  1.00 25.86 ? 33  DG  D OP1   1 
ATOM   642 O OP2   . DG  D 4 3  ? -13.067 -5.084  -5.055  1.00 25.19 ? 33  DG  D OP2   1 
ATOM   643 O "O5'" . DG  D 4 3  ? -14.373 -2.962  -5.080  1.00 18.22 ? 33  DG  D "O5'" 1 
ATOM   644 C "C5'" . DG  D 4 3  ? -15.446 -2.100  -4.712  1.00 21.95 ? 33  DG  D "C5'" 1 
ATOM   645 C "C4'" . DG  D 4 3  ? -14.948 -0.679  -4.576  1.00 25.23 ? 33  DG  D "C4'" 1 
ATOM   646 O "O4'" . DG  D 4 3  ? -14.037 -0.578  -3.456  1.00 28.59 ? 33  DG  D "O4'" 1 
ATOM   647 C "C3'" . DG  D 4 3  ? -14.177 -0.142  -5.782  1.00 24.69 ? 33  DG  D "C3'" 1 
ATOM   648 O "O3'" . DG  D 4 3  ? -14.374 1.267   -5.852  1.00 26.52 ? 33  DG  D "O3'" 1 
ATOM   649 C "C2'" . DG  D 4 3  ? -12.736 -0.377  -5.384  1.00 25.90 ? 33  DG  D "C2'" 1 
ATOM   650 C "C1'" . DG  D 4 3  ? -12.807 -0.039  -3.910  1.00 26.46 ? 33  DG  D "C1'" 1 
ATOM   651 N N9    . DG  D 4 3  ? -11.738 -0.587  -3.086  1.00 24.39 ? 33  DG  D N9    1 
ATOM   652 C C8    . DG  D 4 3  ? -11.017 -1.734  -3.300  1.00 25.06 ? 33  DG  D C8    1 
ATOM   653 N N7    . DG  D 4 3  ? -10.119 -1.951  -2.379  1.00 27.47 ? 33  DG  D N7    1 
ATOM   654 C C5    . DG  D 4 3  ? -10.257 -0.881  -1.508  1.00 23.99 ? 33  DG  D C5    1 
ATOM   655 C C6    . DG  D 4 3  ? -9.555  -0.569  -0.323  1.00 23.52 ? 33  DG  D C6    1 
ATOM   656 O O6    . DG  D 4 3  ? -8.620  -1.188  0.204   1.00 14.02 ? 33  DG  D O6    1 
ATOM   657 N N1    . DG  D 4 3  ? -10.034 0.602   0.260   1.00 23.78 ? 33  DG  D N1    1 
ATOM   658 C C2    . DG  D 4 3  ? -11.052 1.379   -0.246  1.00 20.94 ? 33  DG  D C2    1 
ATOM   659 N N2    . DG  D 4 3  ? -11.387 2.476   0.461   1.00 15.40 ? 33  DG  D N2    1 
ATOM   660 N N3    . DG  D 4 3  ? -11.697 1.105   -1.362  1.00 18.54 ? 33  DG  D N3    1 
ATOM   661 C C4    . DG  D 4 3  ? -11.255 -0.032  -1.932  1.00 22.43 ? 33  DG  D C4    1 
ATOM   662 P P     . DG  D 4 4  ? -15.188 1.902   -7.071  1.00 21.46 ? 34  DG  D P     1 
ATOM   663 O OP1   . DG  D 4 4  ? -16.468 1.159   -7.158  1.00 27.94 ? 34  DG  D OP1   1 
ATOM   664 O OP2   . DG  D 4 4  ? -14.298 1.982   -8.257  1.00 22.82 ? 34  DG  D OP2   1 
ATOM   665 O "O5'" . DG  D 4 4  ? -15.498 3.376   -6.551  1.00 25.21 ? 34  DG  D "O5'" 1 
ATOM   666 C "C5'" . DG  D 4 4  ? -16.265 3.577   -5.365  1.00 24.23 ? 34  DG  D "C5'" 1 
ATOM   667 C "C4'" . DG  D 4 4  ? -15.530 4.490   -4.412  1.00 24.13 ? 34  DG  D "C4'" 1 
ATOM   668 O "O4'" . DG  D 4 4  ? -14.335 3.826   -3.938  1.00 33.42 ? 34  DG  D "O4'" 1 
ATOM   669 C "C3'" . DG  D 4 4  ? -15.066 5.807   -5.030  1.00 28.41 ? 34  DG  D "C3'" 1 
ATOM   670 O "O3'" . DG  D 4 4  ? -15.217 6.887   -4.102  1.00 25.22 ? 34  DG  D "O3'" 1 
ATOM   671 C "C2'" . DG  D 4 4  ? -13.601 5.563   -5.340  1.00 28.18 ? 34  DG  D "C2'" 1 
ATOM   672 C "C1'" . DG  D 4 4  ? -13.179 4.592   -4.255  1.00 26.12 ? 34  DG  D "C1'" 1 
ATOM   673 N N9    . DG  D 4 4  ? -12.138 3.663   -4.685  1.00 26.99 ? 34  DG  D N9    1 
ATOM   674 C C8    . DG  D 4 4  ? -12.062 3.001   -5.890  1.00 25.64 ? 34  DG  D C8    1 
ATOM   675 N N7    . DG  D 4 4  ? -11.014 2.227   -5.984  1.00 21.36 ? 34  DG  D N7    1 
ATOM   676 C C5    . DG  D 4 4  ? -10.358 2.389   -4.769  1.00 22.61 ? 34  DG  D C5    1 
ATOM   677 C C6    . DG  D 4 4  ? -9.155  1.809   -4.290  1.00 22.00 ? 34  DG  D C6    1 
ATOM   678 O O6    . DG  D 4 4  ? -8.403  1.017   -4.858  1.00 16.22 ? 34  DG  D O6    1 
ATOM   679 N N1    . DG  D 4 4  ? -8.848  2.254   -3.012  1.00 25.18 ? 34  DG  D N1    1 
ATOM   680 C C2    . DG  D 4 4  ? -9.591  3.144   -2.285  1.00 23.69 ? 34  DG  D C2    1 
ATOM   681 N N2    . DG  D 4 4  ? -9.117  3.451   -1.072  1.00 19.79 ? 34  DG  D N2    1 
ATOM   682 N N3    . DG  D 4 4  ? -10.715 3.694   -2.717  1.00 24.98 ? 34  DG  D N3    1 
ATOM   683 C C4    . DG  D 4 4  ? -11.036 3.274   -3.959  1.00 24.11 ? 34  DG  D C4    1 
ATOM   684 P P     . DG  D 4 5  ? -15.218 8.399   -4.646  1.00 21.47 ? 35  DG  D P     1 
ATOM   685 O OP1   . DG  D 4 5  ? -16.131 9.191   -3.788  1.00 25.67 ? 35  DG  D OP1   1 
ATOM   686 O OP2   . DG  D 4 5  ? -15.441 8.357   -6.109  1.00 27.18 ? 35  DG  D OP2   1 
ATOM   687 O "O5'" . DG  D 4 5  ? -13.733 8.905   -4.375  1.00 21.13 ? 35  DG  D "O5'" 1 
ATOM   688 C "C5'" . DG  D 4 5  ? -13.320 9.274   -3.063  1.00 18.92 ? 35  DG  D "C5'" 1 
ATOM   689 C "C4'" . DG  D 4 5  ? -11.860 9.668   -3.060  1.00 16.75 ? 35  DG  D "C4'" 1 
ATOM   690 O "O4'" . DG  D 4 5  ? -10.989 8.513   -3.051  1.00 14.74 ? 35  DG  D "O4'" 1 
ATOM   691 C "C3'" . DG  D 4 5  ? -11.414 10.518  -4.251  1.00 21.51 ? 35  DG  D "C3'" 1 
ATOM   692 O "O3'" . DG  D 4 5  ? -10.439 11.456  -3.809  1.00 10.70 ? 35  DG  D "O3'" 1 
ATOM   693 C "C2'" . DG  D 4 5  ? -10.704 9.511   -5.133  1.00 17.37 ? 35  DG  D "C2'" 1 
ATOM   694 C "C1'" . DG  D 4 5  ? -10.020 8.680   -4.073  1.00 15.32 ? 35  DG  D "C1'" 1 
ATOM   695 N N9    . DG  D 4 5  ? -9.567  7.363   -4.505  1.00 14.31 ? 35  DG  D N9    1 
ATOM   696 C C8    . DG  D 4 5  ? -10.148 6.547   -5.443  1.00 15.76 ? 35  DG  D C8    1 
ATOM   697 N N7    . DG  D 4 5  ? -9.492  5.435   -5.632  1.00 12.49 ? 35  DG  D N7    1 
ATOM   698 C C5    . DG  D 4 5  ? -8.415  5.521   -4.762  1.00 15.33 ? 35  DG  D C5    1 
ATOM   699 C C6    . DG  D 4 5  ? -7.359  4.616   -4.520  1.00 8.03  ? 35  DG  D C6    1 
ATOM   700 O O6    . DG  D 4 5  ? -7.158  3.523   -5.038  1.00 11.77 ? 35  DG  D O6    1 
ATOM   701 N N1    . DG  D 4 5  ? -6.479  5.099   -3.559  1.00 9.81  ? 35  DG  D N1    1 
ATOM   702 C C2    . DG  D 4 5  ? -6.599  6.293   -2.907  1.00 8.11  ? 35  DG  D C2    1 
ATOM   703 N N2    . DG  D 4 5  ? -5.642  6.566   -2.005  1.00 9.45  ? 35  DG  D N2    1 
ATOM   704 N N3    . DG  D 4 5  ? -7.584  7.154   -3.120  1.00 8.28  ? 35  DG  D N3    1 
ATOM   705 C C4    . DG  D 4 5  ? -8.451  6.704   -4.054  1.00 14.73 ? 35  DG  D C4    1 
ATOM   706 P P     . DG  D 4 6  ? -10.905 12.838  -3.149  1.00 17.96 ? 36  DG  D P     1 
ATOM   707 O OP1   . DG  D 4 6  ? -11.831 12.532  -2.030  1.00 11.54 ? 36  DG  D OP1   1 
ATOM   708 O OP2   . DG  D 4 6  ? -11.326 13.759  -4.227  1.00 16.14 ? 36  DG  D OP2   1 
ATOM   709 O "O5'" . DG  D 4 6  ? -9.558  13.399  -2.511  1.00 22.81 ? 36  DG  D "O5'" 1 
ATOM   710 C "C5'" . DG  D 4 6  ? -9.146  12.985  -1.210  1.00 22.81 ? 36  DG  D "C5'" 1 
ATOM   711 C "C4'" . DG  D 4 6  ? -7.659  12.714  -1.188  1.00 17.94 ? 36  DG  D "C4'" 1 
ATOM   712 O "O4'" . DG  D 4 6  ? -7.352  11.447  -1.825  1.00 27.04 ? 36  DG  D "O4'" 1 
ATOM   713 C "C3'" . DG  D 4 6  ? -6.807  13.766  -1.895  1.00 19.20 ? 36  DG  D "C3'" 1 
ATOM   714 O "O3'" . DG  D 4 6  ? -5.641  14.022  -1.124  1.00 23.96 ? 36  DG  D "O3'" 1 
ATOM   715 C "C2'" . DG  D 4 6  ? -6.419  13.090  -3.199  1.00 16.66 ? 36  DG  D "C2'" 1 
ATOM   716 C "C1'" . DG  D 4 6  ? -6.327  11.627  -2.797  1.00 19.99 ? 36  DG  D "C1'" 1 
ATOM   717 N N9    . DG  D 4 6  ? -6.592  10.703  -3.897  1.00 19.07 ? 36  DG  D N9    1 
ATOM   718 C C8    . DG  D 4 6  ? -7.636  10.787  -4.785  1.00 19.06 ? 36  DG  D C8    1 
ATOM   719 N N7    . DG  D 4 6  ? -7.652  9.814   -5.652  1.00 16.28 ? 36  DG  D N7    1 
ATOM   720 C C5    . DG  D 4 6  ? -6.546  9.040   -5.324  1.00 11.89 ? 36  DG  D C5    1 
ATOM   721 C C6    . DG  D 4 6  ? -6.061  7.855   -5.917  1.00 5.07  ? 36  DG  D C6    1 
ATOM   722 O O6    . DG  D 4 6  ? -6.524  7.242   -6.873  1.00 1.18  ? 36  DG  D O6    1 
ATOM   723 N N1    . DG  D 4 6  ? -4.916  7.395   -5.282  1.00 6.94  ? 36  DG  D N1    1 
ATOM   724 C C2    . DG  D 4 6  ? -4.312  8.006   -4.215  1.00 6.71  ? 36  DG  D C2    1 
ATOM   725 N N2    . DG  D 4 6  ? -3.216  7.405   -3.739  1.00 11.02 ? 36  DG  D N2    1 
ATOM   726 N N3    . DG  D 4 6  ? -4.752  9.119   -3.654  1.00 4.72  ? 36  DG  D N3    1 
ATOM   727 C C4    . DG  D 4 6  ? -5.872  9.578   -4.252  1.00 11.61 ? 36  DG  D C4    1 
ATOM   728 P P     . DC  D 4 7  ? -4.637  15.183  -1.573  1.00 22.22 ? 37  DC  D P     1 
ATOM   729 O OP1   . DC  D 4 7  ? -4.759  16.310  -0.617  1.00 27.82 ? 37  DC  D OP1   1 
ATOM   730 O OP2   . DC  D 4 7  ? -4.841  15.434  -3.019  1.00 30.48 ? 37  DC  D OP2   1 
ATOM   731 O "O5'" . DC  D 4 7  ? -3.213  14.502  -1.389  1.00 21.43 ? 37  DC  D "O5'" 1 
ATOM   732 C "C5'" . DC  D 4 7  ? -2.996  13.545  -0.357  1.00 26.20 ? 37  DC  D "C5'" 1 
ATOM   733 C "C4'" . DC  D 4 7  ? -1.873  12.607  -0.735  1.00 24.87 ? 37  DC  D "C4'" 1 
ATOM   734 O "O4'" . DC  D 4 7  ? -2.283  11.739  -1.817  1.00 30.38 ? 37  DC  D "O4'" 1 
ATOM   735 C "C3'" . DC  D 4 7  ? -0.597  13.294  -1.210  1.00 26.06 ? 37  DC  D "C3'" 1 
ATOM   736 O "O3'" . DC  D 4 7  ? 0.527   12.583  -0.693  1.00 31.40 ? 37  DC  D "O3'" 1 
ATOM   737 C "C2'" . DC  D 4 7  ? -0.677  13.181  -2.723  1.00 21.42 ? 37  DC  D "C2'" 1 
ATOM   738 C "C1'" . DC  D 4 7  ? -1.360  11.837  -2.891  1.00 22.33 ? 37  DC  D "C1'" 1 
ATOM   739 N N1    . DC  D 4 7  ? -2.110  11.626  -4.142  1.00 17.02 ? 37  DC  D N1    1 
ATOM   740 C C2    . DC  D 4 7  ? -1.820  10.487  -4.909  1.00 16.19 ? 37  DC  D C2    1 
ATOM   741 O O2    . DC  D 4 7  ? -0.925  9.713   -4.523  1.00 13.83 ? 37  DC  D O2    1 
ATOM   742 N N3    . DC  D 4 7  ? -2.527  10.251  -6.036  1.00 9.51  ? 37  DC  D N3    1 
ATOM   743 C C4    . DC  D 4 7  ? -3.502  11.085  -6.397  1.00 8.51  ? 37  DC  D C4    1 
ATOM   744 N N4    . DC  D 4 7  ? -4.208  10.780  -7.488  1.00 9.54  ? 37  DC  D N4    1 
ATOM   745 C C5    . DC  D 4 7  ? -3.806  12.263  -5.649  1.00 7.23  ? 37  DC  D C5    1 
ATOM   746 C C6    . DC  D 4 7  ? -3.085  12.496  -4.542  1.00 12.34 ? 37  DC  D C6    1 
ATOM   747 P P     . DC  D 4 8  ? 1.990   13.223  -0.819  1.00 30.23 ? 38  DC  D P     1 
ATOM   748 O OP1   . DC  D 4 8  ? 2.831   12.574  0.209   1.00 33.30 ? 38  DC  D OP1   1 
ATOM   749 O OP2   . DC  D 4 8  ? 1.820   14.694  -0.810  1.00 36.22 ? 38  DC  D OP2   1 
ATOM   750 O "O5'" . DC  D 4 8  ? 2.479   12.790  -2.272  1.00 28.93 ? 38  DC  D "O5'" 1 
ATOM   751 C "C5'" . DC  D 4 8  ? 2.860   11.443  -2.543  1.00 26.92 ? 38  DC  D "C5'" 1 
ATOM   752 C "C4'" . DC  D 4 8  ? 3.332   11.307  -3.972  1.00 32.35 ? 38  DC  D "C4'" 1 
ATOM   753 O "O4'" . DC  D 4 8  ? 2.212   11.242  -4.893  1.00 30.96 ? 38  DC  D "O4'" 1 
ATOM   754 C "C3'" . DC  D 4 8  ? 4.215   12.459  -4.454  1.00 29.17 ? 38  DC  D "C3'" 1 
ATOM   755 O "O3'" . DC  D 4 8  ? 5.296   11.952  -5.234  1.00 21.01 ? 38  DC  D "O3'" 1 
ATOM   756 C "C2'" . DC  D 4 8  ? 3.284   13.265  -5.340  1.00 28.63 ? 38  DC  D "C2'" 1 
ATOM   757 C "C1'" . DC  D 4 8  ? 2.437   12.165  -5.946  1.00 31.08 ? 38  DC  D "C1'" 1 
ATOM   758 N N1    . DC  D 4 8  ? 1.135   12.587  -6.486  1.00 28.20 ? 38  DC  D N1    1 
ATOM   759 C C2    . DC  D 4 8  ? 0.501   11.762  -7.417  1.00 26.18 ? 38  DC  D C2    1 
ATOM   760 O O2    . DC  D 4 8  ? 1.044   10.694  -7.734  1.00 25.54 ? 38  DC  D O2    1 
ATOM   761 N N3    . DC  D 4 8  ? -0.678  12.147  -7.948  1.00 25.67 ? 38  DC  D N3    1 
ATOM   762 C C4    . DC  D 4 8  ? -1.223  13.307  -7.585  1.00 28.94 ? 38  DC  D C4    1 
ATOM   763 N N4    . DC  D 4 8  ? -2.375  13.658  -8.153  1.00 34.12 ? 38  DC  D N4    1 
ATOM   764 C C5    . DC  D 4 8  ? -0.607  14.164  -6.626  1.00 31.74 ? 38  DC  D C5    1 
ATOM   765 C C6    . DC  D 4 8  ? 0.558   13.766  -6.103  1.00 29.56 ? 38  DC  D C6    1 
ATOM   766 P P     . DG  D 4 9  ? 6.798   12.132  -4.706  1.00 25.22 ? 39  DG  D P     1 
ATOM   767 O OP1   . DG  D 4 9  ? 6.792   11.669  -3.298  1.00 7.23  ? 39  DG  D OP1   1 
ATOM   768 O OP2   . DG  D 4 9  ? 7.245   13.512  -5.023  1.00 14.73 ? 39  DG  D OP2   1 
ATOM   769 O "O5'" . DG  D 4 9  ? 7.630   11.091  -5.578  1.00 17.27 ? 39  DG  D "O5'" 1 
ATOM   770 C "C5'" . DG  D 4 9  ? 7.321   9.699   -5.517  1.00 16.88 ? 39  DG  D "C5'" 1 
ATOM   771 C "C4'" . DG  D 4 9  ? 7.147   9.140   -6.909  1.00 19.15 ? 39  DG  D "C4'" 1 
ATOM   772 O "O4'" . DG  D 4 9  ? 6.069   9.834   -7.581  1.00 16.04 ? 39  DG  D "O4'" 1 
ATOM   773 C "C3'" . DG  D 4 9  ? 8.369   9.299   -7.810  1.00 16.77 ? 39  DG  D "C3'" 1 
ATOM   774 O "O3'" . DG  D 4 9  ? 8.478   8.161   -8.663  1.00 21.99 ? 39  DG  D "O3'" 1 
ATOM   775 C "C2'" . DG  D 4 9  ? 8.053   10.543  -8.622  1.00 21.76 ? 39  DG  D "C2'" 1 
ATOM   776 C "C1'" . DG  D 4 9  ? 6.543   10.454  -8.770  1.00 20.92 ? 39  DG  D "C1'" 1 
ATOM   777 N N9    . DG  D 4 9  ? 5.865   11.739  -8.891  1.00 15.97 ? 39  DG  D N9    1 
ATOM   778 C C8    . DG  D 4 9  ? 6.194   12.912  -8.259  1.00 19.97 ? 39  DG  D C8    1 
ATOM   779 N N7    . DG  D 4 9  ? 5.349   13.876  -8.497  1.00 19.85 ? 39  DG  D N7    1 
ATOM   780 C C5    . DG  D 4 9  ? 4.413   13.311  -9.351  1.00 15.33 ? 39  DG  D C5    1 
ATOM   781 C C6    . DG  D 4 9  ? 3.240   13.866  -9.924  1.00 13.75 ? 39  DG  D C6    1 
ATOM   782 O O6    . DG  D 4 9  ? 2.767   14.991  -9.759  1.00 13.45 ? 39  DG  D O6    1 
ATOM   783 N N1    . DG  D 4 9  ? 2.588   12.950  -10.746 1.00 14.18 ? 39  DG  D N1    1 
ATOM   784 C C2    . DG  D 4 9  ? 2.997   11.658  -10.967 1.00 9.46  ? 39  DG  D C2    1 
ATOM   785 N N2    . DG  D 4 9  ? 2.227   10.919  -11.782 1.00 14.02 ? 39  DG  D N2    1 
ATOM   786 N N3    . DG  D 4 9  ? 4.082   11.124  -10.424 1.00 14.25 ? 39  DG  D N3    1 
ATOM   787 C C4    . DG  D 4 9  ? 4.735   12.001  -9.630  1.00 16.29 ? 39  DG  D C4    1 
ATOM   788 P P     . DA  D 4 10 ? 9.871   7.845   -9.396  1.00 33.23 ? 40  DA  D P     1 
ATOM   789 O OP1   . DA  D 4 10 ? 10.177  6.413   -9.140  1.00 29.88 ? 40  DA  D OP1   1 
ATOM   790 O OP2   . DA  D 4 10 ? 10.864  8.891   -9.019  1.00 29.71 ? 40  DA  D OP2   1 
ATOM   791 O "O5'" . DA  D 4 10 ? 9.535   8.007   -10.945 1.00 25.58 ? 40  DA  D "O5'" 1 
ATOM   792 C "C5'" . DA  D 4 10 ? 8.687   7.071   -11.604 1.00 24.40 ? 40  DA  D "C5'" 1 
ATOM   793 C "C4'" . DA  D 4 10 ? 8.424   7.516   -13.022 1.00 25.61 ? 40  DA  D "C4'" 1 
ATOM   794 O "O4'" . DA  D 4 10 ? 7.703   8.771   -12.986 1.00 23.22 ? 40  DA  D "O4'" 1 
ATOM   795 C "C3'" . DA  D 4 10 ? 9.684   7.792   -13.842 1.00 21.66 ? 40  DA  D "C3'" 1 
ATOM   796 O "O3'" . DA  D 4 10 ? 9.386   7.685   -15.231 1.00 20.56 ? 40  DA  D "O3'" 1 
ATOM   797 C "C2'" . DA  D 4 10 ? 9.907   9.275   -13.617 1.00 22.78 ? 40  DA  D "C2'" 1 
ATOM   798 C "C1'" . DA  D 4 10 ? 8.480   9.781   -13.613 1.00 18.64 ? 40  DA  D "C1'" 1 
ATOM   799 N N9    . DA  D 4 10 ? 8.260   11.030  -12.892 1.00 19.16 ? 40  DA  D N9    1 
ATOM   800 C C8    . DA  D 4 10 ? 9.067   11.686  -11.994 1.00 23.82 ? 40  DA  D C8    1 
ATOM   801 N N7    . DA  D 4 10 ? 8.563   12.822  -11.566 1.00 23.85 ? 40  DA  D N7    1 
ATOM   802 C C5    . DA  D 4 10 ? 7.343   12.913  -12.225 1.00 20.78 ? 40  DA  D C5    1 
ATOM   803 C C6    . DA  D 4 10 ? 6.330   13.895  -12.229 1.00 18.05 ? 40  DA  D C6    1 
ATOM   804 N N6    . DA  D 4 10 ? 6.383   15.028  -11.527 1.00 18.63 ? 40  DA  D N6    1 
ATOM   805 N N1    . DA  D 4 10 ? 5.245   13.667  -12.997 1.00 15.74 ? 40  DA  D N1    1 
ATOM   806 C C2    . DA  D 4 10 ? 5.189   12.540  -13.714 1.00 10.30 ? 40  DA  D C2    1 
ATOM   807 N N3    . DA  D 4 10 ? 6.076   11.552  -13.802 1.00 6.40  ? 40  DA  D N3    1 
ATOM   808 C C4    . DA  D 4 10 ? 7.140   11.807  -13.027 1.00 15.87 ? 40  DA  D C4    1 
HETATM 809 O O     . HOH E 5 .  ? -0.222  -6.558  3.581   1.00 12.95 ? 41  HOH A O     1 
HETATM 810 O O     . HOH E 5 .  ? -15.373 0.384   -0.760  1.00 9.70  ? 46  HOH A O     1 
HETATM 811 O O     . HOH E 5 .  ? -13.239 6.114   2.082   1.00 14.44 ? 48  HOH A O     1 
HETATM 812 O O     . HOH E 5 .  ? -21.062 9.926   6.323   1.00 12.73 ? 50  HOH A O     1 
HETATM 813 O O     . HOH E 5 .  ? -5.489  -15.387 10.413  1.00 9.55  ? 52  HOH A O     1 
HETATM 814 O O     . HOH E 5 .  ? -3.140  -8.724  0.128   1.00 1.18  ? 53  HOH A O     1 
HETATM 815 O O     . HOH E 5 .  ? -8.516  6.070   1.605   1.00 14.57 ? 54  HOH A O     1 
HETATM 816 O O     . HOH E 5 .  ? 11.251  -14.314 1.009   1.00 2.88  ? 55  HOH A O     1 
HETATM 817 O O     . HOH E 5 .  ? -5.903  6.985   1.592   1.00 13.98 ? 56  HOH A O     1 
HETATM 818 O O     . HOH E 5 .  ? 8.335   -25.698 3.207   1.00 12.49 ? 60  HOH A O     1 
HETATM 819 O O     . HOH E 5 .  ? -0.834  -2.886  5.876   1.00 9.69  ? 61  HOH A O     1 
HETATM 820 O O     . HOH E 5 .  ? 3.424   -26.826 1.091   1.00 16.28 ? 62  HOH A O     1 
HETATM 821 O O     . HOH E 5 .  ? -5.495  -17.658 9.618   1.00 20.46 ? 63  HOH A O     1 
HETATM 822 O O     . HOH E 5 .  ? -17.119 0.426   2.289   1.00 19.46 ? 65  HOH A O     1 
HETATM 823 O O     . HOH E 5 .  ? -8.298  8.540   1.390   1.00 5.99  ? 66  HOH A O     1 
HETATM 824 O O     . HOH E 5 .  ? -23.474 11.347  7.298   1.00 2.60  ? 70  HOH A O     1 
HETATM 825 O O     . HOH E 5 .  ? -6.066  9.350   2.011   1.00 18.42 ? 77  HOH A O     1 
HETATM 826 O O     . HOH E 5 .  ? 8.127   -7.644  -0.474  1.00 9.94  ? 80  HOH A O     1 
HETATM 827 O O     . HOH E 5 .  ? -21.096 6.434   7.887   1.00 2.84  ? 87  HOH A O     1 
HETATM 828 O O     . HOH E 5 .  ? 7.580   -3.282  -4.757  1.00 23.76 ? 88  HOH A O     1 
HETATM 829 O O     . HOH E 5 .  ? 9.653   -20.446 0.386   1.00 8.02  ? 94  HOH A O     1 
HETATM 830 O O     . HOH E 5 .  ? -3.548  -3.005  6.727   1.00 9.48  ? 96  HOH A O     1 
HETATM 831 O O     . HOH E 5 .  ? 2.792   -16.080 -5.005  1.00 37.78 ? 98  HOH A O     1 
HETATM 832 O O     . HOH E 5 .  ? -4.800  -4.940  1.971   1.00 9.05  ? 103 HOH A O     1 
HETATM 833 O O     . HOH E 5 .  ? -4.710  -8.012  -3.487  1.00 18.12 ? 104 HOH A O     1 
HETATM 834 O O     . HOH E 5 .  ? -2.630  8.958   4.120   1.00 9.22  ? 115 HOH A O     1 
HETATM 835 O O     . HOH E 5 .  ? -5.738  -3.885  7.666   1.00 12.30 ? 116 HOH A O     1 
HETATM 836 O O     . HOH E 5 .  ? -13.426 8.471   3.176   1.00 10.90 ? 117 HOH A O     1 
HETATM 837 O O     . HOH E 5 .  ? -20.845 10.003  9.110   1.00 17.40 ? 118 HOH A O     1 
HETATM 838 O O     . HOH E 5 .  ? -23.347 8.788   7.043   1.00 23.38 ? 133 HOH A O     1 
HETATM 839 O O     . HOH E 5 .  ? -18.787 -2.462  1.782   1.00 20.11 ? 136 HOH A O     1 
HETATM 840 O O     . HOH E 5 .  ? -4.631  -0.748  8.180   1.00 15.61 ? 138 HOH A O     1 
HETATM 841 O O     . HOH E 5 .  ? -11.602 6.739   0.342   1.00 20.05 ? 139 HOH A O     1 
HETATM 842 O O     . HOH E 5 .  ? 0.688   -0.732  -1.267  1.00 25.16 ? 140 HOH A O     1 
HETATM 843 O O     . HOH E 5 .  ? -16.954 -1.911  -0.027  1.00 22.43 ? 146 HOH A O     1 
HETATM 844 O O     . HOH E 5 .  ? -20.036 -0.359  -0.420  1.00 15.32 ? 149 HOH A O     1 
HETATM 845 O O     . HOH F 5 .  ? 19.364  0.919   -7.797  1.00 1.48  ? 47  HOH B O     1 
HETATM 846 O O     . HOH F 5 .  ? -2.680  -15.833 10.436  1.00 12.71 ? 58  HOH B O     1 
HETATM 847 O O     . HOH F 5 .  ? 12.795  -0.428  -4.780  1.00 9.02  ? 64  HOH B O     1 
HETATM 848 O O     . HOH F 5 .  ? 12.091  -10.858 6.664   1.00 18.32 ? 69  HOH B O     1 
HETATM 849 O O     . HOH F 5 .  ? 14.818  -2.754  6.695   1.00 32.04 ? 75  HOH B O     1 
HETATM 850 O O     . HOH F 5 .  ? 19.048  -8.260  6.267   1.00 12.40 ? 76  HOH B O     1 
HETATM 851 O O     . HOH F 5 .  ? 12.979  -7.991  14.191  1.00 10.36 ? 78  HOH B O     1 
HETATM 852 O O     . HOH F 5 .  ? 11.123  -4.163  11.653  1.00 26.98 ? 79  HOH B O     1 
HETATM 853 O O     . HOH F 5 .  ? -4.988  -6.580  13.018  1.00 14.68 ? 81  HOH B O     1 
HETATM 854 O O     . HOH F 5 .  ? 6.429   -3.615  9.723   1.00 12.72 ? 84  HOH B O     1 
HETATM 855 O O     . HOH F 5 .  ? 13.855  -9.320  5.724   1.00 14.40 ? 85  HOH B O     1 
HETATM 856 O O     . HOH F 5 .  ? 6.982   8.677   -2.764  1.00 11.67 ? 86  HOH B O     1 
HETATM 857 O O     . HOH F 5 .  ? 9.585   -1.032  -5.989  1.00 7.98  ? 89  HOH B O     1 
HETATM 858 O O     . HOH F 5 .  ? -5.710  -18.260 -6.206  1.00 21.75 ? 91  HOH B O     1 
HETATM 859 O O     . HOH F 5 .  ? 8.144   -8.925  13.157  1.00 16.27 ? 100 HOH B O     1 
HETATM 860 O O     . HOH F 5 .  ? 9.943   -9.380  16.665  1.00 20.32 ? 105 HOH B O     1 
HETATM 861 O O     . HOH F 5 .  ? 10.836  -7.277  1.452   1.00 9.93  ? 110 HOH B O     1 
HETATM 862 O O     . HOH F 5 .  ? 3.742   -9.735  15.696  1.00 9.28  ? 112 HOH B O     1 
HETATM 863 O O     . HOH F 5 .  ? -8.006  -17.031 -6.091  1.00 15.33 ? 114 HOH B O     1 
HETATM 864 O O     . HOH F 5 .  ? 18.967  -2.527  1.203   1.00 17.86 ? 120 HOH B O     1 
HETATM 865 O O     . HOH F 5 .  ? 6.026   -7.129  15.380  1.00 24.56 ? 122 HOH B O     1 
HETATM 866 O O     . HOH F 5 .  ? -2.118  -7.081  14.732  1.00 28.44 ? 123 HOH B O     1 
HETATM 867 O O     . HOH F 5 .  ? 10.761  -10.026 13.638  1.00 20.80 ? 127 HOH B O     1 
HETATM 868 O O     . HOH F 5 .  ? 10.482  -10.943 2.992   1.00 16.42 ? 129 HOH B O     1 
HETATM 869 O O     . HOH F 5 .  ? -7.611  -5.822  9.935   1.00 16.05 ? 142 HOH B O     1 
HETATM 870 O O     . HOH F 5 .  ? 18.427  -3.428  8.074   1.00 29.33 ? 143 HOH B O     1 
HETATM 871 O O     . HOH F 5 .  ? -2.837  -17.226 -0.478  1.00 19.31 ? 144 HOH B O     1 
HETATM 872 O O     . HOH F 5 .  ? 3.115   -5.697  8.164   1.00 18.60 ? 152 HOH B O     1 
HETATM 873 O O     . HOH G 5 .  ? 1.055   7.641   -12.933 1.00 1.18  ? 43  HOH C O     1 
HETATM 874 O O     . HOH G 5 .  ? 1.195   -3.325  -10.536 1.00 3.73  ? 44  HOH C O     1 
HETATM 875 O O     . HOH G 5 .  ? -7.878  6.054   -9.423  1.00 12.31 ? 49  HOH C O     1 
HETATM 876 O O     . HOH G 5 .  ? 5.819   17.660  -8.257  1.00 11.56 ? 51  HOH C O     1 
HETATM 877 O O     . HOH G 5 .  ? 14.942  1.244   5.430   1.00 27.80 ? 57  HOH C O     1 
HETATM 878 O O     . HOH G 5 .  ? 8.914   5.684   16.876  1.00 13.31 ? 59  HOH C O     1 
HETATM 879 O O     . HOH G 5 .  ? -7.061  2.051   -9.639  1.00 8.67  ? 71  HOH C O     1 
HETATM 880 O O     . HOH G 5 .  ? 3.679   7.557   0.624   1.00 13.23 ? 73  HOH C O     1 
HETATM 881 O O     . HOH G 5 .  ? 4.934   0.006   -12.143 1.00 20.75 ? 83  HOH C O     1 
HETATM 882 O O     . HOH G 5 .  ? 0.084   12.178  -19.252 1.00 14.22 ? 90  HOH C O     1 
HETATM 883 O O     . HOH G 5 .  ? 12.817  0.859   7.556   1.00 16.80 ? 107 HOH C O     1 
HETATM 884 O O     . HOH G 5 .  ? 1.726   4.639   -14.110 1.00 10.40 ? 119 HOH C O     1 
HETATM 885 O O     . HOH G 5 .  ? 3.492   2.704   -10.629 1.00 5.80  ? 121 HOH C O     1 
HETATM 886 O O     . HOH G 5 .  ? 6.533   -1.978  -6.800  1.00 21.80 ? 131 HOH C O     1 
HETATM 887 O O     . HOH G 5 .  ? 11.716  -0.856  6.286   1.00 29.16 ? 132 HOH C O     1 
HETATM 888 O O     . HOH G 5 .  ? -4.689  1.133   -17.377 1.00 33.50 ? 134 HOH C O     1 
HETATM 889 O O     . HOH G 5 .  ? 0.002   3.587   -16.121 1.00 30.83 ? 141 HOH C O     1 
HETATM 890 O O     . HOH G 5 .  ? -6.841  15.000  -22.381 1.00 24.69 ? 145 HOH C O     1 
HETATM 891 O O     . HOH G 5 .  ? 18.222  0.773   11.047  1.00 12.65 ? 147 HOH C O     1 
HETATM 892 O O     . HOH G 5 .  ? 14.091  7.384   12.388  1.00 22.61 ? 148 HOH C O     1 
HETATM 893 O O     . HOH G 5 .  ? 3.991   -0.725  8.094   1.00 15.59 ? 151 HOH C O     1 
HETATM 894 O O     . HOH G 5 .  ? 5.428   2.597   13.600  1.00 19.94 ? 153 HOH C O     1 
HETATM 895 O O     . HOH G 5 .  ? 11.874  6.278   15.726  1.00 20.93 ? 154 HOH C O     1 
HETATM 896 O O     . HOH H 5 .  ? -15.996 -7.117  3.318   1.00 2.72  ? 42  HOH D O     1 
HETATM 897 O O     . HOH H 5 .  ? -13.654 12.978  -6.208  1.00 4.45  ? 45  HOH D O     1 
HETATM 898 O O     . HOH H 5 .  ? -5.204  -5.469  -8.079  1.00 27.79 ? 67  HOH D O     1 
HETATM 899 O O     . HOH H 5 .  ? 4.507   8.576   -11.652 1.00 21.92 ? 68  HOH D O     1 
HETATM 900 O O     . HOH H 5 .  ? -7.993  -5.352  -6.374  1.00 28.19 ? 72  HOH D O     1 
HETATM 901 O O     . HOH H 5 .  ? -4.080  10.343  -0.657  1.00 8.74  ? 74  HOH D O     1 
HETATM 902 O O     . HOH H 5 .  ? -9.777  0.872   -9.767  1.00 14.05 ? 82  HOH D O     1 
HETATM 903 O O     . HOH H 5 .  ? -16.983 12.536  -0.836  1.00 8.48  ? 92  HOH D O     1 
HETATM 904 O O     . HOH H 5 .  ? -13.831 -1.572  -8.300  1.00 6.68  ? 93  HOH D O     1 
HETATM 905 O O     . HOH H 5 .  ? 5.242   6.701   -6.755  1.00 18.01 ? 95  HOH D O     1 
HETATM 906 O O     . HOH H 5 .  ? 4.543   11.119  0.792   1.00 6.44  ? 97  HOH D O     1 
HETATM 907 O O     . HOH H 5 .  ? -9.252  13.497  -6.814  1.00 26.63 ? 99  HOH D O     1 
HETATM 908 O O     . HOH H 5 .  ? 4.517   6.220   -3.856  1.00 10.52 ? 101 HOH D O     1 
HETATM 909 O O     . HOH H 5 .  ? -12.902 13.746  0.314   1.00 13.91 ? 102 HOH D O     1 
HETATM 910 O O     . HOH H 5 .  ? 5.942   14.697  7.082   1.00 15.20 ? 106 HOH D O     1 
HETATM 911 O O     . HOH H 5 .  ? 6.253   12.085  6.540   1.00 5.64  ? 108 HOH D O     1 
HETATM 912 O O     . HOH H 5 .  ? -11.543 -2.805  -6.077  1.00 19.14 ? 109 HOH D O     1 
HETATM 913 O O     . HOH H 5 .  ? -16.138 -4.676  1.245   1.00 4.56  ? 111 HOH D O     1 
HETATM 914 O O     . HOH H 5 .  ? -15.046 -4.158  -7.977  1.00 11.72 ? 113 HOH D O     1 
HETATM 915 O O     . HOH H 5 .  ? -19.401 -8.809  2.884   1.00 13.73 ? 124 HOH D O     1 
HETATM 916 O O     . HOH H 5 .  ? -14.435 -2.210  -11.150 1.00 22.22 ? 125 HOH D O     1 
HETATM 917 O O     . HOH H 5 .  ? -9.538  11.736  -8.879  1.00 16.58 ? 126 HOH D O     1 
HETATM 918 O O     . HOH H 5 .  ? 5.195   10.577  4.002   1.00 14.85 ? 128 HOH D O     1 
HETATM 919 O O     . HOH H 5 .  ? -8.773  -3.618  -3.604  1.00 16.82 ? 130 HOH D O     1 
HETATM 920 O O     . HOH H 5 .  ? -11.680 15.514  -5.811  1.00 31.58 ? 135 HOH D O     1 
HETATM 921 O O     . HOH H 5 .  ? -8.269  -1.409  8.505   1.00 27.63 ? 137 HOH D O     1 
HETATM 922 O O     . HOH H 5 .  ? -17.714 -3.701  -7.199  1.00 15.37 ? 150 HOH D O     1 
# 
